data_3RUC
#
_entry.id   3RUC
#
_cell.length_a   78.282
_cell.length_b   78.282
_cell.length_c   231.797
_cell.angle_alpha   90.00
_cell.angle_beta   90.00
_cell.angle_gamma   120.00
#
_symmetry.space_group_name_H-M   'P 32'
#
loop_
_entity.id
_entity.type
_entity.pdbx_description
1 polymer WbgU
2 non-polymer NICOTINAMIDE-ADENINE-DINUCLEOTIDE
3 non-polymer URIDINE-DIPHOSPHATE-N-ACETYLGALACTOSAMINE
4 non-polymer 'SULFATE ION'
5 water water
#
_entity_poly.entity_id   1
_entity_poly.type   'polypeptide(L)'
_entity_poly.pdbx_seq_one_letter_code
;HHHHHHMDIYMSRYEEITQQLIFSPKTWLITGVAGFIGSNLLEKLLKLNQVVIGLDNFSTGHQYNLDEVKTLVSTEQWSR
FCFIEGDIRDLTTCEQVMKGVDHVLHQAALGSVPRSIVDPITTNATNITGFLNILHAAKNAQVQSFTYAASSSTYGDHPA
LPKVEENIGNPLSPYAVTKYVNEIYAQVYARTYGFKTIGLRYFNVFGRRQDPNGAYAAVIPKWTAAMLKGDDVYINGDGE
TSRDFCYIDNVIQMNILSALAKDSAKDNIYNVAVGDRTTLNELSGYIYDELNLIHHIDKLSIKYREFRSGDVRASQADVT
KAIDLLKYRPNIKIREGLRLSMPWYVRFLKG
;
_entity_poly.pdbx_strand_id   A,B,C,D
#
loop_
_chem_comp.id
_chem_comp.type
_chem_comp.name
_chem_comp.formula
NAD non-polymer NICOTINAMIDE-ADENINE-DINUCLEOTIDE 'C21 H27 N7 O14 P2'
SO4 non-polymer 'SULFATE ION' 'O4 S -2'
UD2 non-polymer URIDINE-DIPHOSPHATE-N-ACETYLGALACTOSAMINE 'C17 H27 N3 O17 P2'
#
# COMPACT_ATOMS: atom_id res chain seq x y z
N TYR A 10 -3.80 8.25 4.63
CA TYR A 10 -2.80 9.25 4.18
C TYR A 10 -3.28 10.61 4.60
N MET A 11 -2.37 11.41 5.17
CA MET A 11 -2.74 12.78 5.61
C MET A 11 -1.97 13.73 4.69
N SER A 12 -2.48 13.76 3.45
CA SER A 12 -1.79 14.28 2.27
C SER A 12 -1.40 15.74 2.38
N ARG A 13 -2.32 16.56 2.81
CA ARG A 13 -2.00 17.97 2.97
C ARG A 13 -0.96 18.13 4.12
N TYR A 14 -1.11 17.33 5.16
CA TYR A 14 -0.25 17.40 6.39
C TYR A 14 1.18 17.00 6.02
N GLU A 15 1.28 15.92 5.25
CA GLU A 15 2.51 15.48 4.57
C GLU A 15 3.16 16.58 3.79
N GLU A 16 2.39 17.27 2.97
CA GLU A 16 2.99 18.30 2.12
C GLU A 16 3.43 19.47 2.97
N ILE A 17 2.58 19.87 3.90
CA ILE A 17 2.93 20.96 4.85
C ILE A 17 4.23 20.60 5.58
N THR A 18 4.41 19.30 5.90
CA THR A 18 5.56 18.90 6.69
C THR A 18 6.81 18.87 5.80
N GLN A 19 6.65 18.52 4.52
CA GLN A 19 7.77 18.61 3.62
C GLN A 19 8.22 20.05 3.44
N GLN A 20 7.28 21.00 3.36
CA GLN A 20 7.62 22.43 3.35
C GLN A 20 8.51 22.83 4.53
N LEU A 21 8.09 22.49 5.76
CA LEU A 21 8.85 22.79 6.98
C LEU A 21 10.29 22.28 7.08
N ILE A 22 10.47 21.01 6.70
CA ILE A 22 11.77 20.41 6.64
C ILE A 22 12.71 21.09 5.64
N PHE A 23 12.25 21.40 4.43
CA PHE A 23 13.12 22.13 3.49
C PHE A 23 13.39 23.58 3.94
N SER A 24 12.43 24.19 4.62
CA SER A 24 12.57 25.62 5.03
C SER A 24 12.21 25.75 6.53
N PRO A 25 13.14 25.36 7.43
CA PRO A 25 12.75 25.36 8.84
C PRO A 25 12.43 26.75 9.34
N LYS A 26 11.51 26.78 10.33
CA LYS A 26 11.01 27.99 10.94
C LYS A 26 11.28 27.94 12.45
N THR A 27 11.10 29.10 13.07
CA THR A 27 11.14 29.18 14.52
C THR A 27 9.76 29.22 15.13
N TRP A 28 9.51 28.30 16.06
CA TRP A 28 8.21 28.13 16.71
C TRP A 28 8.34 28.46 18.19
N LEU A 29 7.29 29.01 18.81
CA LEU A 29 7.23 29.08 20.25
C LEU A 29 6.11 28.13 20.63
N ILE A 30 6.38 27.26 21.60
CA ILE A 30 5.36 26.46 22.22
C ILE A 30 5.26 26.89 23.69
N THR A 31 4.16 27.51 24.07
CA THR A 31 3.90 27.66 25.49
C THR A 31 3.24 26.41 26.00
N GLY A 32 3.59 26.03 27.22
CA GLY A 32 2.95 24.90 27.85
C GLY A 32 3.70 23.66 27.41
N VAL A 33 4.95 23.87 27.00
CA VAL A 33 5.77 22.82 26.34
C VAL A 33 6.16 21.59 27.20
N ALA A 34 6.20 21.72 28.53
CA ALA A 34 6.47 20.58 29.44
C ALA A 34 5.18 19.76 29.74
N GLY A 35 4.05 20.20 29.18
CA GLY A 35 2.73 19.60 29.44
C GLY A 35 2.43 18.52 28.39
N PHE A 36 1.26 17.88 28.50
CA PHE A 36 0.82 16.78 27.64
C PHE A 36 0.84 17.18 26.13
N ILE A 37 0.06 18.18 25.74
CA ILE A 37 -0.01 18.56 24.34
C ILE A 37 1.26 19.32 23.89
N GLY A 38 1.77 20.22 24.72
CA GLY A 38 2.98 21.00 24.40
C GLY A 38 4.16 20.08 24.19
N SER A 39 4.39 19.07 25.05
CA SER A 39 5.51 18.14 24.78
C SER A 39 5.31 17.21 23.61
N ASN A 40 4.05 16.95 23.24
CA ASN A 40 3.81 16.20 22.01
C ASN A 40 4.06 17.01 20.72
N LEU A 41 3.74 18.31 20.74
CA LEU A 41 4.07 19.24 19.67
C LEU A 41 5.60 19.42 19.58
N LEU A 42 6.27 19.54 20.73
CA LEU A 42 7.73 19.58 20.77
C LEU A 42 8.36 18.38 20.05
N GLU A 43 7.85 17.19 20.35
CA GLU A 43 8.41 15.96 19.76
C GLU A 43 8.37 16.01 18.20
N LYS A 44 7.17 16.25 17.64
CA LYS A 44 7.00 16.31 16.20
C LYS A 44 7.86 17.42 15.55
N LEU A 45 7.75 18.66 16.02
CA LEU A 45 8.49 19.79 15.46
C LEU A 45 10.01 19.63 15.42
N LEU A 46 10.58 19.06 16.47
CA LEU A 46 12.01 18.83 16.44
C LEU A 46 12.29 17.68 15.46
N LYS A 47 11.32 16.78 15.29
CA LYS A 47 11.54 15.68 14.36
C LYS A 47 11.59 16.15 12.89
N LEU A 48 11.01 17.34 12.68
CA LEU A 48 10.96 18.06 11.42
C LEU A 48 12.10 19.04 11.37
N ASN A 49 12.98 19.01 12.37
CA ASN A 49 14.20 19.84 12.34
C ASN A 49 13.87 21.31 12.51
N GLN A 50 12.77 21.62 13.19
CA GLN A 50 12.45 23.04 13.45
C GLN A 50 13.30 23.61 14.61
N VAL A 51 13.45 24.91 14.65
CA VAL A 51 13.96 25.59 15.82
C VAL A 51 12.76 25.91 16.72
N VAL A 52 12.83 25.50 17.97
CA VAL A 52 11.72 25.63 18.93
C VAL A 52 12.18 26.34 20.22
N ILE A 53 11.44 27.40 20.59
CA ILE A 53 11.57 28.05 21.87
C ILE A 53 10.43 27.53 22.70
N GLY A 54 10.73 27.14 23.92
CA GLY A 54 9.75 26.55 24.82
C GLY A 54 9.56 27.42 26.03
N LEU A 55 8.32 27.54 26.49
CA LEU A 55 8.08 28.21 27.77
C LEU A 55 7.14 27.41 28.70
N ASP A 56 7.53 27.30 29.97
CA ASP A 56 6.69 26.58 30.88
C ASP A 56 7.06 26.96 32.27
N ASN A 57 6.08 26.90 33.17
CA ASN A 57 6.38 27.16 34.61
C ASN A 57 6.28 25.92 35.47
N PHE A 58 6.19 24.72 34.88
CA PHE A 58 6.17 23.48 35.68
C PHE A 58 5.08 23.49 36.77
N SER A 59 3.97 24.20 36.53
CA SER A 59 2.76 24.16 37.40
C SER A 59 2.09 22.77 37.25
N THR A 60 1.45 22.49 36.09
CA THR A 60 0.96 21.12 35.75
C THR A 60 1.94 20.31 34.90
N GLY A 61 2.89 21.02 34.28
CA GLY A 61 3.96 20.39 33.51
C GLY A 61 5.11 19.78 34.28
N HIS A 62 5.91 19.02 33.55
CA HIS A 62 6.94 18.23 34.17
C HIS A 62 8.19 18.30 33.33
N GLN A 63 9.28 18.53 34.04
CA GLN A 63 10.60 18.36 33.45
C GLN A 63 10.81 16.96 32.86
N TYR A 64 10.24 15.93 33.50
CA TYR A 64 10.38 14.56 32.94
C TYR A 64 9.76 14.38 31.52
N ASN A 65 8.86 15.28 31.13
CA ASN A 65 8.28 15.26 29.78
C ASN A 65 9.26 15.80 28.77
N LEU A 66 10.04 16.80 29.21
CA LEU A 66 11.14 17.28 28.40
C LEU A 66 12.27 16.25 28.33
N ASP A 67 12.43 15.45 29.38
CA ASP A 67 13.44 14.43 29.40
C ASP A 67 13.12 13.34 28.41
N GLU A 68 11.87 12.93 28.35
CA GLU A 68 11.43 11.90 27.39
C GLU A 68 11.59 12.35 25.93
N VAL A 69 11.24 13.59 25.64
CA VAL A 69 11.35 14.06 24.28
C VAL A 69 12.79 14.01 23.83
N LYS A 70 13.70 14.32 24.76
CA LYS A 70 15.12 14.35 24.42
C LYS A 70 15.62 12.95 24.07
N THR A 71 15.00 11.89 24.60
CA THR A 71 15.39 10.52 24.20
C THR A 71 14.80 10.14 22.88
N LEU A 72 13.86 10.94 22.38
CA LEU A 72 13.05 10.51 21.22
C LEU A 72 13.52 11.15 19.91
N VAL A 73 14.38 12.17 20.03
CA VAL A 73 14.87 12.97 18.90
C VAL A 73 16.43 12.89 18.81
N SER A 74 17.04 13.25 17.68
CA SER A 74 18.52 13.21 17.58
C SER A 74 19.14 14.29 18.47
N THR A 75 20.44 14.22 18.72
CA THR A 75 21.10 15.26 19.51
C THR A 75 21.06 16.58 18.70
N GLU A 76 21.15 16.44 17.37
CA GLU A 76 21.22 17.56 16.43
C GLU A 76 19.90 18.31 16.47
N GLN A 77 18.81 17.55 16.43
CA GLN A 77 17.46 18.04 16.63
C GLN A 77 17.23 18.72 17.97
N TRP A 78 17.67 18.06 19.05
CA TRP A 78 17.60 18.63 20.44
C TRP A 78 18.34 19.97 20.60
N SER A 79 19.46 20.13 19.90
CA SER A 79 20.23 21.38 19.92
C SER A 79 19.45 22.61 19.47
N ARG A 80 18.37 22.41 18.75
CA ARG A 80 17.57 23.51 18.23
C ARG A 80 16.39 23.89 19.14
N PHE A 81 16.33 23.27 20.32
CA PHE A 81 15.35 23.60 21.40
C PHE A 81 15.96 24.51 22.47
N CYS A 82 15.40 25.70 22.67
CA CYS A 82 15.73 26.56 23.81
C CYS A 82 14.61 26.49 24.87
N PHE A 83 14.84 25.86 26.00
CA PHE A 83 13.85 25.84 27.07
C PHE A 83 14.00 27.05 28.00
N ILE A 84 12.92 27.76 28.23
CA ILE A 84 12.93 28.86 29.21
C ILE A 84 11.84 28.54 30.25
N GLU A 85 12.23 28.40 31.51
CA GLU A 85 11.23 28.31 32.57
C GLU A 85 10.68 29.71 32.88
N GLY A 86 9.37 29.90 32.78
CA GLY A 86 8.82 31.17 33.16
C GLY A 86 7.33 31.10 32.92
N ASP A 87 6.70 32.25 33.03
CA ASP A 87 5.29 32.31 33.33
C ASP A 87 4.65 33.32 32.41
N ILE A 88 3.61 32.86 31.73
CA ILE A 88 2.82 33.67 30.79
C ILE A 88 2.08 34.82 31.42
N ARG A 89 1.89 34.75 32.76
CA ARG A 89 1.34 35.86 33.53
C ARG A 89 2.31 37.06 33.59
N ASP A 90 3.59 36.82 33.33
CA ASP A 90 4.56 37.92 33.18
C ASP A 90 4.84 38.34 31.72
N LEU A 91 4.43 39.57 31.36
CA LEU A 91 4.44 40.06 30.03
C LEU A 91 5.82 40.16 29.54
N THR A 92 6.72 40.61 30.39
CA THR A 92 8.10 40.76 30.01
C THR A 92 8.60 39.39 29.55
N THR A 93 8.28 38.33 30.31
CA THR A 93 8.67 37.00 29.86
C THR A 93 8.05 36.68 28.47
N CYS A 94 6.77 37.00 28.25
CA CYS A 94 6.12 36.67 26.95
C CYS A 94 6.77 37.41 25.77
N GLU A 95 7.12 38.68 26.00
CA GLU A 95 7.85 39.47 25.02
C GLU A 95 9.23 38.89 24.72
N GLN A 96 9.92 38.40 25.73
CA GLN A 96 11.28 37.89 25.56
C GLN A 96 11.33 36.64 24.64
N VAL A 97 10.40 35.75 24.87
CA VAL A 97 10.42 34.42 24.19
C VAL A 97 9.80 34.56 22.81
N MET A 98 9.14 35.71 22.59
CA MET A 98 8.59 36.05 21.29
C MET A 98 9.71 36.34 20.27
N LYS A 99 10.89 36.76 20.72
CA LYS A 99 12.03 37.16 19.80
C LYS A 99 12.37 36.21 18.62
N GLY A 100 12.29 36.74 17.39
CA GLY A 100 12.50 35.91 16.16
C GLY A 100 11.55 34.74 15.91
N VAL A 101 10.39 34.75 16.57
CA VAL A 101 9.38 33.74 16.40
C VAL A 101 8.53 33.85 15.12
N ASP A 102 8.38 32.73 14.42
CA ASP A 102 7.53 32.69 13.21
C ASP A 102 6.14 32.19 13.58
N HIS A 103 6.08 31.06 14.27
CA HIS A 103 4.81 30.42 14.47
C HIS A 103 4.60 30.22 15.96
N VAL A 104 3.40 30.58 16.45
CA VAL A 104 3.07 30.52 17.87
C VAL A 104 2.02 29.43 18.12
N LEU A 105 2.39 28.50 19.01
CA LEU A 105 1.53 27.44 19.40
C LEU A 105 1.24 27.65 20.91
N HIS A 106 0.07 28.24 21.25
CA HIS A 106 -0.22 28.61 22.66
C HIS A 106 -1.02 27.57 23.39
N GLN A 107 -0.33 26.69 24.10
CA GLN A 107 -0.97 25.63 24.88
C GLN A 107 -0.98 25.90 26.39
N ALA A 108 -0.19 26.86 26.86
CA ALA A 108 -0.15 27.12 28.33
C ALA A 108 -1.47 27.62 28.97
N ALA A 109 -1.92 26.89 29.96
CA ALA A 109 -3.18 27.16 30.66
C ALA A 109 -3.31 26.17 31.80
N LEU A 110 -4.25 26.47 32.71
CA LEU A 110 -4.68 25.51 33.72
C LEU A 110 -5.98 24.89 33.23
N GLY A 111 -5.94 23.60 32.91
CA GLY A 111 -7.19 22.99 32.56
C GLY A 111 -7.94 22.61 33.83
N SER A 112 -8.87 21.68 33.61
CA SER A 112 -9.78 21.11 34.59
C SER A 112 -10.90 22.07 34.92
N VAL A 113 -12.12 21.63 34.60
CA VAL A 113 -13.37 22.28 35.00
C VAL A 113 -13.50 22.38 36.54
N PRO A 114 -13.26 21.27 37.26
CA PRO A 114 -13.33 21.34 38.73
C PRO A 114 -12.29 22.27 39.32
N ARG A 115 -11.05 22.29 38.83
CA ARG A 115 -10.06 23.22 39.34
C ARG A 115 -10.59 24.68 39.23
N SER A 116 -11.28 25.00 38.15
CA SER A 116 -11.79 26.41 37.93
C SER A 116 -12.95 26.80 38.83
N ILE A 117 -13.64 25.80 39.34
CA ILE A 117 -14.74 26.08 40.26
C ILE A 117 -14.21 26.34 41.70
N VAL A 118 -13.16 25.61 42.07
CA VAL A 118 -12.54 25.75 43.41
C VAL A 118 -11.59 26.98 43.46
N ASP A 119 -10.94 27.32 42.32
CA ASP A 119 -10.05 28.49 42.27
C ASP A 119 -10.24 29.25 40.95
N PRO A 120 -11.38 29.94 40.81
CA PRO A 120 -11.55 30.79 39.62
C PRO A 120 -10.54 31.94 39.49
N ILE A 121 -9.89 32.36 40.54
CA ILE A 121 -8.96 33.48 40.49
C ILE A 121 -7.71 33.13 39.72
N THR A 122 -7.12 31.97 39.99
CA THR A 122 -5.83 31.67 39.43
C THR A 122 -5.98 31.29 37.99
N THR A 123 -7.07 30.57 37.71
CA THR A 123 -7.38 30.09 36.38
C THR A 123 -7.55 31.28 35.49
N ASN A 124 -8.25 32.27 36.01
CA ASN A 124 -8.45 33.52 35.25
C ASN A 124 -7.11 34.09 34.94
N ALA A 125 -6.21 34.20 35.93
CA ALA A 125 -4.89 34.80 35.64
C ALA A 125 -4.09 34.12 34.55
N THR A 126 -4.08 32.79 34.56
CA THR A 126 -3.27 32.01 33.69
C THR A 126 -3.95 31.97 32.32
N ASN A 127 -5.27 31.74 32.36
CA ASN A 127 -6.02 31.45 31.20
C ASN A 127 -6.57 32.71 30.52
N ILE A 128 -6.78 33.82 31.24
CA ILE A 128 -7.17 35.09 30.57
C ILE A 128 -5.99 36.08 30.46
N THR A 129 -5.44 36.50 31.58
CA THR A 129 -4.22 37.33 31.58
C THR A 129 -3.07 36.75 30.77
N GLY A 130 -2.69 35.48 31.03
CA GLY A 130 -1.55 34.90 30.34
C GLY A 130 -1.90 34.78 28.86
N PHE A 131 -3.11 34.37 28.53
CA PHE A 131 -3.47 34.30 27.18
C PHE A 131 -3.36 35.65 26.44
N LEU A 132 -3.95 36.69 27.02
CA LEU A 132 -3.89 38.01 26.41
C LEU A 132 -2.39 38.43 26.32
N ASN A 133 -1.60 38.04 27.33
CA ASN A 133 -0.20 38.50 27.34
C ASN A 133 0.55 37.94 26.13
N ILE A 134 0.29 36.65 25.84
CA ILE A 134 0.97 35.93 24.79
C ILE A 134 0.50 36.44 23.42
N LEU A 135 -0.81 36.61 23.31
CA LEU A 135 -1.42 37.09 22.08
C LEU A 135 -0.90 38.51 21.78
N HIS A 136 -0.89 39.39 22.79
CA HIS A 136 -0.39 40.75 22.54
C HIS A 136 1.10 40.79 22.12
N ALA A 137 1.94 40.01 22.84
CA ALA A 137 3.39 39.97 22.49
C ALA A 137 3.59 39.50 21.05
N ALA A 138 2.78 38.55 20.63
CA ALA A 138 2.91 37.95 19.28
C ALA A 138 2.49 38.99 18.25
N LYS A 139 1.35 39.65 18.47
CA LYS A 139 0.95 40.80 17.62
C LYS A 139 2.09 41.79 17.54
N ASN A 140 2.66 42.14 18.68
CA ASN A 140 3.71 43.15 18.66
C ASN A 140 4.98 42.74 17.92
N ALA A 141 5.33 41.47 18.03
CA ALA A 141 6.50 40.90 17.34
C ALA A 141 6.24 40.52 15.87
N GLN A 142 5.00 40.67 15.38
CA GLN A 142 4.64 40.46 13.97
C GLN A 142 5.03 39.05 13.59
N VAL A 143 4.64 38.09 14.44
CA VAL A 143 4.86 36.68 14.08
C VAL A 143 4.00 36.29 12.86
N GLN A 144 4.31 35.13 12.25
CA GLN A 144 3.68 34.75 10.97
C GLN A 144 2.33 34.04 11.22
N SER A 145 2.24 33.35 12.36
CA SER A 145 1.02 32.65 12.74
C SER A 145 0.85 32.54 14.25
N PHE A 146 -0.41 32.30 14.69
CA PHE A 146 -0.72 32.22 16.10
C PHE A 146 -1.93 31.29 16.20
N THR A 147 -1.65 30.10 16.71
CA THR A 147 -2.63 29.09 16.97
C THR A 147 -2.64 28.80 18.54
N TYR A 148 -3.84 28.76 19.11
CA TYR A 148 -4.11 28.63 20.53
C TYR A 148 -5.16 27.57 20.78
N ALA A 149 -5.00 26.99 21.96
CA ALA A 149 -5.81 25.94 22.48
C ALA A 149 -7.10 26.50 23.04
N ALA A 150 -8.21 26.14 22.41
CA ALA A 150 -9.46 26.60 22.96
C ALA A 150 -10.05 25.28 23.42
N SER A 151 -11.34 25.27 23.71
CA SER A 151 -11.93 24.11 24.37
C SER A 151 -13.34 23.80 23.87
N SER A 152 -13.65 22.51 23.70
CA SER A 152 -15.07 22.09 23.55
C SER A 152 -16.01 22.42 24.70
N SER A 153 -15.46 22.79 25.86
CA SER A 153 -16.32 23.19 26.97
C SER A 153 -17.13 24.45 26.64
N THR A 154 -16.71 25.15 25.57
CA THR A 154 -17.38 26.39 25.16
C THR A 154 -18.80 26.18 24.57
N TYR A 155 -19.11 24.95 24.16
CA TYR A 155 -20.45 24.65 23.66
C TYR A 155 -21.46 24.73 24.77
N GLY A 156 -21.01 24.51 26.01
CA GLY A 156 -21.75 24.87 27.21
C GLY A 156 -23.00 24.07 27.40
N ASP A 157 -24.12 24.77 27.47
CA ASP A 157 -25.40 24.09 27.62
C ASP A 157 -26.08 23.86 26.28
N HIS A 158 -25.38 24.07 25.16
CA HIS A 158 -26.07 23.99 23.85
C HIS A 158 -26.54 22.53 23.61
N PRO A 159 -27.82 22.34 23.25
CA PRO A 159 -28.21 20.91 23.22
C PRO A 159 -27.85 20.14 21.95
N ALA A 160 -27.61 20.85 20.84
CA ALA A 160 -27.59 20.24 19.51
C ALA A 160 -26.41 19.31 19.35
N LEU A 161 -26.65 18.14 18.78
CA LEU A 161 -25.59 17.16 18.50
C LEU A 161 -25.62 16.87 17.02
N PRO A 162 -24.45 16.87 16.32
CA PRO A 162 -23.10 17.21 16.77
C PRO A 162 -22.81 18.71 16.84
N LYS A 163 -21.66 19.07 17.45
CA LYS A 163 -21.32 20.46 17.72
C LYS A 163 -20.65 21.05 16.52
N VAL A 164 -21.19 22.19 16.11
CA VAL A 164 -20.71 22.92 14.97
C VAL A 164 -20.37 24.27 15.52
N GLU A 165 -19.32 24.88 14.95
CA GLU A 165 -18.58 25.97 15.57
C GLU A 165 -19.48 27.20 15.82
N GLU A 166 -20.43 27.49 14.94
CA GLU A 166 -21.30 28.66 15.10
C GLU A 166 -22.30 28.52 16.26
N ASN A 167 -22.60 27.30 16.69
CA ASN A 167 -23.67 27.17 17.70
C ASN A 167 -23.14 26.82 19.10
N ILE A 168 -23.10 27.80 20.00
CA ILE A 168 -22.69 27.54 21.38
C ILE A 168 -23.78 27.99 22.32
N GLY A 169 -23.63 27.69 23.60
CA GLY A 169 -24.60 28.16 24.54
C GLY A 169 -23.90 28.82 25.71
N ASN A 170 -24.49 28.68 26.89
CA ASN A 170 -23.99 29.29 28.08
C ASN A 170 -22.87 28.43 28.64
N PRO A 171 -21.73 29.07 28.95
CA PRO A 171 -20.62 28.38 29.62
C PRO A 171 -21.10 27.85 30.98
N LEU A 172 -20.69 26.63 31.36
CA LEU A 172 -21.14 26.05 32.66
C LEU A 172 -20.13 26.17 33.77
N SER A 173 -18.93 26.63 33.47
CA SER A 173 -17.86 26.69 34.47
C SER A 173 -17.01 27.92 34.19
N PRO A 174 -16.30 28.44 35.21
CA PRO A 174 -15.28 29.50 34.97
C PRO A 174 -14.24 29.11 33.93
N TYR A 175 -13.86 27.82 33.90
CA TYR A 175 -12.92 27.36 32.95
C TYR A 175 -13.42 27.61 31.53
N ALA A 176 -14.67 27.21 31.25
CA ALA A 176 -15.29 27.46 29.93
C ALA A 176 -15.36 28.97 29.66
N VAL A 177 -15.61 29.78 30.67
CA VAL A 177 -15.62 31.24 30.44
C VAL A 177 -14.20 31.58 29.92
N THR A 178 -13.13 31.04 30.55
CA THR A 178 -11.78 31.54 30.17
C THR A 178 -11.44 31.23 28.69
N LYS A 179 -11.74 30.00 28.26
CA LYS A 179 -11.42 29.56 26.90
C LYS A 179 -12.21 30.27 25.82
N TYR A 180 -13.48 30.58 26.13
CA TYR A 180 -14.40 31.37 25.33
C TYR A 180 -13.84 32.80 25.22
N VAL A 181 -13.43 33.42 26.32
CA VAL A 181 -12.79 34.77 26.27
C VAL A 181 -11.49 34.77 25.41
N ASN A 182 -10.83 33.63 25.28
CA ASN A 182 -9.64 33.52 24.49
C ASN A 182 -10.02 33.67 23.02
N GLU A 183 -11.17 33.10 22.67
CA GLU A 183 -11.74 33.23 21.32
C GLU A 183 -12.17 34.67 21.06
N ILE A 184 -12.80 35.31 22.04
CA ILE A 184 -13.30 36.70 21.79
C ILE A 184 -12.18 37.72 21.63
N TYR A 185 -11.19 37.67 22.55
CA TYR A 185 -10.00 38.43 22.38
C TYR A 185 -9.37 38.18 20.97
N ALA A 186 -9.10 36.91 20.58
CA ALA A 186 -8.59 36.57 19.29
C ALA A 186 -9.30 37.21 18.09
N GLN A 187 -10.65 37.14 18.04
CA GLN A 187 -11.41 37.76 16.97
C GLN A 187 -11.33 39.29 17.02
N VAL A 188 -11.27 39.86 18.22
CA VAL A 188 -11.12 41.34 18.37
C VAL A 188 -9.70 41.79 17.89
N TYR A 189 -8.72 40.89 17.97
CA TYR A 189 -7.35 41.18 17.47
C TYR A 189 -7.28 41.21 15.92
N ALA A 190 -8.02 40.31 15.29
CA ALA A 190 -8.08 40.35 13.83
C ALA A 190 -8.80 41.65 13.39
N ARG A 191 -9.94 41.92 14.01
CA ARG A 191 -10.72 43.13 13.74
C ARG A 191 -9.94 44.45 13.91
N THR A 192 -9.19 44.52 14.98
CA THR A 192 -8.66 45.78 15.48
C THR A 192 -7.21 45.93 14.94
N TYR A 193 -6.43 44.85 14.97
CA TYR A 193 -5.04 44.89 14.52
C TYR A 193 -4.79 44.13 13.18
N GLY A 194 -5.81 43.51 12.58
CA GLY A 194 -5.57 42.70 11.39
C GLY A 194 -4.69 41.49 11.77
N PHE A 195 -4.57 41.17 13.04
CA PHE A 195 -3.77 40.00 13.43
C PHE A 195 -4.63 38.71 13.48
N LYS A 196 -4.48 37.86 12.47
CA LYS A 196 -5.34 36.68 12.27
C LYS A 196 -4.82 35.41 12.89
N THR A 197 -5.64 34.86 13.80
CA THR A 197 -5.38 33.72 14.64
C THR A 197 -6.20 32.49 14.22
N ILE A 198 -5.71 31.32 14.60
CA ILE A 198 -6.55 30.13 14.64
C ILE A 198 -6.80 29.60 16.11
N GLY A 199 -8.09 29.47 16.47
CA GLY A 199 -8.51 28.87 17.75
C GLY A 199 -8.92 27.42 17.53
N LEU A 200 -8.30 26.54 18.28
CA LEU A 200 -8.63 25.12 18.15
C LEU A 200 -9.48 24.60 19.35
N ARG A 201 -10.80 24.34 19.17
CA ARG A 201 -11.59 23.72 20.30
C ARG A 201 -11.30 22.21 20.41
N TYR A 202 -10.37 21.85 21.26
CA TYR A 202 -10.11 20.44 21.47
C TYR A 202 -11.30 19.80 22.15
N PHE A 203 -11.57 18.55 21.78
CA PHE A 203 -12.50 17.68 22.50
C PHE A 203 -11.76 16.55 23.21
N ASN A 204 -11.44 16.66 24.50
CA ASN A 204 -10.93 15.43 25.23
C ASN A 204 -9.82 14.59 24.57
N VAL A 205 -8.63 15.16 24.59
CA VAL A 205 -7.48 14.69 23.90
C VAL A 205 -6.89 13.70 24.86
N PHE A 206 -6.22 12.69 24.32
CA PHE A 206 -5.61 11.66 25.14
C PHE A 206 -4.44 11.11 24.38
N GLY A 207 -3.54 10.48 25.12
CA GLY A 207 -2.26 10.04 24.56
C GLY A 207 -1.11 9.94 25.58
N ARG A 208 0.05 9.56 25.05
CA ARG A 208 1.35 9.58 25.74
C ARG A 208 1.51 10.87 26.53
N ARG A 209 1.81 10.75 27.81
CA ARG A 209 2.22 11.94 28.61
C ARG A 209 1.08 12.78 29.05
N GLN A 210 -0.15 12.27 28.97
CA GLN A 210 -1.24 12.90 29.67
C GLN A 210 -1.11 12.41 31.12
N ASP A 211 -1.16 13.35 32.05
CA ASP A 211 -0.82 13.02 33.43
C ASP A 211 -1.89 12.18 34.12
N PRO A 212 -1.50 11.01 34.65
CA PRO A 212 -2.43 10.19 35.37
C PRO A 212 -2.53 10.53 36.86
N ASN A 213 -1.56 11.26 37.41
CA ASN A 213 -1.46 11.52 38.84
C ASN A 213 -2.15 12.90 39.08
N GLY A 214 -2.48 13.27 40.30
CA GLY A 214 -3.11 14.60 40.48
C GLY A 214 -4.60 14.42 40.82
N ALA A 215 -5.16 15.34 41.57
CA ALA A 215 -6.57 15.22 41.88
C ALA A 215 -7.39 15.62 40.66
N TYR A 216 -6.73 16.24 39.69
CA TYR A 216 -7.45 16.69 38.50
C TYR A 216 -7.19 15.87 37.22
N ALA A 217 -6.71 14.64 37.38
CA ALA A 217 -6.28 13.86 36.22
C ALA A 217 -7.50 13.61 35.35
N ALA A 218 -7.32 13.69 34.05
CA ALA A 218 -8.33 13.36 33.05
C ALA A 218 -8.76 11.90 33.07
N VAL A 219 -9.94 11.62 32.52
CA VAL A 219 -10.56 10.33 32.76
C VAL A 219 -9.76 9.12 32.23
N ILE A 220 -9.09 9.28 31.10
CA ILE A 220 -8.42 8.12 30.52
C ILE A 220 -7.11 7.78 31.26
N PRO A 221 -6.23 8.78 31.50
CA PRO A 221 -5.07 8.41 32.32
C PRO A 221 -5.51 8.01 33.73
N LYS A 222 -6.52 8.67 34.28
CA LYS A 222 -7.05 8.23 35.59
C LYS A 222 -7.50 6.76 35.68
N TRP A 223 -8.36 6.37 34.75
CA TRP A 223 -8.88 5.03 34.73
C TRP A 223 -7.83 3.98 34.39
N THR A 224 -6.81 4.34 33.61
CA THR A 224 -5.77 3.41 33.24
C THR A 224 -4.92 3.06 34.43
N ALA A 225 -4.60 4.10 35.21
CA ALA A 225 -3.82 3.96 36.45
C ALA A 225 -4.64 3.25 37.53
N ALA A 226 -5.87 3.72 37.77
CA ALA A 226 -6.84 2.97 38.55
C ALA A 226 -6.86 1.49 38.18
N MET A 227 -7.00 1.15 36.89
CA MET A 227 -7.13 -0.30 36.56
C MET A 227 -5.87 -1.13 36.82
N LEU A 228 -4.71 -0.52 36.59
CA LEU A 228 -3.42 -1.19 36.77
C LEU A 228 -3.11 -1.43 38.25
N LYS A 229 -3.53 -0.50 39.10
CA LYS A 229 -3.34 -0.72 40.53
C LYS A 229 -4.41 -1.57 41.25
N GLY A 230 -5.48 -1.95 40.55
CA GLY A 230 -6.56 -2.71 41.17
C GLY A 230 -7.32 -1.83 42.14
N ASP A 231 -7.24 -0.52 41.87
CA ASP A 231 -7.96 0.53 42.59
C ASP A 231 -9.33 0.79 41.98
N ASP A 232 -10.14 1.53 42.73
CA ASP A 232 -11.55 1.72 42.42
C ASP A 232 -11.70 2.65 41.23
N VAL A 233 -12.58 2.26 40.31
CA VAL A 233 -12.91 3.08 39.17
C VAL A 233 -14.23 3.77 39.43
N TYR A 234 -14.19 5.09 39.50
CA TYR A 234 -15.40 5.85 39.73
C TYR A 234 -16.01 6.38 38.44
N ILE A 235 -17.34 6.21 38.32
CA ILE A 235 -18.12 6.93 37.34
C ILE A 235 -18.95 8.07 37.97
N ASN A 236 -18.58 9.30 37.58
CA ASN A 236 -19.34 10.52 37.92
C ASN A 236 -20.55 10.65 37.01
N GLY A 237 -21.69 10.17 37.50
CA GLY A 237 -22.95 10.15 36.73
C GLY A 237 -23.69 8.81 36.67
N ASP A 238 -24.55 8.69 35.66
CA ASP A 238 -25.18 7.40 35.30
C ASP A 238 -24.24 6.68 34.32
N GLY A 239 -23.18 7.37 33.89
CA GLY A 239 -22.21 6.81 32.96
C GLY A 239 -22.56 7.09 31.51
N GLU A 240 -23.75 7.65 31.29
CA GLU A 240 -24.16 8.02 29.94
C GLU A 240 -23.64 9.42 29.49
N THR A 241 -22.80 10.07 30.32
CA THR A 241 -22.02 11.21 29.87
C THR A 241 -21.15 10.73 28.71
N SER A 242 -21.13 11.52 27.62
CA SER A 242 -20.53 11.07 26.34
C SER A 242 -19.54 12.06 25.77
N ARG A 243 -18.48 11.58 25.15
CA ARG A 243 -17.37 12.47 24.68
C ARG A 243 -16.86 12.09 23.28
N ASP A 244 -16.11 12.99 22.64
CA ASP A 244 -15.42 12.75 21.38
C ASP A 244 -13.94 12.69 21.77
N PHE A 245 -13.45 11.50 22.09
CA PHE A 245 -12.08 11.31 22.59
C PHE A 245 -11.11 11.35 21.44
N CYS A 246 -10.10 12.23 21.57
CA CYS A 246 -9.23 12.65 20.45
C CYS A 246 -7.76 12.31 20.67
N TYR A 247 -7.29 11.23 20.03
CA TYR A 247 -5.90 10.84 20.21
C TYR A 247 -4.97 11.97 19.77
N ILE A 248 -3.86 12.12 20.48
CA ILE A 248 -2.96 13.25 20.40
C ILE A 248 -2.42 13.55 18.96
N ASP A 249 -2.16 12.52 18.15
CA ASP A 249 -1.62 12.82 16.78
C ASP A 249 -2.55 13.73 15.94
N ASN A 250 -3.87 13.54 16.12
CA ASN A 250 -4.87 14.37 15.43
C ASN A 250 -4.73 15.82 15.78
N VAL A 251 -4.48 16.10 17.07
CA VAL A 251 -4.26 17.46 17.53
C VAL A 251 -2.94 18.05 16.96
N ILE A 252 -1.90 17.24 16.88
CA ILE A 252 -0.60 17.66 16.31
C ILE A 252 -0.75 18.03 14.84
N GLN A 253 -1.48 17.17 14.10
CA GLN A 253 -1.78 17.46 12.70
C GLN A 253 -2.48 18.85 12.61
N MET A 254 -3.52 19.11 13.43
CA MET A 254 -4.30 20.37 13.37
C MET A 254 -3.55 21.62 13.80
N ASN A 255 -2.62 21.50 14.76
CA ASN A 255 -1.78 22.64 15.11
C ASN A 255 -0.90 22.96 13.92
N ILE A 256 -0.36 21.92 13.26
CA ILE A 256 0.58 22.20 12.16
C ILE A 256 -0.07 22.74 10.92
N LEU A 257 -1.26 22.18 10.57
CA LEU A 257 -2.05 22.68 9.47
C LEU A 257 -2.54 24.13 9.69
N SER A 258 -2.89 24.45 10.94
CA SER A 258 -3.36 25.82 11.35
C SER A 258 -2.19 26.83 11.25
N ALA A 259 -1.01 26.39 11.60
CA ALA A 259 0.10 27.33 11.64
C ALA A 259 0.51 27.75 10.22
N LEU A 260 0.32 26.84 9.27
CA LEU A 260 0.58 27.17 7.86
C LEU A 260 -0.70 27.31 7.05
N ALA A 261 -1.81 27.62 7.74
CA ALA A 261 -3.10 27.83 7.08
C ALA A 261 -3.00 28.89 6.02
N LYS A 262 -3.74 28.79 4.92
CA LYS A 262 -3.87 29.92 4.00
C LYS A 262 -4.64 31.04 4.73
N ASP A 263 -4.37 32.28 4.35
CA ASP A 263 -4.86 33.42 5.13
C ASP A 263 -6.35 33.37 5.37
N SER A 264 -7.10 33.01 4.34
CA SER A 264 -8.55 33.06 4.37
C SER A 264 -9.12 32.04 5.33
N ALA A 265 -8.31 31.03 5.67
CA ALA A 265 -8.67 30.02 6.66
C ALA A 265 -8.31 30.48 8.11
N LYS A 266 -7.51 31.53 8.27
CA LYS A 266 -7.31 32.18 9.60
C LYS A 266 -8.49 33.03 10.12
N ASP A 267 -8.36 33.59 11.33
CA ASP A 267 -9.46 34.25 12.08
C ASP A 267 -10.64 33.29 12.13
N ASN A 268 -10.38 32.03 12.50
CA ASN A 268 -11.41 31.02 12.51
C ASN A 268 -11.22 30.05 13.67
N ILE A 269 -12.33 29.52 14.17
CA ILE A 269 -12.38 28.51 15.18
C ILE A 269 -12.70 27.17 14.56
N TYR A 270 -11.91 26.16 14.97
CA TYR A 270 -12.06 24.79 14.49
C TYR A 270 -12.28 23.79 15.63
N ASN A 271 -13.30 22.96 15.50
CA ASN A 271 -13.37 21.75 16.30
C ASN A 271 -12.19 20.85 15.95
N VAL A 272 -11.60 20.24 16.97
CA VAL A 272 -10.47 19.35 16.79
C VAL A 272 -10.71 17.99 17.43
N ALA A 273 -11.46 17.13 16.75
CA ALA A 273 -11.78 15.81 17.25
C ALA A 273 -11.82 14.81 16.09
N VAL A 274 -12.58 13.74 16.26
CA VAL A 274 -12.71 12.72 15.24
C VAL A 274 -14.16 12.50 14.78
N GLY A 275 -15.09 13.16 15.47
CA GLY A 275 -16.54 13.04 15.14
C GLY A 275 -17.29 11.82 15.73
N ASP A 276 -16.64 11.09 16.63
CA ASP A 276 -17.23 9.92 17.28
C ASP A 276 -17.82 10.29 18.64
N ARG A 277 -18.63 9.40 19.18
CA ARG A 277 -19.27 9.64 20.46
C ARG A 277 -19.17 8.36 21.32
N THR A 278 -18.55 8.49 22.50
CA THR A 278 -18.36 7.35 23.43
C THR A 278 -18.81 7.77 24.81
N THR A 279 -19.72 6.99 25.40
CA THR A 279 -20.18 7.28 26.76
C THR A 279 -19.16 6.81 27.72
N LEU A 280 -19.23 7.27 28.97
CA LEU A 280 -18.28 6.83 29.99
C LEU A 280 -18.39 5.32 30.24
N ASN A 281 -19.62 4.79 30.21
CA ASN A 281 -19.86 3.36 30.37
C ASN A 281 -19.06 2.54 29.33
N GLU A 282 -19.01 3.00 28.08
CA GLU A 282 -18.28 2.29 27.02
C GLU A 282 -16.76 2.43 27.14
N LEU A 283 -16.30 3.62 27.47
CA LEU A 283 -14.87 3.85 27.67
C LEU A 283 -14.24 2.89 28.67
N SER A 284 -14.92 2.65 29.80
CA SER A 284 -14.43 1.80 30.86
C SER A 284 -14.15 0.39 30.34
N GLY A 285 -15.04 -0.10 29.49
CA GLY A 285 -14.85 -1.38 28.82
C GLY A 285 -13.71 -1.35 27.80
N TYR A 286 -13.54 -0.24 27.12
CA TYR A 286 -12.52 -0.18 26.10
C TYR A 286 -11.12 -0.16 26.71
N ILE A 287 -10.94 0.65 27.76
CA ILE A 287 -9.68 0.73 28.49
C ILE A 287 -9.31 -0.67 29.05
N TYR A 288 -10.25 -1.28 29.76
CA TYR A 288 -10.08 -2.57 30.38
C TYR A 288 -9.66 -3.62 29.34
N ASP A 289 -10.45 -3.80 28.29
CA ASP A 289 -10.06 -4.68 27.17
C ASP A 289 -8.64 -4.37 26.65
N GLU A 290 -8.34 -3.12 26.39
CA GLU A 290 -7.02 -2.76 25.87
C GLU A 290 -5.88 -3.10 26.83
N LEU A 291 -5.97 -2.62 28.07
CA LEU A 291 -5.09 -3.07 29.18
C LEU A 291 -4.97 -4.58 29.29
N ASN A 292 -6.09 -5.30 29.18
CA ASN A 292 -6.18 -6.74 29.43
C ASN A 292 -5.31 -7.59 28.51
N LEU A 293 -4.95 -7.04 27.35
CA LEU A 293 -3.96 -7.65 26.45
C LEU A 293 -2.50 -7.49 26.93
N ILE A 294 -2.31 -6.61 27.93
CA ILE A 294 -1.05 -6.42 28.68
C ILE A 294 -1.20 -6.91 30.12
N HIS A 295 -2.40 -7.39 30.48
CA HIS A 295 -2.62 -8.30 31.63
C HIS A 295 -2.12 -7.82 33.00
N HIS A 296 -3.04 -7.73 33.90
CA HIS A 296 -2.78 -7.35 35.29
C HIS A 296 -4.02 -7.66 36.11
N ILE A 302 -16.17 -1.26 38.85
CA ILE A 302 -16.73 0.07 38.69
C ILE A 302 -17.69 0.43 39.84
N LYS A 303 -17.69 1.71 40.20
CA LYS A 303 -18.59 2.29 41.20
C LYS A 303 -19.21 3.59 40.64
N TYR A 304 -20.46 3.85 40.99
CA TYR A 304 -21.11 5.07 40.58
C TYR A 304 -21.27 6.06 41.72
N ARG A 305 -20.89 7.32 41.49
CA ARG A 305 -21.18 8.39 42.44
C ARG A 305 -21.87 9.58 41.73
N GLU A 306 -21.85 10.77 42.34
CA GLU A 306 -22.58 11.92 41.78
C GLU A 306 -21.97 12.45 40.48
N PHE A 307 -22.83 12.99 39.63
CA PHE A 307 -22.37 13.81 38.49
C PHE A 307 -21.40 14.90 38.97
N ARG A 308 -20.46 15.29 38.11
CA ARG A 308 -19.53 16.34 38.49
C ARG A 308 -20.07 17.73 38.10
N SER A 309 -19.95 18.69 39.01
CA SER A 309 -20.56 20.01 38.85
C SER A 309 -20.11 20.78 37.62
N GLY A 310 -21.08 21.35 36.90
CA GLY A 310 -20.86 22.02 35.61
C GLY A 310 -20.15 21.14 34.57
N ASP A 311 -20.33 19.82 34.66
CA ASP A 311 -19.84 18.92 33.62
C ASP A 311 -20.77 19.06 32.41
N VAL A 312 -20.22 19.19 31.21
CA VAL A 312 -21.02 19.13 29.99
C VAL A 312 -21.56 17.68 29.85
N ARG A 313 -22.83 17.54 29.43
CA ARG A 313 -23.54 16.24 29.35
C ARG A 313 -23.05 15.29 28.23
N ALA A 314 -22.91 15.82 27.03
CA ALA A 314 -22.88 14.99 25.80
C ALA A 314 -22.15 15.81 24.76
N SER A 315 -21.16 15.20 24.13
CA SER A 315 -20.23 15.96 23.28
C SER A 315 -19.75 15.13 22.09
N GLN A 316 -20.03 15.63 20.88
CA GLN A 316 -19.65 14.97 19.63
C GLN A 316 -19.35 16.04 18.62
N ALA A 317 -18.17 15.97 18.03
CA ALA A 317 -17.77 17.05 17.20
C ALA A 317 -18.21 16.85 15.74
N ASP A 318 -18.60 17.96 15.12
CA ASP A 318 -18.63 18.06 13.64
C ASP A 318 -17.32 18.76 13.23
N VAL A 319 -16.45 17.99 12.59
CA VAL A 319 -15.17 18.45 12.15
C VAL A 319 -15.16 18.74 10.60
N THR A 320 -16.34 19.01 10.02
CA THR A 320 -16.46 19.35 8.60
C THR A 320 -15.68 20.58 8.22
N LYS A 321 -15.67 21.58 9.10
CA LYS A 321 -15.01 22.84 8.74
C LYS A 321 -13.48 22.69 8.67
N ALA A 322 -12.92 21.89 9.56
CA ALA A 322 -11.50 21.54 9.46
C ALA A 322 -11.21 20.69 8.22
N ILE A 323 -12.03 19.66 7.99
CA ILE A 323 -11.84 18.79 6.85
C ILE A 323 -11.83 19.64 5.56
N ASP A 324 -12.78 20.57 5.47
CA ASP A 324 -12.93 21.46 4.30
C ASP A 324 -11.89 22.56 4.20
N LEU A 325 -11.77 23.36 5.23
CA LEU A 325 -11.02 24.59 5.16
C LEU A 325 -9.54 24.35 5.27
N LEU A 326 -9.15 23.32 6.03
CA LEU A 326 -7.77 23.09 6.28
C LEU A 326 -7.20 21.77 5.75
N LYS A 327 -8.07 20.94 5.18
CA LYS A 327 -7.75 19.60 4.72
C LYS A 327 -7.24 18.71 5.85
N TYR A 328 -7.80 18.93 7.03
CA TYR A 328 -7.63 18.01 8.18
C TYR A 328 -8.13 16.62 7.81
N ARG A 329 -7.30 15.63 8.09
CA ARG A 329 -7.64 14.22 7.90
C ARG A 329 -7.41 13.44 9.19
N PRO A 330 -8.41 13.37 10.10
CA PRO A 330 -8.26 12.62 11.36
C PRO A 330 -7.97 11.14 11.04
N ASN A 331 -6.90 10.57 11.61
CA ASN A 331 -6.48 9.21 11.24
C ASN A 331 -6.58 8.17 12.34
N ILE A 332 -6.81 8.61 13.57
CA ILE A 332 -6.78 7.67 14.70
C ILE A 332 -8.05 7.86 15.55
N LYS A 333 -8.86 6.79 15.63
CA LYS A 333 -10.07 6.82 16.49
C LYS A 333 -9.74 6.24 17.87
N ILE A 334 -10.76 6.09 18.70
CA ILE A 334 -10.52 5.89 20.13
C ILE A 334 -9.82 4.57 20.43
N ARG A 335 -10.36 3.47 19.89
CA ARG A 335 -9.83 2.12 20.16
C ARG A 335 -8.36 2.02 19.79
N GLU A 336 -8.01 2.41 18.57
CA GLU A 336 -6.60 2.42 18.17
C GLU A 336 -5.75 3.36 19.04
N GLY A 337 -6.29 4.51 19.42
CA GLY A 337 -5.51 5.46 20.20
C GLY A 337 -5.23 4.91 21.61
N LEU A 338 -6.24 4.26 22.19
CA LEU A 338 -6.03 3.47 23.39
C LEU A 338 -4.94 2.40 23.22
N ARG A 339 -4.95 1.70 22.09
CA ARG A 339 -3.94 0.65 21.78
C ARG A 339 -2.53 1.23 21.81
N LEU A 340 -2.36 2.44 21.30
CA LEU A 340 -1.05 3.05 21.18
C LEU A 340 -0.56 3.62 22.52
N SER A 341 -1.52 4.06 23.33
CA SER A 341 -1.25 4.72 24.61
C SER A 341 -1.02 3.71 25.71
N MET A 342 -1.80 2.65 25.73
CA MET A 342 -1.67 1.69 26.86
C MET A 342 -0.22 1.29 27.24
N PRO A 343 0.66 0.95 26.24
CA PRO A 343 2.01 0.54 26.72
C PRO A 343 2.85 1.70 27.30
N TRP A 344 2.60 2.95 26.88
CA TRP A 344 3.20 4.13 27.51
C TRP A 344 2.86 4.16 29.01
N TYR A 345 1.58 3.99 29.33
CA TYR A 345 1.16 4.00 30.74
C TYR A 345 1.74 2.82 31.55
N VAL A 346 1.83 1.65 30.93
CA VAL A 346 2.49 0.49 31.60
C VAL A 346 3.95 0.84 31.93
N ARG A 347 4.72 1.31 30.96
CA ARG A 347 6.07 1.90 31.16
C ARG A 347 6.12 2.94 32.30
N PHE A 348 5.27 3.97 32.20
CA PHE A 348 5.33 5.08 33.14
C PHE A 348 5.18 4.71 34.59
N LEU A 349 4.15 3.91 34.87
CA LEU A 349 3.72 3.56 36.22
C LEU A 349 4.42 2.33 36.84
N LYS A 350 5.11 1.55 36.02
CA LYS A 350 5.83 0.36 36.49
C LYS A 350 6.87 0.73 37.56
N TYR B 10 -2.43 29.16 -36.25
CA TYR B 10 -3.50 28.14 -36.34
C TYR B 10 -2.90 26.89 -35.86
N MET B 11 -3.66 26.13 -35.08
CA MET B 11 -3.15 24.87 -34.57
C MET B 11 -3.99 23.75 -35.18
N SER B 12 -3.73 23.53 -36.45
CA SER B 12 -4.63 22.84 -37.37
C SER B 12 -4.98 21.45 -37.00
N ARG B 13 -3.99 20.64 -36.67
CA ARG B 13 -4.29 19.29 -36.25
C ARG B 13 -5.02 19.32 -34.90
N TYR B 14 -4.68 20.30 -34.06
CA TYR B 14 -5.29 20.37 -32.70
C TYR B 14 -6.78 20.72 -32.81
N GLU B 15 -7.08 21.74 -33.59
CA GLU B 15 -8.42 22.08 -34.11
C GLU B 15 -9.24 20.89 -34.61
N GLU B 16 -8.67 20.10 -35.51
CA GLU B 16 -9.38 18.94 -36.09
C GLU B 16 -9.59 17.88 -35.02
N ILE B 17 -8.58 17.62 -34.21
CA ILE B 17 -8.68 16.63 -33.10
C ILE B 17 -9.84 17.05 -32.15
N THR B 18 -9.95 18.38 -31.91
CA THR B 18 -10.88 18.86 -30.92
C THR B 18 -12.32 18.77 -31.48
N GLN B 19 -12.46 19.06 -32.77
CA GLN B 19 -13.70 18.86 -33.45
C GLN B 19 -14.21 17.44 -33.39
N GLN B 20 -13.31 16.47 -33.62
CA GLN B 20 -13.67 15.08 -33.43
C GLN B 20 -14.25 14.89 -32.06
N LEU B 21 -13.61 15.49 -31.03
CA LEU B 21 -13.99 15.19 -29.65
C LEU B 21 -15.36 15.70 -29.29
N ILE B 22 -15.62 16.94 -29.70
CA ILE B 22 -16.90 17.52 -29.48
C ILE B 22 -18.02 16.73 -30.14
N PHE B 23 -17.83 16.30 -31.40
CA PHE B 23 -18.88 15.50 -32.07
C PHE B 23 -19.10 14.14 -31.40
N SER B 24 -18.00 13.49 -31.03
CA SER B 24 -18.01 12.14 -30.40
C SER B 24 -17.29 12.19 -29.00
N PRO B 25 -17.98 12.70 -27.96
CA PRO B 25 -17.38 12.90 -26.61
C PRO B 25 -16.90 11.59 -25.98
N LYS B 26 -15.80 11.65 -25.20
CA LYS B 26 -15.23 10.44 -24.51
C LYS B 26 -15.11 10.64 -23.01
N THR B 27 -14.83 9.57 -22.30
CA THR B 27 -14.60 9.69 -20.90
C THR B 27 -13.12 9.77 -20.61
N TRP B 28 -12.75 10.82 -19.87
CA TRP B 28 -11.33 11.07 -19.55
C TRP B 28 -11.14 10.92 -18.05
N LEU B 29 -10.00 10.39 -17.63
CA LEU B 29 -9.61 10.46 -16.24
C LEU B 29 -8.43 11.43 -16.23
N ILE B 30 -8.48 12.41 -15.35
CA ILE B 30 -7.35 13.27 -15.07
C ILE B 30 -6.94 13.03 -13.61
N THR B 31 -5.75 12.52 -13.41
CA THR B 31 -5.22 12.46 -12.06
C THR B 31 -4.46 13.72 -11.87
N GLY B 32 -4.53 14.26 -10.64
CA GLY B 32 -3.82 15.49 -10.31
C GLY B 32 -4.68 16.68 -10.64
N VAL B 33 -5.99 16.44 -10.66
CA VAL B 33 -6.93 17.36 -11.33
C VAL B 33 -7.12 18.75 -10.65
N ALA B 34 -6.86 18.83 -9.36
CA ALA B 34 -6.97 20.07 -8.58
C ALA B 34 -5.64 20.83 -8.58
N GLY B 35 -4.71 20.34 -9.38
CA GLY B 35 -3.37 20.91 -9.56
C GLY B 35 -3.28 21.88 -10.72
N PHE B 36 -2.06 22.36 -11.00
CA PHE B 36 -1.82 23.41 -12.00
C PHE B 36 -2.15 22.90 -13.40
N ILE B 37 -1.46 21.85 -13.82
CA ILE B 37 -1.70 21.28 -15.15
C ILE B 37 -3.05 20.53 -15.22
N GLY B 38 -3.39 19.76 -14.17
CA GLY B 38 -4.64 18.98 -14.07
C GLY B 38 -5.88 19.86 -14.19
N SER B 39 -5.91 21.01 -13.50
CA SER B 39 -7.13 21.87 -13.57
C SER B 39 -7.24 22.65 -14.87
N ASN B 40 -6.08 22.88 -15.49
CA ASN B 40 -6.06 23.47 -16.82
C ASN B 40 -6.57 22.53 -17.92
N LEU B 41 -6.20 21.24 -17.81
CA LEU B 41 -6.77 20.18 -18.63
C LEU B 41 -8.29 20.05 -18.45
N LEU B 42 -8.74 20.04 -17.20
CA LEU B 42 -10.13 19.99 -16.83
C LEU B 42 -10.89 21.16 -17.48
N GLU B 43 -10.32 22.34 -17.42
CA GLU B 43 -11.00 23.49 -18.05
C GLU B 43 -11.24 23.18 -19.57
N LYS B 44 -10.18 22.78 -20.32
CA LYS B 44 -10.33 22.59 -21.77
C LYS B 44 -11.30 21.44 -22.11
N LEU B 45 -11.17 20.32 -21.42
CA LEU B 45 -11.97 19.15 -21.73
C LEU B 45 -13.47 19.40 -21.47
N LEU B 46 -13.77 20.09 -20.39
CA LEU B 46 -15.14 20.35 -20.10
C LEU B 46 -15.65 21.35 -21.14
N LYS B 47 -14.78 22.21 -21.66
CA LYS B 47 -15.24 23.16 -22.69
C LYS B 47 -15.45 22.46 -24.02
N LEU B 48 -14.88 21.26 -24.17
CA LEU B 48 -15.16 20.41 -25.32
C LEU B 48 -16.29 19.45 -25.02
N ASN B 49 -16.96 19.61 -23.87
CA ASN B 49 -18.16 18.81 -23.55
C ASN B 49 -17.80 17.38 -23.32
N GLN B 50 -16.59 17.13 -22.84
CA GLN B 50 -16.18 15.78 -22.52
C GLN B 50 -16.71 15.35 -21.10
N VAL B 51 -16.78 14.06 -20.87
CA VAL B 51 -17.04 13.52 -19.53
C VAL B 51 -15.66 13.33 -18.84
N VAL B 52 -15.51 13.86 -17.64
CA VAL B 52 -14.22 13.81 -16.94
C VAL B 52 -14.37 13.22 -15.52
N ILE B 53 -13.61 12.17 -15.25
CA ILE B 53 -13.42 11.68 -13.90
C ILE B 53 -12.15 12.33 -13.41
N GLY B 54 -12.19 12.92 -12.22
CA GLY B 54 -11.04 13.60 -11.60
C GLY B 54 -10.59 12.92 -10.33
N LEU B 55 -9.27 12.83 -10.12
CA LEU B 55 -8.71 12.23 -8.89
C LEU B 55 -7.61 13.11 -8.30
N ASP B 56 -7.79 13.48 -7.02
CA ASP B 56 -6.81 14.30 -6.38
C ASP B 56 -6.81 14.08 -4.88
N ASN B 57 -5.64 14.22 -4.21
CA ASN B 57 -5.67 14.13 -2.73
C ASN B 57 -5.43 15.45 -2.03
N PHE B 58 -5.50 16.57 -2.74
CA PHE B 58 -5.32 17.90 -2.15
C PHE B 58 -4.00 18.06 -1.34
N SER B 59 -2.97 17.29 -1.73
CA SER B 59 -1.61 17.44 -1.18
C SER B 59 -1.02 18.79 -1.63
N THR B 60 -0.65 18.93 -2.90
CA THR B 60 -0.18 20.22 -3.45
C THR B 60 -1.33 20.96 -4.17
N GLY B 61 -2.42 20.21 -4.40
CA GLY B 61 -3.59 20.76 -5.08
C GLY B 61 -4.59 21.44 -4.20
N HIS B 62 -5.54 22.11 -4.85
CA HIS B 62 -6.44 23.00 -4.18
C HIS B 62 -7.83 22.90 -4.71
N GLN B 63 -8.75 22.80 -3.76
CA GLN B 63 -10.14 22.81 -4.04
C GLN B 63 -10.50 24.16 -4.70
N TYR B 64 -9.81 25.23 -4.33
CA TYR B 64 -10.08 26.54 -5.02
C TYR B 64 -9.79 26.52 -6.55
N ASN B 65 -9.02 25.53 -7.05
CA ASN B 65 -8.73 25.46 -8.48
C ASN B 65 -9.87 24.81 -9.19
N LEU B 66 -10.48 23.89 -8.46
CA LEU B 66 -11.70 23.27 -8.92
C LEU B 66 -12.85 24.32 -8.86
N ASP B 67 -12.82 25.21 -7.89
CA ASP B 67 -13.88 26.21 -7.81
C ASP B 67 -13.79 27.15 -8.98
N GLU B 68 -12.58 27.55 -9.34
CA GLU B 68 -12.36 28.44 -10.48
C GLU B 68 -12.80 27.85 -11.84
N VAL B 69 -12.53 26.55 -12.05
CA VAL B 69 -12.93 25.96 -13.33
C VAL B 69 -14.42 25.97 -13.49
N LYS B 70 -15.12 25.74 -12.37
CA LYS B 70 -16.61 25.72 -12.35
C LYS B 70 -17.21 27.06 -12.75
N THR B 71 -16.55 28.17 -12.43
CA THR B 71 -17.00 29.47 -12.93
C THR B 71 -16.74 29.75 -14.43
N LEU B 72 -15.88 28.93 -15.02
CA LEU B 72 -15.30 29.16 -16.36
C LEU B 72 -16.00 28.33 -17.42
N VAL B 73 -16.72 27.29 -17.00
CA VAL B 73 -17.48 26.45 -17.91
C VAL B 73 -19.00 26.60 -17.63
N SER B 74 -19.88 26.20 -18.56
CA SER B 74 -21.33 26.20 -18.32
C SER B 74 -21.74 25.18 -17.24
N THR B 75 -22.98 25.27 -16.78
CA THR B 75 -23.45 24.35 -15.73
C THR B 75 -23.58 22.92 -16.30
N GLU B 76 -24.04 22.86 -17.55
CA GLU B 76 -24.16 21.67 -18.36
C GLU B 76 -22.82 20.98 -18.51
N GLN B 77 -21.81 21.72 -18.96
CA GLN B 77 -20.43 21.20 -19.01
C GLN B 77 -19.87 20.70 -17.66
N TRP B 78 -20.09 21.50 -16.61
CA TRP B 78 -19.69 21.08 -15.22
C TRP B 78 -20.38 19.79 -14.74
N SER B 79 -21.63 19.55 -15.15
CA SER B 79 -22.38 18.35 -14.74
C SER B 79 -21.72 17.04 -15.19
N ARG B 80 -20.82 17.12 -16.15
CA ARG B 80 -20.19 15.90 -16.68
C ARG B 80 -18.85 15.62 -16.00
N PHE B 81 -18.55 16.41 -14.97
CA PHE B 81 -17.34 16.19 -14.12
C PHE B 81 -17.74 15.42 -12.85
N CYS B 82 -17.13 14.27 -12.62
CA CYS B 82 -17.25 13.54 -11.37
C CYS B 82 -15.93 13.68 -10.64
N PHE B 83 -15.91 14.39 -9.53
CA PHE B 83 -14.68 14.53 -8.71
C PHE B 83 -14.57 13.46 -7.62
N ILE B 84 -13.39 12.91 -7.44
CA ILE B 84 -13.17 11.89 -6.40
C ILE B 84 -11.89 12.29 -5.66
N GLU B 85 -12.07 12.66 -4.39
CA GLU B 85 -10.92 12.84 -3.54
C GLU B 85 -10.31 11.48 -3.21
N GLY B 86 -9.05 11.27 -3.54
CA GLY B 86 -8.42 10.03 -3.15
C GLY B 86 -6.99 10.02 -3.64
N ASP B 87 -6.35 8.86 -3.55
CA ASP B 87 -4.87 8.81 -3.56
C ASP B 87 -4.38 7.74 -4.50
N ILE B 88 -3.44 8.12 -5.38
CA ILE B 88 -2.86 7.21 -6.39
C ILE B 88 -2.04 6.12 -5.77
N ARG B 89 -1.60 6.36 -4.52
CA ARG B 89 -0.90 5.31 -3.76
C ARG B 89 -1.80 4.13 -3.38
N ASP B 90 -3.10 4.34 -3.33
CA ASP B 90 -4.05 3.21 -3.17
C ASP B 90 -4.61 2.63 -4.51
N LEU B 91 -4.31 1.33 -4.75
CA LEU B 91 -4.63 0.64 -5.98
C LEU B 91 -6.09 0.49 -6.17
N THR B 92 -6.76 0.09 -5.11
CA THR B 92 -8.21 0.03 -5.15
C THR B 92 -8.77 1.36 -5.69
N THR B 93 -8.32 2.48 -5.12
CA THR B 93 -8.81 3.76 -5.59
C THR B 93 -8.51 3.94 -7.11
N CYS B 94 -7.31 3.54 -7.57
CA CYS B 94 -6.91 3.74 -8.99
C CYS B 94 -7.81 2.95 -9.90
N GLU B 95 -8.09 1.71 -9.49
CA GLU B 95 -8.95 0.83 -10.18
C GLU B 95 -10.40 1.36 -10.25
N GLN B 96 -10.88 1.89 -9.15
CA GLN B 96 -12.20 2.50 -9.12
C GLN B 96 -12.44 3.59 -10.17
N VAL B 97 -11.55 4.57 -10.18
CA VAL B 97 -11.73 5.78 -11.04
C VAL B 97 -11.51 5.46 -12.54
N MET B 98 -10.95 4.28 -12.80
CA MET B 98 -10.64 3.83 -14.15
C MET B 98 -11.88 3.34 -14.85
N LYS B 99 -12.91 2.98 -14.10
CA LYS B 99 -14.16 2.39 -14.68
C LYS B 99 -14.74 3.27 -15.82
N GLY B 100 -14.93 2.68 -17.00
CA GLY B 100 -15.48 3.41 -18.18
C GLY B 100 -14.59 4.47 -18.84
N VAL B 101 -13.34 4.56 -18.40
CA VAL B 101 -12.38 5.50 -18.96
C VAL B 101 -11.84 5.16 -20.38
N ASP B 102 -11.89 6.18 -21.25
CA ASP B 102 -11.31 6.08 -22.58
C ASP B 102 -9.89 6.64 -22.60
N HIS B 103 -9.69 7.86 -22.09
CA HIS B 103 -8.37 8.46 -22.25
C HIS B 103 -7.84 8.83 -20.87
N VAL B 104 -6.62 8.39 -20.55
CA VAL B 104 -6.00 8.72 -19.25
C VAL B 104 -4.96 9.81 -19.38
N LEU B 105 -5.14 10.83 -18.57
CA LEU B 105 -4.19 11.94 -18.47
C LEU B 105 -3.61 11.94 -17.02
N HIS B 106 -2.38 11.41 -16.83
CA HIS B 106 -1.83 11.21 -15.47
C HIS B 106 -0.90 12.34 -15.07
N GLN B 107 -1.40 13.31 -14.32
CA GLN B 107 -0.61 14.45 -13.86
C GLN B 107 -0.23 14.40 -12.36
N ALA B 108 -0.92 13.54 -11.60
CA ALA B 108 -0.66 13.45 -10.13
C ALA B 108 0.72 12.93 -9.74
N ALA B 109 1.44 13.77 -8.99
CA ALA B 109 2.82 13.53 -8.63
C ALA B 109 3.19 14.63 -7.66
N LEU B 110 4.27 14.38 -6.90
CA LEU B 110 4.93 15.42 -6.13
C LEU B 110 6.12 15.99 -6.92
N GLY B 111 5.97 17.22 -7.42
CA GLY B 111 7.07 17.84 -8.06
C GLY B 111 8.09 18.41 -7.09
N SER B 112 8.95 19.26 -7.65
CA SER B 112 9.95 20.04 -6.92
C SER B 112 11.15 19.11 -6.72
N VAL B 113 12.29 19.46 -7.33
CA VAL B 113 13.62 18.84 -7.12
C VAL B 113 14.10 18.88 -5.66
N PRO B 114 14.01 20.04 -5.00
CA PRO B 114 14.38 20.10 -3.58
C PRO B 114 13.48 19.30 -2.65
N ARG B 115 12.16 19.19 -2.92
CA ARG B 115 11.30 18.35 -2.11
C ARG B 115 11.81 16.89 -2.17
N SER B 116 12.29 16.46 -3.33
CA SER B 116 12.74 15.05 -3.50
C SER B 116 14.09 14.81 -2.80
N ILE B 117 14.85 15.88 -2.63
CA ILE B 117 16.15 15.76 -1.94
C ILE B 117 15.94 15.67 -0.42
N VAL B 118 15.00 16.47 0.10
CA VAL B 118 14.60 16.44 1.55
C VAL B 118 13.81 15.20 1.94
N ASP B 119 12.91 14.71 1.06
CA ASP B 119 12.08 13.53 1.37
C ASP B 119 11.97 12.62 0.12
N PRO B 120 13.00 11.81 -0.11
CA PRO B 120 12.93 10.87 -1.27
C PRO B 120 11.93 9.73 -1.06
N ILE B 121 11.51 9.49 0.15
CA ILE B 121 10.61 8.40 0.48
C ILE B 121 9.19 8.69 -0.03
N THR B 122 8.67 9.86 0.23
CA THR B 122 7.27 10.12 -0.07
C THR B 122 7.14 10.33 -1.55
N THR B 123 8.11 11.04 -2.10
CA THR B 123 8.24 11.28 -3.55
C THR B 123 8.23 9.99 -4.34
N ASN B 124 8.99 9.03 -3.84
CA ASN B 124 8.99 7.70 -4.47
C ASN B 124 7.63 7.07 -4.39
N ALA B 125 6.99 7.07 -3.22
CA ALA B 125 5.65 6.47 -3.16
C ALA B 125 4.63 7.05 -4.16
N THR B 126 4.57 8.38 -4.27
CA THR B 126 3.62 9.07 -5.15
C THR B 126 4.05 8.97 -6.60
N ASN B 127 5.35 9.17 -6.84
CA ASN B 127 5.83 9.33 -8.18
C ASN B 127 6.20 8.01 -8.83
N ILE B 128 6.59 7.00 -8.05
CA ILE B 128 6.78 5.64 -8.65
C ILE B 128 5.61 4.70 -8.35
N THR B 129 5.35 4.40 -7.08
CA THR B 129 4.18 3.58 -6.70
C THR B 129 2.83 4.03 -7.30
N GLY B 130 2.47 5.31 -7.11
CA GLY B 130 1.16 5.81 -7.62
C GLY B 130 1.21 5.81 -9.16
N PHE B 131 2.32 6.18 -9.77
CA PHE B 131 2.38 6.04 -11.16
C PHE B 131 2.14 4.57 -11.64
N LEU B 132 2.85 3.61 -11.07
CA LEU B 132 2.66 2.24 -11.53
C LEU B 132 1.19 1.74 -11.32
N ASN B 133 0.64 2.13 -10.17
CA ASN B 133 -0.72 1.79 -9.81
C ASN B 133 -1.69 2.31 -10.90
N ILE B 134 -1.38 3.50 -11.41
CA ILE B 134 -2.29 4.15 -12.35
C ILE B 134 -2.14 3.48 -13.70
N LEU B 135 -0.89 3.29 -14.12
CA LEU B 135 -0.56 2.59 -15.32
C LEU B 135 -1.14 1.17 -15.33
N HIS B 136 -0.96 0.44 -14.23
CA HIS B 136 -1.52 -0.93 -14.17
C HIS B 136 -3.04 -0.98 -14.25
N ALA B 137 -3.73 -0.08 -13.51
CA ALA B 137 -5.22 -0.05 -13.56
C ALA B 137 -5.69 0.21 -14.98
N ALA B 138 -5.05 1.15 -15.65
CA ALA B 138 -5.40 1.59 -17.02
C ALA B 138 -5.19 0.42 -17.96
N LYS B 139 -4.01 -0.20 -17.91
CA LYS B 139 -3.81 -1.46 -18.64
C LYS B 139 -4.93 -2.47 -18.39
N ASN B 140 -5.21 -2.74 -17.12
CA ASN B 140 -6.26 -3.71 -16.85
C ASN B 140 -7.61 -3.27 -17.35
N ALA B 141 -7.88 -1.95 -17.32
CA ALA B 141 -9.22 -1.51 -17.77
C ALA B 141 -9.30 -1.39 -19.32
N GLN B 142 -8.16 -1.58 -20.02
CA GLN B 142 -8.12 -1.61 -21.48
C GLN B 142 -8.59 -0.26 -21.97
N VAL B 143 -8.12 0.79 -21.30
CA VAL B 143 -8.42 2.16 -21.73
C VAL B 143 -7.91 2.39 -23.17
N GLN B 144 -8.34 3.45 -23.82
CA GLN B 144 -7.95 3.61 -25.22
C GLN B 144 -6.58 4.32 -25.34
N SER B 145 -6.27 5.19 -24.35
CA SER B 145 -5.02 5.98 -24.38
C SER B 145 -4.49 6.31 -22.99
N PHE B 146 -3.19 6.61 -22.89
CA PHE B 146 -2.55 6.82 -21.61
C PHE B 146 -1.33 7.73 -21.89
N THR B 147 -1.47 8.93 -21.38
CA THR B 147 -0.55 10.01 -21.49
C THR B 147 -0.23 10.48 -20.03
N TYR B 148 1.06 10.53 -19.72
CA TYR B 148 1.63 10.83 -18.41
C TYR B 148 2.67 11.92 -18.55
N ALA B 149 2.70 12.67 -17.45
CA ALA B 149 3.65 13.73 -17.19
C ALA B 149 5.01 13.20 -16.86
N ALA B 150 5.94 13.47 -17.77
CA ALA B 150 7.32 13.10 -17.50
C ALA B 150 8.04 14.40 -17.25
N SER B 151 9.36 14.37 -17.21
CA SER B 151 10.07 15.60 -16.87
C SER B 151 11.30 15.87 -17.73
N SER B 152 11.53 17.15 -18.05
CA SER B 152 12.87 17.63 -18.53
C SER B 152 14.03 17.36 -17.60
N SER B 153 13.75 17.19 -16.32
CA SER B 153 14.81 16.76 -15.40
C SER B 153 15.50 15.44 -15.82
N THR B 154 14.87 14.70 -16.74
CA THR B 154 15.48 13.47 -17.14
C THR B 154 16.76 13.62 -17.97
N TYR B 155 16.98 14.78 -18.55
CA TYR B 155 18.22 14.96 -19.31
C TYR B 155 19.46 14.97 -18.39
N GLY B 156 19.26 15.23 -17.10
CA GLY B 156 20.34 15.15 -16.08
C GLY B 156 21.55 16.01 -16.34
N ASP B 157 22.69 15.34 -16.36
CA ASP B 157 23.95 16.00 -16.64
C ASP B 157 24.25 16.12 -18.15
N HIS B 158 23.37 15.65 -19.04
CA HIS B 158 23.76 15.56 -20.51
C HIS B 158 24.11 16.93 -21.07
N PRO B 159 25.30 17.10 -21.68
CA PRO B 159 25.62 18.52 -21.95
C PRO B 159 25.01 19.11 -23.23
N ALA B 160 24.61 18.28 -24.19
CA ALA B 160 24.23 18.75 -25.55
C ALA B 160 23.03 19.65 -25.53
N LEU B 161 23.12 20.78 -26.20
CA LEU B 161 21.99 21.71 -26.40
C LEU B 161 21.66 21.85 -27.86
N PRO B 162 20.36 21.79 -28.24
CA PRO B 162 19.14 21.56 -27.43
C PRO B 162 18.91 20.09 -27.05
N LYS B 163 17.88 19.80 -26.23
CA LYS B 163 17.68 18.41 -25.78
C LYS B 163 16.86 17.63 -26.80
N VAL B 164 17.37 16.48 -27.18
CA VAL B 164 16.62 15.59 -28.05
C VAL B 164 16.38 14.37 -27.25
N GLU B 165 15.19 13.79 -27.46
CA GLU B 165 14.65 12.73 -26.61
C GLU B 165 15.60 11.53 -26.43
N GLU B 166 16.38 11.20 -27.46
CA GLU B 166 17.26 10.01 -27.39
C GLU B 166 18.42 10.15 -26.41
N ASN B 167 18.82 11.39 -26.11
CA ASN B 167 20.09 11.57 -25.41
C ASN B 167 19.94 12.17 -24.02
N ILE B 168 19.89 11.31 -22.99
CA ILE B 168 19.78 11.75 -21.60
C ILE B 168 21.03 11.33 -20.82
N GLY B 169 21.18 11.85 -19.61
CA GLY B 169 22.40 11.53 -18.88
C GLY B 169 22.05 10.98 -17.51
N ASN B 170 22.95 11.20 -16.56
CA ASN B 170 22.73 10.76 -15.21
C ASN B 170 21.73 11.69 -14.56
N PRO B 171 20.69 11.13 -13.91
CA PRO B 171 19.72 11.92 -13.16
C PRO B 171 20.40 12.59 -11.96
N LEU B 172 20.02 13.82 -11.60
CA LEU B 172 20.74 14.53 -10.53
C LEU B 172 19.94 14.63 -9.23
N SER B 173 18.75 14.07 -9.20
CA SER B 173 17.94 14.19 -7.98
C SER B 173 17.02 13.01 -7.99
N PRO B 174 16.56 12.58 -6.81
CA PRO B 174 15.47 11.58 -6.65
C PRO B 174 14.26 11.89 -7.49
N TYR B 175 13.89 13.16 -7.64
CA TYR B 175 12.80 13.54 -8.51
C TYR B 175 13.04 13.08 -9.96
N ALA B 176 14.21 13.40 -10.54
CA ALA B 176 14.60 12.95 -11.90
C ALA B 176 14.56 11.41 -12.02
N VAL B 177 15.00 10.73 -10.97
CA VAL B 177 14.90 9.25 -10.92
C VAL B 177 13.43 8.89 -11.09
N THR B 178 12.52 9.47 -10.30
CA THR B 178 11.14 8.93 -10.32
C THR B 178 10.50 9.11 -11.70
N LYS B 179 10.73 10.29 -12.30
CA LYS B 179 10.16 10.61 -13.59
C LYS B 179 10.72 9.76 -14.76
N TYR B 180 12.05 9.55 -14.76
CA TYR B 180 12.74 8.57 -15.62
C TYR B 180 12.16 7.14 -15.43
N VAL B 181 11.91 6.75 -14.18
CA VAL B 181 11.31 5.42 -13.92
C VAL B 181 9.88 5.33 -14.48
N ASN B 182 9.16 6.45 -14.52
CA ASN B 182 7.88 6.52 -15.19
C ASN B 182 7.94 6.11 -16.67
N GLU B 183 8.98 6.57 -17.37
CA GLU B 183 9.22 6.28 -18.75
C GLU B 183 9.67 4.80 -18.91
N ILE B 184 10.51 4.30 -18.04
CA ILE B 184 10.95 2.88 -18.17
C ILE B 184 9.78 1.90 -17.99
N TYR B 185 9.01 2.05 -16.89
CA TYR B 185 7.86 1.23 -16.74
C TYR B 185 6.95 1.32 -17.99
N ALA B 186 6.64 2.55 -18.48
CA ALA B 186 5.79 2.76 -19.62
C ALA B 186 6.26 1.98 -20.84
N GLN B 187 7.55 2.04 -21.16
CA GLN B 187 8.09 1.30 -22.29
C GLN B 187 8.01 -0.21 -22.07
N VAL B 188 8.17 -0.62 -20.83
CA VAL B 188 8.12 -2.07 -20.47
C VAL B 188 6.67 -2.60 -20.56
N TYR B 189 5.68 -1.71 -20.30
CA TYR B 189 4.27 -2.08 -20.51
C TYR B 189 3.91 -2.24 -22.01
N ALA B 190 4.41 -1.37 -22.90
CA ALA B 190 4.15 -1.61 -24.33
C ALA B 190 4.74 -2.99 -24.79
N ARG B 191 5.95 -3.25 -24.36
CA ARG B 191 6.71 -4.45 -24.71
C ARG B 191 6.03 -5.71 -24.14
N THR B 192 5.59 -5.59 -22.91
CA THR B 192 5.19 -6.74 -22.17
C THR B 192 3.67 -6.95 -22.37
N TYR B 193 2.88 -5.88 -22.30
CA TYR B 193 1.41 -6.01 -22.43
C TYR B 193 0.87 -5.57 -23.79
N GLY B 194 1.72 -4.98 -24.63
CA GLY B 194 1.22 -4.31 -25.84
C GLY B 194 0.45 -3.03 -25.45
N PHE B 195 0.63 -2.52 -24.25
CA PHE B 195 -0.11 -1.31 -23.86
C PHE B 195 0.72 -0.05 -24.16
N LYS B 196 0.37 0.66 -25.23
CA LYS B 196 1.18 1.76 -25.76
C LYS B 196 0.80 3.11 -25.19
N THR B 197 1.77 3.76 -24.51
CA THR B 197 1.67 5.04 -23.87
C THR B 197 2.46 6.17 -24.59
N ILE B 198 2.13 7.40 -24.23
CA ILE B 198 2.96 8.58 -24.50
C ILE B 198 3.38 9.29 -23.15
N GLY B 199 4.71 9.44 -23.00
CA GLY B 199 5.32 10.21 -21.90
C GLY B 199 5.63 11.61 -22.40
N LEU B 200 5.14 12.60 -21.70
CA LEU B 200 5.44 13.98 -22.11
C LEU B 200 6.56 14.62 -21.23
N ARG B 201 7.79 14.82 -21.72
CA ARG B 201 8.79 15.55 -20.90
C ARG B 201 8.53 17.05 -20.93
N TYR B 202 7.83 17.51 -19.89
CA TYR B 202 7.52 18.92 -19.83
C TYR B 202 8.79 19.64 -19.43
N PHE B 203 8.97 20.85 -19.97
CA PHE B 203 10.01 21.79 -19.55
C PHE B 203 9.38 22.96 -18.85
N ASN B 204 9.46 23.06 -17.55
CA ASN B 204 9.14 24.36 -16.88
C ASN B 204 7.94 25.12 -17.43
N VAL B 205 6.78 24.56 -17.15
CA VAL B 205 5.50 25.01 -17.56
C VAL B 205 5.08 26.14 -16.62
N PHE B 206 4.30 27.07 -17.15
CA PHE B 206 3.82 28.17 -16.34
C PHE B 206 2.52 28.63 -16.95
N GLY B 207 1.76 29.35 -16.13
CA GLY B 207 0.39 29.81 -16.51
C GLY B 207 -0.53 30.00 -15.31
N ARG B 208 -1.81 30.25 -15.57
CA ARG B 208 -2.78 30.49 -14.47
C ARG B 208 -2.88 29.28 -13.56
N ARG B 209 -2.93 29.50 -12.25
CA ARG B 209 -3.14 28.39 -11.27
C ARG B 209 -1.91 27.63 -10.90
N GLN B 210 -0.75 28.12 -11.33
CA GLN B 210 0.49 27.57 -10.77
C GLN B 210 0.64 28.23 -9.40
N ASP B 211 0.84 27.42 -8.38
CA ASP B 211 0.83 27.96 -7.01
C ASP B 211 2.03 28.86 -6.72
N PRO B 212 1.75 30.08 -6.23
CA PRO B 212 2.87 30.90 -5.88
C PRO B 212 3.28 30.75 -4.41
N ASN B 213 2.45 30.13 -3.56
CA ASN B 213 2.65 30.09 -2.13
C ASN B 213 3.37 28.77 -1.81
N GLY B 214 4.12 28.66 -0.72
CA GLY B 214 4.80 27.36 -0.51
C GLY B 214 6.31 27.47 -0.65
N ALA B 215 7.00 26.67 0.15
CA ALA B 215 8.44 26.73 0.14
C ALA B 215 8.92 26.13 -1.16
N TYR B 216 8.03 25.47 -1.86
CA TYR B 216 8.45 24.84 -3.10
C TYR B 216 7.98 25.54 -4.38
N ALA B 217 7.53 26.80 -4.30
CA ALA B 217 6.91 27.41 -5.49
C ALA B 217 7.94 27.49 -6.63
N ALA B 218 7.50 27.21 -7.86
CA ALA B 218 8.29 27.41 -9.08
C ALA B 218 8.65 28.86 -9.30
N VAL B 219 9.70 29.10 -10.08
CA VAL B 219 10.31 30.42 -10.15
C VAL B 219 9.33 31.52 -10.57
N ILE B 220 8.49 31.23 -11.58
CA ILE B 220 7.64 32.27 -12.13
C ILE B 220 6.53 32.72 -11.17
N PRO B 221 5.71 31.77 -10.65
CA PRO B 221 4.77 32.36 -9.68
C PRO B 221 5.51 32.89 -8.44
N LYS B 222 6.61 32.25 -8.04
CA LYS B 222 7.38 32.81 -6.93
C LYS B 222 7.81 34.29 -7.12
N TRP B 223 8.40 34.57 -8.27
CA TRP B 223 8.96 35.87 -8.54
C TRP B 223 7.84 36.88 -8.72
N THR B 224 6.72 36.48 -9.31
CA THR B 224 5.56 37.35 -9.49
C THR B 224 5.01 37.86 -8.16
N ALA B 225 4.84 36.92 -7.22
CA ALA B 225 4.33 37.20 -5.88
C ALA B 225 5.32 38.09 -5.10
N ALA B 226 6.59 37.69 -5.08
CA ALA B 226 7.67 38.53 -4.60
C ALA B 226 7.60 39.95 -5.19
N MET B 227 7.48 40.09 -6.50
CA MET B 227 7.46 41.48 -7.04
C MET B 227 6.25 42.30 -6.64
N LEU B 228 5.09 41.66 -6.57
CA LEU B 228 3.88 42.34 -6.16
C LEU B 228 3.94 42.81 -4.71
N LYS B 229 4.67 42.07 -3.88
CA LYS B 229 4.77 42.46 -2.49
C LYS B 229 5.97 43.36 -2.14
N GLY B 230 6.91 43.53 -3.08
CA GLY B 230 8.12 44.31 -2.79
C GLY B 230 9.06 43.53 -1.89
N ASP B 231 8.89 42.22 -1.87
CA ASP B 231 9.82 41.29 -1.20
C ASP B 231 11.01 40.97 -2.10
N ASP B 232 12.03 40.38 -1.48
CA ASP B 232 13.32 40.18 -2.12
C ASP B 232 13.24 39.04 -3.07
N VAL B 233 13.70 39.31 -4.29
CA VAL B 233 13.74 38.32 -5.32
C VAL B 233 15.13 37.73 -5.28
N TYR B 234 15.20 36.42 -5.09
CA TYR B 234 16.50 35.77 -5.00
C TYR B 234 16.76 34.95 -6.27
N ILE B 235 18.04 34.92 -6.65
CA ILE B 235 18.55 34.14 -7.76
C ILE B 235 19.49 33.05 -7.23
N ASN B 236 19.03 31.80 -7.34
CA ASN B 236 19.88 30.64 -7.02
C ASN B 236 20.90 30.40 -8.13
N GLY B 237 22.07 31.01 -7.96
CA GLY B 237 23.18 30.82 -8.89
C GLY B 237 23.87 32.10 -9.28
N ASP B 238 24.29 32.15 -10.54
CA ASP B 238 24.84 33.36 -11.14
C ASP B 238 23.77 34.03 -12.01
N GLY B 239 22.60 33.40 -12.08
CA GLY B 239 21.48 33.86 -12.90
C GLY B 239 21.56 33.38 -14.34
N GLU B 240 22.66 32.72 -14.69
CA GLU B 240 22.86 32.20 -16.04
C GLU B 240 22.41 30.73 -16.22
N THR B 241 21.66 30.21 -15.23
CA THR B 241 20.89 28.97 -15.37
C THR B 241 19.80 29.31 -16.37
N SER B 242 19.53 28.40 -17.31
CA SER B 242 18.71 28.72 -18.48
C SER B 242 17.65 27.66 -18.72
N ARG B 243 16.49 28.07 -19.21
CA ARG B 243 15.31 27.14 -19.29
C ARG B 243 14.48 27.38 -20.56
N ASP B 244 13.60 26.42 -20.89
CA ASP B 244 12.60 26.52 -21.95
C ASP B 244 11.22 26.70 -21.27
N PHE B 245 10.85 27.95 -20.95
CA PHE B 245 9.57 28.20 -20.28
C PHE B 245 8.41 28.05 -21.23
N CYS B 246 7.42 27.25 -20.80
CA CYS B 246 6.39 26.72 -21.67
C CYS B 246 5.01 27.07 -21.10
N TYR B 247 4.35 28.06 -21.71
CA TYR B 247 3.02 28.42 -21.24
C TYR B 247 2.06 27.23 -21.31
N ILE B 248 1.15 27.13 -20.35
CA ILE B 248 0.24 26.02 -20.18
C ILE B 248 -0.53 25.61 -21.47
N ASP B 249 -1.01 26.58 -22.26
CA ASP B 249 -1.79 26.18 -23.46
C ASP B 249 -1.07 25.13 -24.36
N ASN B 250 0.26 25.30 -24.53
CA ASN B 250 1.10 24.35 -25.23
C ASN B 250 1.06 22.95 -24.69
N VAL B 251 1.02 22.81 -23.36
CA VAL B 251 0.84 21.52 -22.68
C VAL B 251 -0.56 20.87 -22.89
N ILE B 252 -1.62 21.68 -22.88
CA ILE B 252 -2.97 21.16 -23.12
C ILE B 252 -3.06 20.66 -24.56
N GLN B 253 -2.53 21.43 -25.52
CA GLN B 253 -2.49 20.95 -26.89
C GLN B 253 -1.80 19.57 -26.92
N MET B 254 -0.59 19.43 -26.34
CA MET B 254 0.20 18.17 -26.43
C MET B 254 -0.46 16.94 -25.75
N ASN B 255 -1.11 17.15 -24.60
CA ASN B 255 -1.85 16.07 -23.95
C ASN B 255 -2.95 15.59 -24.88
N ILE B 256 -3.59 16.56 -25.55
CA ILE B 256 -4.80 16.21 -26.30
C ILE B 256 -4.49 15.58 -27.63
N LEU B 257 -3.42 16.08 -28.31
CA LEU B 257 -2.88 15.45 -29.49
C LEU B 257 -2.35 14.03 -29.15
N SER B 258 -1.71 13.88 -27.99
CA SER B 258 -1.15 12.60 -27.52
C SER B 258 -2.28 11.56 -27.26
N ALA B 259 -3.41 12.04 -26.80
CA ALA B 259 -4.46 11.15 -26.34
C ALA B 259 -5.14 10.52 -27.53
N LEU B 260 -5.21 11.33 -28.60
CA LEU B 260 -5.76 10.92 -29.87
C LEU B 260 -4.72 10.62 -30.95
N ALA B 261 -3.47 10.41 -30.52
CA ALA B 261 -2.34 10.06 -31.41
C ALA B 261 -2.64 8.83 -32.25
N LYS B 262 -2.15 8.75 -33.51
CA LYS B 262 -2.26 7.50 -34.28
C LYS B 262 -1.36 6.47 -33.61
N ASP B 263 -1.67 5.21 -33.80
CA ASP B 263 -0.97 4.16 -33.06
C ASP B 263 0.56 4.26 -33.11
N SER B 264 1.11 4.53 -34.27
CA SER B 264 2.57 4.48 -34.50
C SER B 264 3.33 5.58 -33.77
N ALA B 265 2.61 6.60 -33.28
CA ALA B 265 3.22 7.74 -32.55
C ALA B 265 3.15 7.50 -31.04
N LYS B 266 2.47 6.44 -30.62
CA LYS B 266 2.43 5.97 -29.23
C LYS B 266 3.63 5.11 -28.87
N ASP B 267 3.77 4.78 -27.59
CA ASP B 267 5.03 4.18 -27.02
C ASP B 267 6.18 5.09 -27.39
N ASN B 268 5.98 6.40 -27.14
CA ASN B 268 7.01 7.36 -27.48
C ASN B 268 7.10 8.44 -26.44
N ILE B 269 8.31 8.97 -26.26
CA ILE B 269 8.53 10.14 -25.41
C ILE B 269 8.67 11.37 -26.26
N TYR B 270 8.11 12.46 -25.77
CA TYR B 270 8.10 13.75 -26.43
C TYR B 270 8.49 14.91 -25.51
N ASN B 271 9.47 15.70 -25.94
CA ASN B 271 9.71 16.98 -25.27
C ASN B 271 8.47 17.83 -25.45
N VAL B 272 8.03 18.46 -24.36
CA VAL B 272 7.00 19.49 -24.49
C VAL B 272 7.56 20.84 -24.06
N ALA B 273 7.72 21.71 -25.05
CA ALA B 273 8.12 23.07 -24.83
C ALA B 273 8.02 23.85 -26.14
N VAL B 274 8.68 25.00 -26.16
CA VAL B 274 8.67 25.97 -27.22
C VAL B 274 9.98 25.94 -28.07
N GLY B 275 11.08 25.46 -27.49
CA GLY B 275 12.35 25.50 -28.22
C GLY B 275 13.21 26.76 -27.99
N ASP B 276 12.75 27.66 -27.12
CA ASP B 276 13.53 28.85 -26.71
C ASP B 276 14.36 28.60 -25.46
N ARG B 277 15.17 29.58 -25.11
CA ARG B 277 16.08 29.44 -24.00
C ARG B 277 16.16 30.78 -23.29
N THR B 278 15.83 30.80 -21.98
CA THR B 278 15.88 32.04 -21.18
C THR B 278 16.65 31.90 -19.87
N THR B 279 17.63 32.76 -19.64
CA THR B 279 18.37 32.70 -18.35
C THR B 279 17.51 33.25 -17.26
N LEU B 280 17.83 32.89 -16.02
CA LEU B 280 17.08 33.43 -14.88
C LEU B 280 17.25 34.95 -14.84
N ASN B 281 18.41 35.42 -15.29
CA ASN B 281 18.74 36.85 -15.37
C ASN B 281 17.70 37.57 -16.26
N GLU B 282 17.34 36.98 -17.41
CA GLU B 282 16.45 37.66 -18.36
C GLU B 282 14.97 37.55 -17.93
N LEU B 283 14.65 36.42 -17.33
CA LEU B 283 13.31 36.18 -16.80
C LEU B 283 12.92 37.17 -15.73
N SER B 284 13.86 37.55 -14.87
CA SER B 284 13.60 38.56 -13.86
C SER B 284 13.17 39.89 -14.52
N GLY B 285 13.80 40.22 -15.63
CA GLY B 285 13.43 41.41 -16.43
C GLY B 285 12.08 41.30 -17.12
N TYR B 286 11.79 40.16 -17.73
CA TYR B 286 10.52 39.98 -18.41
C TYR B 286 9.35 40.08 -17.43
N ILE B 287 9.46 39.38 -16.30
CA ILE B 287 8.43 39.37 -15.27
C ILE B 287 8.14 40.83 -14.79
N TYR B 288 9.22 41.54 -14.46
CA TYR B 288 9.19 42.95 -14.09
C TYR B 288 8.51 43.83 -15.16
N ASP B 289 8.89 43.67 -16.43
CA ASP B 289 8.28 44.49 -17.49
C ASP B 289 6.78 44.19 -17.59
N GLU B 290 6.41 42.92 -17.63
CA GLU B 290 4.99 42.55 -17.69
C GLU B 290 4.15 43.09 -16.51
N LEU B 291 4.69 42.96 -15.29
CA LEU B 291 4.05 43.51 -14.08
C LEU B 291 3.89 45.04 -14.08
N ASN B 292 4.93 45.77 -14.50
CA ASN B 292 4.96 47.23 -14.43
C ASN B 292 3.92 47.89 -15.33
N LEU B 293 3.59 47.22 -16.44
CA LEU B 293 2.43 47.57 -17.27
C LEU B 293 1.12 47.41 -16.51
N ILE B 294 1.14 46.52 -15.49
CA ILE B 294 -0.04 46.14 -14.68
C ILE B 294 -0.08 46.90 -13.38
N HIS B 295 1.10 47.33 -12.90
CA HIS B 295 1.33 48.55 -12.08
C HIS B 295 1.42 48.56 -10.54
N HIS B 296 2.65 48.51 -10.06
CA HIS B 296 2.99 48.77 -8.66
C HIS B 296 4.48 49.15 -8.62
N ILE B 302 17.00 42.63 -6.44
CA ILE B 302 17.49 41.31 -6.79
C ILE B 302 18.74 40.94 -5.99
N LYS B 303 18.69 39.77 -5.35
CA LYS B 303 19.80 39.24 -4.54
C LYS B 303 20.36 37.98 -5.22
N TYR B 304 21.67 37.73 -5.07
CA TYR B 304 22.25 36.46 -5.47
C TYR B 304 22.60 35.56 -4.29
N ARG B 305 22.33 34.26 -4.43
CA ARG B 305 22.75 33.29 -3.41
C ARG B 305 23.18 31.99 -4.08
N GLU B 306 23.40 30.94 -3.30
CA GLU B 306 23.88 29.65 -3.81
C GLU B 306 23.03 29.06 -4.94
N PHE B 307 23.71 28.45 -5.90
CA PHE B 307 23.05 27.51 -6.82
C PHE B 307 22.22 26.52 -5.99
N ARG B 308 21.13 26.02 -6.56
CA ARG B 308 20.33 25.05 -5.86
C ARG B 308 20.83 23.64 -6.11
N SER B 309 20.86 22.81 -5.06
CA SER B 309 21.41 21.45 -5.20
C SER B 309 20.60 20.54 -6.14
N GLY B 310 21.33 19.74 -6.92
CA GLY B 310 20.74 18.96 -7.99
C GLY B 310 19.97 19.72 -9.06
N ASP B 311 20.18 21.04 -9.16
CA ASP B 311 19.50 21.84 -10.21
C ASP B 311 20.16 21.56 -11.58
N VAL B 312 19.38 21.31 -12.63
CA VAL B 312 19.97 21.26 -14.00
C VAL B 312 20.55 22.65 -14.40
N ARG B 313 21.74 22.70 -15.01
CA ARG B 313 22.38 23.97 -15.44
C ARG B 313 21.63 24.74 -16.55
N ALA B 314 21.19 24.04 -17.61
CA ALA B 314 20.69 24.71 -18.83
C ALA B 314 19.80 23.75 -19.58
N SER B 315 18.71 24.31 -20.11
CA SER B 315 17.66 23.48 -20.69
C SER B 315 17.02 24.22 -21.88
N GLN B 316 17.07 23.61 -23.05
CA GLN B 316 16.37 24.16 -24.24
C GLN B 316 15.92 22.94 -25.02
N ALA B 317 14.62 22.84 -25.28
CA ALA B 317 14.05 21.67 -25.93
C ALA B 317 14.20 21.69 -27.44
N ASP B 318 14.47 20.52 -28.03
CA ASP B 318 14.21 20.33 -29.45
C ASP B 318 12.85 19.60 -29.55
N VAL B 319 11.86 20.31 -30.08
CA VAL B 319 10.48 19.81 -30.14
C VAL B 319 10.12 19.34 -31.59
N THR B 320 11.17 19.06 -32.39
CA THR B 320 11.04 18.49 -33.72
C THR B 320 10.16 17.26 -33.75
N LYS B 321 10.34 16.35 -32.79
CA LYS B 321 9.65 15.05 -32.89
C LYS B 321 8.14 15.21 -32.62
N ALA B 322 7.79 16.06 -31.68
CA ALA B 322 6.37 16.38 -31.51
C ALA B 322 5.80 17.01 -32.78
N ILE B 323 6.52 17.99 -33.32
CA ILE B 323 6.04 18.75 -34.46
C ILE B 323 5.77 17.74 -35.62
N ASP B 324 6.80 16.90 -35.90
CA ASP B 324 6.72 15.84 -36.93
C ASP B 324 5.67 14.77 -36.69
N LEU B 325 5.79 14.05 -35.58
CA LEU B 325 4.99 12.87 -35.32
C LEU B 325 3.58 13.20 -34.84
N LEU B 326 3.40 14.34 -34.19
CA LEU B 326 2.04 14.62 -33.69
C LEU B 326 1.36 15.84 -34.29
N LYS B 327 2.06 16.56 -35.14
CA LYS B 327 1.58 17.85 -35.69
C LYS B 327 1.38 18.90 -34.60
N TYR B 328 2.19 18.79 -33.54
CA TYR B 328 2.27 19.80 -32.46
C TYR B 328 2.70 21.15 -33.04
N ARG B 329 1.96 22.18 -32.68
CA ARG B 329 2.21 23.53 -33.16
C ARG B 329 2.28 24.47 -31.98
N PRO B 330 3.44 24.61 -31.30
CA PRO B 330 3.55 25.52 -30.15
C PRO B 330 3.20 26.96 -30.60
N ASN B 331 2.23 27.58 -29.92
CA ASN B 331 1.72 28.92 -30.31
C ASN B 331 2.07 30.08 -29.41
N ILE B 332 2.52 29.85 -28.19
CA ILE B 332 2.67 30.98 -27.27
C ILE B 332 4.08 30.94 -26.69
N LYS B 333 4.82 32.03 -26.84
CA LYS B 333 6.18 32.11 -26.31
C LYS B 333 6.21 32.78 -24.95
N ILE B 334 7.42 32.91 -24.38
CA ILE B 334 7.51 33.31 -22.98
C ILE B 334 6.86 34.66 -22.69
N ARG B 335 7.22 35.67 -23.49
CA ARG B 335 6.76 37.07 -23.27
C ARG B 335 5.26 37.10 -23.27
N GLU B 336 4.65 36.51 -24.31
CA GLU B 336 3.22 36.53 -24.42
C GLU B 336 2.55 35.76 -23.32
N GLY B 337 3.07 34.57 -22.98
CA GLY B 337 2.50 33.78 -21.91
C GLY B 337 2.56 34.46 -20.53
N LEU B 338 3.67 35.13 -20.26
CA LEU B 338 3.73 36.05 -19.13
C LEU B 338 2.62 37.13 -19.17
N ARG B 339 2.41 37.76 -20.32
CA ARG B 339 1.36 38.78 -20.49
C ARG B 339 -0.03 38.21 -20.12
N LEU B 340 -0.28 36.98 -20.54
CA LEU B 340 -1.55 36.33 -20.35
C LEU B 340 -1.74 35.89 -18.90
N SER B 341 -0.65 35.73 -18.16
CA SER B 341 -0.69 35.18 -16.79
C SER B 341 -0.64 36.26 -15.71
N MET B 342 0.00 37.38 -15.99
CA MET B 342 0.06 38.44 -14.96
C MET B 342 -1.31 38.82 -14.37
N PRO B 343 -2.35 39.07 -15.22
CA PRO B 343 -3.60 39.53 -14.60
C PRO B 343 -4.22 38.50 -13.63
N TRP B 344 -4.08 37.22 -13.95
CA TRP B 344 -4.46 36.12 -13.08
C TRP B 344 -3.78 36.17 -11.69
N TYR B 345 -2.47 36.43 -11.69
CA TYR B 345 -1.75 36.58 -10.41
C TYR B 345 -2.13 37.83 -9.61
N VAL B 346 -2.38 38.93 -10.30
CA VAL B 346 -2.88 40.14 -9.59
C VAL B 346 -4.21 39.82 -8.88
N ARG B 347 -5.18 39.28 -9.63
CA ARG B 347 -6.47 38.75 -9.11
C ARG B 347 -6.32 37.85 -7.88
N PHE B 348 -5.45 36.86 -8.01
CA PHE B 348 -5.22 35.86 -6.97
C PHE B 348 -4.63 36.42 -5.69
N LEU B 349 -3.56 37.19 -5.82
CA LEU B 349 -2.79 37.70 -4.68
C LEU B 349 -3.39 38.93 -4.05
N LYS B 350 -4.30 39.58 -4.76
CA LYS B 350 -5.14 40.61 -4.15
C LYS B 350 -6.19 39.89 -3.28
N TYR C 10 -11.19 -9.91 10.58
CA TYR C 10 -10.29 -10.62 9.63
C TYR C 10 -10.28 -12.12 9.92
N MET C 11 -9.86 -12.88 8.90
CA MET C 11 -9.71 -14.36 8.93
C MET C 11 -8.18 -14.68 8.87
N SER C 12 -7.51 -14.88 10.00
CA SER C 12 -6.07 -14.65 9.99
C SER C 12 -5.12 -15.81 9.63
N ARG C 13 -5.44 -17.05 10.00
CA ARG C 13 -4.70 -18.18 9.46
C ARG C 13 -5.03 -18.25 7.96
N TYR C 14 -6.25 -17.84 7.61
CA TYR C 14 -6.65 -17.80 6.19
C TYR C 14 -5.91 -16.70 5.41
N GLU C 15 -5.78 -15.52 6.02
CA GLU C 15 -5.01 -14.45 5.44
C GLU C 15 -3.47 -14.72 5.42
N GLU C 16 -2.99 -15.65 6.24
CA GLU C 16 -1.58 -16.00 6.23
C GLU C 16 -1.30 -16.86 5.01
N ILE C 17 -2.10 -17.91 4.92
CA ILE C 17 -2.02 -18.88 3.88
C ILE C 17 -2.13 -18.25 2.48
N THR C 18 -3.15 -17.41 2.24
CA THR C 18 -3.34 -16.80 0.92
C THR C 18 -2.10 -15.96 0.50
N GLN C 19 -1.53 -15.24 1.45
CA GLN C 19 -0.25 -14.55 1.26
C GLN C 19 0.87 -15.50 0.84
N GLN C 20 1.08 -16.56 1.63
CA GLN C 20 1.97 -17.66 1.26
C GLN C 20 1.69 -18.16 -0.17
N LEU C 21 0.44 -18.51 -0.51
CA LEU C 21 0.18 -18.95 -1.88
C LEU C 21 0.73 -17.98 -2.98
N ILE C 22 0.45 -16.66 -2.85
CA ILE C 22 0.90 -15.62 -3.80
C ILE C 22 2.43 -15.68 -4.01
N PHE C 23 3.15 -15.78 -2.91
CA PHE C 23 4.61 -15.79 -2.93
C PHE C 23 5.21 -17.09 -3.60
N SER C 24 4.46 -18.18 -3.51
CA SER C 24 4.90 -19.45 -4.12
C SER C 24 3.68 -20.26 -4.60
N PRO C 25 3.20 -19.95 -5.81
CA PRO C 25 1.95 -20.56 -6.26
C PRO C 25 2.08 -22.05 -6.53
N LYS C 26 1.00 -22.77 -6.28
CA LYS C 26 1.00 -24.20 -6.43
C LYS C 26 0.02 -24.47 -7.54
N THR C 27 -0.02 -25.74 -7.94
CA THR C 27 -0.98 -26.22 -8.94
C THR C 27 -2.18 -26.94 -8.34
N TRP C 28 -3.35 -26.37 -8.60
CA TRP C 28 -4.66 -26.81 -8.06
C TRP C 28 -5.46 -27.51 -9.15
N LEU C 29 -6.09 -28.63 -8.80
CA LEU C 29 -7.18 -29.20 -9.63
C LEU C 29 -8.51 -28.82 -9.01
N ILE C 30 -9.34 -28.14 -9.79
CA ILE C 30 -10.74 -27.94 -9.34
C ILE C 30 -11.63 -28.79 -10.26
N THR C 31 -12.27 -29.82 -9.72
CA THR C 31 -13.36 -30.47 -10.45
C THR C 31 -14.67 -29.72 -10.15
N GLY C 32 -15.51 -29.65 -11.18
CA GLY C 32 -16.75 -28.90 -11.15
C GLY C 32 -16.46 -27.41 -11.22
N VAL C 33 -15.34 -27.04 -11.83
CA VAL C 33 -14.81 -25.65 -11.87
C VAL C 33 -15.82 -24.63 -12.49
N ALA C 34 -16.70 -25.14 -13.37
CA ALA C 34 -17.73 -24.37 -14.08
C ALA C 34 -19.03 -24.16 -13.33
N GLY C 35 -19.10 -24.73 -12.13
CA GLY C 35 -20.30 -24.57 -11.29
C GLY C 35 -20.21 -23.45 -10.25
N PHE C 36 -21.22 -23.37 -9.41
CA PHE C 36 -21.27 -22.36 -8.35
C PHE C 36 -19.98 -22.32 -7.47
N ILE C 37 -19.76 -23.38 -6.70
CA ILE C 37 -18.68 -23.35 -5.73
C ILE C 37 -17.34 -23.43 -6.48
N GLY C 38 -17.30 -24.23 -7.54
CA GLY C 38 -16.07 -24.41 -8.37
C GLY C 38 -15.66 -23.14 -9.04
N SER C 39 -16.59 -22.34 -9.56
CA SER C 39 -16.23 -21.05 -10.22
C SER C 39 -15.83 -20.02 -9.17
N ASN C 40 -16.39 -20.10 -7.96
CA ASN C 40 -15.92 -19.17 -6.90
C ASN C 40 -14.50 -19.51 -6.41
N LEU C 41 -14.18 -20.79 -6.31
CA LEU C 41 -12.86 -21.25 -6.04
C LEU C 41 -11.88 -20.81 -7.11
N LEU C 42 -12.30 -20.94 -8.37
CA LEU C 42 -11.42 -20.58 -9.48
C LEU C 42 -11.19 -19.04 -9.35
N GLU C 43 -12.26 -18.32 -9.10
CA GLU C 43 -12.07 -16.84 -9.03
C GLU C 43 -11.08 -16.49 -7.91
N LYS C 44 -11.24 -17.03 -6.73
CA LYS C 44 -10.24 -16.70 -5.71
C LYS C 44 -8.78 -17.15 -6.08
N LEU C 45 -8.63 -18.36 -6.65
CA LEU C 45 -7.31 -18.93 -6.81
C LEU C 45 -6.53 -18.19 -7.91
N LEU C 46 -7.21 -17.81 -9.00
CA LEU C 46 -6.53 -17.02 -10.00
C LEU C 46 -6.20 -15.63 -9.50
N LYS C 47 -7.01 -15.07 -8.62
CA LYS C 47 -6.70 -13.71 -8.07
C LYS C 47 -5.45 -13.81 -7.15
N LEU C 48 -5.14 -15.02 -6.69
CA LEU C 48 -3.89 -15.25 -5.92
C LEU C 48 -2.73 -15.75 -6.81
N ASN C 49 -2.96 -15.70 -8.12
CA ASN C 49 -1.91 -16.02 -9.12
C ASN C 49 -1.59 -17.51 -9.12
N GLN C 50 -2.55 -18.33 -8.71
CA GLN C 50 -2.31 -19.78 -8.66
C GLN C 50 -2.37 -20.39 -10.02
N VAL C 51 -1.71 -21.55 -10.19
CA VAL C 51 -1.90 -22.33 -11.40
C VAL C 51 -3.08 -23.26 -11.15
N VAL C 52 -3.97 -23.40 -12.13
CA VAL C 52 -5.26 -24.03 -11.89
C VAL C 52 -5.65 -24.83 -13.08
N ILE C 53 -5.90 -26.12 -12.82
CA ILE C 53 -6.39 -27.08 -13.79
C ILE C 53 -7.84 -27.29 -13.43
N GLY C 54 -8.73 -27.13 -14.41
CA GLY C 54 -10.14 -27.26 -14.16
C GLY C 54 -10.66 -28.37 -15.04
N LEU C 55 -11.64 -29.14 -14.48
CA LEU C 55 -12.31 -30.22 -15.18
C LEU C 55 -13.80 -30.10 -14.99
N ASP C 56 -14.57 -30.10 -16.07
CA ASP C 56 -16.05 -30.00 -15.93
C ASP C 56 -16.69 -30.59 -17.19
N ASN C 57 -17.89 -31.18 -17.09
CA ASN C 57 -18.57 -31.65 -18.31
C ASN C 57 -19.76 -30.75 -18.72
N PHE C 58 -19.86 -29.55 -18.11
CA PHE C 58 -20.95 -28.65 -18.35
C PHE C 58 -22.29 -29.31 -18.23
N SER C 59 -22.44 -30.18 -17.25
CA SER C 59 -23.75 -30.81 -17.01
C SER C 59 -24.62 -29.79 -16.31
N THR C 60 -24.28 -29.48 -15.06
CA THR C 60 -25.04 -28.45 -14.36
C THR C 60 -24.35 -27.13 -14.36
N GLY C 61 -23.05 -27.12 -14.65
CA GLY C 61 -22.30 -25.87 -14.81
C GLY C 61 -22.50 -25.22 -16.18
N HIS C 62 -21.71 -24.18 -16.41
CA HIS C 62 -22.01 -23.22 -17.44
C HIS C 62 -20.70 -22.63 -17.98
N GLN C 63 -20.54 -22.65 -19.30
CA GLN C 63 -19.39 -22.01 -19.90
C GLN C 63 -19.43 -20.49 -19.52
N TYR C 64 -20.61 -19.97 -19.32
CA TYR C 64 -20.68 -18.56 -19.03
C TYR C 64 -20.18 -18.23 -17.62
N ASN C 65 -20.13 -19.23 -16.75
CA ASN C 65 -19.51 -19.01 -15.44
C ASN C 65 -18.02 -18.77 -15.54
N LEU C 66 -17.39 -19.50 -16.46
CA LEU C 66 -15.95 -19.25 -16.79
C LEU C 66 -15.76 -17.89 -17.49
N ASP C 67 -16.67 -17.54 -18.38
CA ASP C 67 -16.57 -16.25 -19.08
C ASP C 67 -16.61 -15.12 -18.04
N GLU C 68 -17.46 -15.25 -17.02
CA GLU C 68 -17.58 -14.19 -15.98
C GLU C 68 -16.28 -14.11 -15.18
N VAL C 69 -15.76 -15.24 -14.71
CA VAL C 69 -14.50 -15.22 -13.96
C VAL C 69 -13.38 -14.54 -14.78
N LYS C 70 -13.28 -14.87 -16.08
CA LYS C 70 -12.29 -14.28 -16.98
C LYS C 70 -12.40 -12.73 -17.01
N THR C 71 -13.61 -12.21 -16.78
CA THR C 71 -13.78 -10.74 -16.73
C THR C 71 -13.35 -10.16 -15.39
N LEU C 72 -13.14 -11.02 -14.38
CA LEU C 72 -12.74 -10.60 -13.04
C LEU C 72 -11.24 -10.70 -12.75
N VAL C 73 -10.46 -11.29 -13.65
CA VAL C 73 -9.02 -11.40 -13.40
C VAL C 73 -8.25 -10.91 -14.57
N SER C 74 -6.98 -10.58 -14.38
CA SER C 74 -6.18 -10.10 -15.49
C SER C 74 -5.95 -11.20 -16.51
N THR C 75 -5.63 -10.81 -17.74
CA THR C 75 -5.28 -11.82 -18.77
C THR C 75 -4.10 -12.68 -18.31
N GLU C 76 -3.20 -12.07 -17.52
CA GLU C 76 -2.05 -12.87 -17.03
C GLU C 76 -2.52 -13.90 -16.02
N GLN C 77 -3.46 -13.50 -15.21
CA GLN C 77 -3.94 -14.44 -14.24
C GLN C 77 -4.71 -15.54 -14.95
N TRP C 78 -5.47 -15.14 -15.97
CA TRP C 78 -6.36 -16.06 -16.67
C TRP C 78 -5.50 -17.08 -17.43
N SER C 79 -4.32 -16.65 -17.91
CA SER C 79 -3.44 -17.52 -18.67
C SER C 79 -2.89 -18.69 -17.82
N ARG C 80 -3.03 -18.61 -16.49
CA ARG C 80 -2.61 -19.71 -15.65
C ARG C 80 -3.67 -20.81 -15.40
N PHE C 81 -4.81 -20.65 -16.08
CA PHE C 81 -5.94 -21.57 -15.96
C PHE C 81 -6.02 -22.46 -17.19
N CYS C 82 -5.87 -23.76 -16.97
CA CYS C 82 -6.04 -24.76 -18.00
C CYS C 82 -7.36 -25.52 -17.75
N PHE C 83 -8.28 -25.39 -18.69
CA PHE C 83 -9.60 -26.01 -18.63
C PHE C 83 -9.73 -27.23 -19.56
N ILE C 84 -10.15 -28.34 -18.98
CA ILE C 84 -10.46 -29.56 -19.74
C ILE C 84 -11.96 -29.77 -19.62
N GLU C 85 -12.63 -29.86 -20.76
CA GLU C 85 -14.03 -30.33 -20.78
C GLU C 85 -14.02 -31.86 -20.73
N GLY C 86 -14.66 -32.47 -19.72
CA GLY C 86 -14.49 -33.91 -19.51
C GLY C 86 -15.30 -34.32 -18.27
N ASP C 87 -15.26 -35.60 -17.94
CA ASP C 87 -16.25 -36.21 -17.08
C ASP C 87 -15.57 -37.07 -16.07
N ILE C 88 -15.81 -36.81 -14.78
CA ILE C 88 -15.18 -37.57 -13.70
C ILE C 88 -15.55 -39.07 -13.75
N ARG C 89 -16.56 -39.46 -14.56
CA ARG C 89 -16.92 -40.86 -14.62
C ARG C 89 -15.89 -41.67 -15.45
N ASP C 90 -15.05 -40.96 -16.21
CA ASP C 90 -14.04 -41.60 -17.02
C ASP C 90 -12.70 -41.56 -16.29
N LEU C 91 -12.21 -42.72 -15.84
CA LEU C 91 -11.01 -42.78 -15.01
C LEU C 91 -9.77 -42.16 -15.73
N THR C 92 -9.63 -42.46 -16.99
CA THR C 92 -8.53 -41.91 -17.76
C THR C 92 -8.50 -40.38 -17.66
N THR C 93 -9.65 -39.77 -17.87
CA THR C 93 -9.76 -38.33 -17.78
C THR C 93 -9.20 -37.91 -16.40
N CYS C 94 -9.58 -38.64 -15.35
CA CYS C 94 -9.20 -38.22 -14.02
C CYS C 94 -7.67 -38.36 -13.81
N GLU C 95 -7.10 -39.45 -14.30
CA GLU C 95 -5.65 -39.60 -14.26
C GLU C 95 -4.91 -38.50 -15.03
N GLN C 96 -5.40 -38.15 -16.22
CA GLN C 96 -4.73 -37.13 -17.04
C GLN C 96 -4.64 -35.77 -16.36
N VAL C 97 -5.73 -35.35 -15.69
CA VAL C 97 -5.79 -33.98 -15.13
C VAL C 97 -5.07 -33.87 -13.77
N MET C 98 -4.60 -35.01 -13.28
CA MET C 98 -3.94 -35.10 -12.00
C MET C 98 -2.46 -34.78 -12.22
N LYS C 99 -1.97 -34.87 -13.47
CA LYS C 99 -0.54 -34.64 -13.81
C LYS C 99 0.00 -33.32 -13.24
N GLY C 100 0.98 -33.44 -12.34
CA GLY C 100 1.59 -32.25 -11.72
C GLY C 100 0.68 -31.44 -10.82
N VAL C 101 -0.46 -32.01 -10.41
CA VAL C 101 -1.30 -31.28 -9.48
C VAL C 101 -0.75 -31.41 -8.07
N ASP C 102 -0.77 -30.31 -7.33
CA ASP C 102 -0.40 -30.29 -5.90
C ASP C 102 -1.62 -30.57 -4.99
N HIS C 103 -2.67 -29.75 -5.15
CA HIS C 103 -3.87 -29.81 -4.31
C HIS C 103 -5.14 -30.09 -5.12
N VAL C 104 -5.96 -31.01 -4.64
CA VAL C 104 -7.25 -31.37 -5.30
C VAL C 104 -8.40 -30.77 -4.50
N LEU C 105 -9.24 -29.98 -5.17
CA LEU C 105 -10.49 -29.47 -4.60
C LEU C 105 -11.62 -30.12 -5.40
N HIS C 106 -12.27 -31.16 -4.85
CA HIS C 106 -13.20 -31.97 -5.66
C HIS C 106 -14.59 -31.44 -5.42
N GLN C 107 -15.13 -30.72 -6.40
CA GLN C 107 -16.46 -30.10 -6.26
C GLN C 107 -17.47 -30.71 -7.17
N ALA C 108 -17.02 -31.41 -8.22
CA ALA C 108 -17.97 -31.97 -9.21
C ALA C 108 -18.90 -33.02 -8.63
N ALA C 109 -20.20 -32.76 -8.76
CA ALA C 109 -21.26 -33.64 -8.27
C ALA C 109 -22.60 -33.16 -8.81
N LEU C 110 -23.57 -34.05 -8.72
CA LEU C 110 -24.95 -33.64 -8.92
C LEU C 110 -25.67 -33.39 -7.59
N GLY C 111 -26.09 -32.15 -7.40
CA GLY C 111 -26.77 -31.74 -6.19
C GLY C 111 -28.26 -32.01 -6.28
N SER C 112 -29.06 -31.34 -5.43
CA SER C 112 -30.55 -31.56 -5.40
C SER C 112 -31.01 -32.99 -4.93
N VAL C 113 -31.60 -33.02 -3.75
CA VAL C 113 -32.37 -34.12 -3.26
C VAL C 113 -33.52 -34.61 -4.24
N PRO C 114 -34.40 -33.71 -4.69
CA PRO C 114 -35.35 -34.11 -5.74
C PRO C 114 -34.74 -34.73 -7.02
N ARG C 115 -33.61 -34.22 -7.54
CA ARG C 115 -32.97 -34.76 -8.74
C ARG C 115 -32.62 -36.26 -8.48
N SER C 116 -32.26 -36.55 -7.26
CA SER C 116 -31.72 -37.84 -6.86
C SER C 116 -32.83 -38.87 -6.69
N ILE C 117 -34.01 -38.39 -6.25
CA ILE C 117 -35.26 -39.17 -6.17
C ILE C 117 -35.89 -39.54 -7.50
N VAL C 118 -35.94 -38.59 -8.45
CA VAL C 118 -36.39 -38.87 -9.79
C VAL C 118 -35.37 -39.71 -10.52
N ASP C 119 -34.09 -39.47 -10.28
CA ASP C 119 -33.11 -40.21 -11.06
C ASP C 119 -31.89 -40.59 -10.22
N PRO C 120 -32.02 -41.63 -9.40
CA PRO C 120 -30.90 -41.98 -8.50
C PRO C 120 -29.71 -42.54 -9.27
N ILE C 121 -29.98 -43.09 -10.43
CA ILE C 121 -28.93 -43.73 -11.20
C ILE C 121 -27.83 -42.73 -11.63
N THR C 122 -28.26 -41.66 -12.30
CA THR C 122 -27.38 -40.57 -12.75
C THR C 122 -26.70 -39.92 -11.57
N THR C 123 -27.45 -39.74 -10.47
CA THR C 123 -26.85 -39.16 -9.22
C THR C 123 -25.73 -40.10 -8.68
N ASN C 124 -26.03 -41.41 -8.64
CA ASN C 124 -24.97 -42.37 -8.26
C ASN C 124 -23.73 -42.35 -9.17
N ALA C 125 -23.96 -42.44 -10.48
CA ALA C 125 -22.80 -42.47 -11.34
C ALA C 125 -21.84 -41.31 -11.11
N THR C 126 -22.36 -40.08 -11.00
CA THR C 126 -21.50 -38.91 -10.90
C THR C 126 -20.96 -38.84 -9.47
N ASN C 127 -21.80 -39.03 -8.46
CA ASN C 127 -21.34 -38.75 -7.06
C ASN C 127 -20.59 -39.91 -6.38
N ILE C 128 -20.80 -41.16 -6.82
CA ILE C 128 -20.02 -42.29 -6.25
C ILE C 128 -18.91 -42.68 -7.20
N THR C 129 -19.24 -43.13 -8.42
CA THR C 129 -18.21 -43.52 -9.41
C THR C 129 -17.18 -42.43 -9.70
N GLY C 130 -17.70 -41.26 -10.11
CA GLY C 130 -16.90 -40.08 -10.33
C GLY C 130 -16.09 -39.69 -9.10
N PHE C 131 -16.74 -39.57 -7.94
CA PHE C 131 -15.97 -39.33 -6.70
C PHE C 131 -14.79 -40.33 -6.46
N LEU C 132 -15.06 -41.64 -6.50
CA LEU C 132 -14.00 -42.65 -6.33
C LEU C 132 -12.93 -42.59 -7.44
N ASN C 133 -13.32 -42.40 -8.71
CA ASN C 133 -12.38 -42.09 -9.79
C ASN C 133 -11.42 -40.95 -9.48
N ILE C 134 -11.92 -39.80 -9.02
CA ILE C 134 -11.07 -38.69 -8.68
C ILE C 134 -10.18 -39.00 -7.51
N LEU C 135 -10.80 -39.56 -6.47
CA LEU C 135 -10.00 -39.99 -5.30
C LEU C 135 -8.84 -41.01 -5.61
N HIS C 136 -9.14 -42.04 -6.39
CA HIS C 136 -8.17 -43.06 -6.70
C HIS C 136 -7.02 -42.46 -7.57
N ALA C 137 -7.36 -41.54 -8.46
CA ALA C 137 -6.37 -41.02 -9.38
C ALA C 137 -5.41 -40.21 -8.54
N ALA C 138 -5.96 -39.57 -7.52
CA ALA C 138 -5.19 -38.62 -6.70
C ALA C 138 -4.30 -39.41 -5.76
N LYS C 139 -4.85 -40.48 -5.23
CA LYS C 139 -4.06 -41.44 -4.45
C LYS C 139 -2.79 -41.84 -5.25
N ASN C 140 -3.01 -42.18 -6.52
CA ASN C 140 -2.00 -42.68 -7.42
C ASN C 140 -1.02 -41.63 -7.96
N ALA C 141 -1.50 -40.42 -8.23
CA ALA C 141 -0.58 -39.33 -8.56
C ALA C 141 0.22 -38.81 -7.31
N GLN C 142 -0.21 -39.25 -6.12
CA GLN C 142 0.41 -38.86 -4.82
C GLN C 142 0.42 -37.32 -4.67
N VAL C 143 -0.75 -36.71 -4.73
CA VAL C 143 -0.84 -35.26 -4.61
C VAL C 143 -0.55 -34.85 -3.15
N GLN C 144 -0.47 -33.56 -2.92
CA GLN C 144 -0.17 -33.12 -1.57
C GLN C 144 -1.40 -33.11 -0.67
N SER C 145 -2.58 -32.85 -1.26
CA SER C 145 -3.84 -32.79 -0.51
C SER C 145 -4.98 -33.13 -1.40
N PHE C 146 -6.08 -33.47 -0.75
CA PHE C 146 -7.31 -33.93 -1.37
C PHE C 146 -8.40 -33.43 -0.43
N THR C 147 -9.13 -32.42 -0.89
CA THR C 147 -10.25 -31.88 -0.19
C THR C 147 -11.51 -32.08 -1.02
N TYR C 148 -12.61 -32.53 -0.41
CA TYR C 148 -13.81 -32.85 -1.22
C TYR C 148 -15.08 -32.30 -0.58
N ALA C 149 -16.04 -32.05 -1.46
CA ALA C 149 -17.30 -31.49 -1.04
C ALA C 149 -18.24 -32.56 -0.49
N ALA C 150 -18.46 -32.53 0.81
CA ALA C 150 -19.39 -33.45 1.45
C ALA C 150 -20.64 -32.65 1.71
N SER C 151 -21.50 -33.12 2.60
CA SER C 151 -22.86 -32.48 2.68
C SER C 151 -23.52 -32.63 4.03
N SER C 152 -24.20 -31.56 4.50
CA SER C 152 -25.02 -31.59 5.73
C SER C 152 -26.17 -32.57 5.69
N SER C 153 -26.55 -33.01 4.50
CA SER C 153 -27.64 -34.01 4.33
C SER C 153 -27.24 -35.29 5.02
N THR C 154 -25.95 -35.43 5.35
CA THR C 154 -25.39 -36.68 5.88
C THR C 154 -25.85 -36.85 7.29
N TYR C 155 -26.33 -35.76 7.88
CA TYR C 155 -26.88 -35.77 9.26
C TYR C 155 -28.22 -36.53 9.38
N GLY C 156 -28.96 -36.56 8.28
CA GLY C 156 -30.15 -37.44 8.12
C GLY C 156 -31.32 -37.13 9.04
N ASP C 157 -31.85 -38.17 9.68
CA ASP C 157 -32.97 -38.06 10.66
C ASP C 157 -32.48 -37.82 12.07
N HIS C 158 -31.15 -37.69 12.24
CA HIS C 158 -30.54 -37.41 13.56
C HIS C 158 -31.07 -36.09 14.11
N PRO C 159 -31.66 -36.13 15.32
CA PRO C 159 -32.39 -34.97 15.85
C PRO C 159 -31.54 -34.00 16.63
N ALA C 160 -30.40 -34.45 17.13
CA ALA C 160 -29.60 -33.59 18.04
C ALA C 160 -29.24 -32.27 17.35
N LEU C 161 -29.20 -31.21 18.14
CA LEU C 161 -28.96 -29.84 17.71
C LEU C 161 -28.11 -29.19 18.79
N PRO C 162 -27.02 -28.51 18.35
CA PRO C 162 -26.58 -28.31 16.98
C PRO C 162 -25.96 -29.59 16.37
N LYS C 163 -25.58 -29.53 15.08
CA LYS C 163 -24.97 -30.72 14.41
C LYS C 163 -23.47 -30.79 14.65
N VAL C 164 -23.04 -31.92 15.20
CA VAL C 164 -21.63 -32.21 15.52
C VAL C 164 -21.17 -33.43 14.73
N GLU C 165 -19.94 -33.38 14.25
CA GLU C 165 -19.46 -34.30 13.22
C GLU C 165 -19.69 -35.77 13.56
N GLU C 166 -19.35 -36.13 14.81
CA GLU C 166 -19.49 -37.50 15.35
C GLU C 166 -20.88 -38.05 15.17
N ASN C 167 -21.91 -37.21 15.20
CA ASN C 167 -23.28 -37.74 15.33
C ASN C 167 -24.21 -37.64 14.15
N ILE C 168 -24.37 -38.74 13.44
CA ILE C 168 -25.14 -38.68 12.20
C ILE C 168 -26.32 -39.68 12.25
N GLY C 169 -27.21 -39.56 11.28
CA GLY C 169 -28.38 -40.43 11.25
C GLY C 169 -28.35 -41.27 10.01
N ASN C 170 -29.54 -41.73 9.65
CA ASN C 170 -29.86 -42.57 8.53
C ASN C 170 -30.15 -41.57 7.40
N PRO C 171 -29.61 -41.82 6.23
CA PRO C 171 -29.80 -40.85 5.19
C PRO C 171 -31.25 -40.85 4.70
N LEU C 172 -31.70 -39.68 4.25
CA LEU C 172 -33.10 -39.47 3.96
C LEU C 172 -33.41 -39.47 2.45
N SER C 173 -32.39 -39.66 1.61
CA SER C 173 -32.59 -39.61 0.14
C SER C 173 -31.41 -40.26 -0.59
N PRO C 174 -31.55 -40.58 -1.88
CA PRO C 174 -30.41 -41.14 -2.64
C PRO C 174 -29.23 -40.22 -2.78
N TYR C 175 -29.47 -38.90 -2.94
CA TYR C 175 -28.43 -37.93 -2.85
C TYR C 175 -27.62 -38.02 -1.53
N ALA C 176 -28.31 -38.14 -0.38
CA ALA C 176 -27.62 -38.17 0.95
C ALA C 176 -26.74 -39.45 1.05
N VAL C 177 -27.20 -40.50 0.37
CA VAL C 177 -26.42 -41.76 0.33
C VAL C 177 -25.05 -41.51 -0.35
N THR C 178 -25.07 -40.86 -1.50
CA THR C 178 -23.83 -40.60 -2.27
C THR C 178 -22.79 -39.78 -1.49
N LYS C 179 -23.18 -38.61 -0.95
CA LYS C 179 -22.32 -37.77 -0.14
C LYS C 179 -21.80 -38.47 1.15
N TYR C 180 -22.63 -39.25 1.84
CA TYR C 180 -22.11 -40.15 2.90
C TYR C 180 -21.07 -41.16 2.37
N VAL C 181 -21.34 -41.76 1.21
CA VAL C 181 -20.41 -42.79 0.72
C VAL C 181 -19.05 -42.18 0.39
N ASN C 182 -19.04 -40.91 0.03
CA ASN C 182 -17.79 -40.22 -0.17
C ASN C 182 -16.98 -40.27 1.13
N GLU C 183 -17.59 -39.94 2.25
CA GLU C 183 -16.82 -39.98 3.52
C GLU C 183 -16.31 -41.40 3.80
N ILE C 184 -17.16 -42.40 3.61
CA ILE C 184 -16.70 -43.75 3.84
C ILE C 184 -15.53 -44.13 2.90
N TYR C 185 -15.59 -43.71 1.63
CA TYR C 185 -14.52 -44.14 0.73
C TYR C 185 -13.18 -43.45 1.11
N ALA C 186 -13.28 -42.15 1.39
CA ALA C 186 -12.20 -41.36 1.93
C ALA C 186 -11.59 -41.98 3.16
N GLN C 187 -12.40 -42.47 4.09
CA GLN C 187 -11.83 -43.03 5.32
C GLN C 187 -11.18 -44.40 5.11
N VAL C 188 -11.76 -45.23 4.23
CA VAL C 188 -11.12 -46.50 3.87
C VAL C 188 -9.82 -46.29 3.04
N TYR C 189 -9.75 -45.20 2.29
CA TYR C 189 -8.54 -44.91 1.50
C TYR C 189 -7.35 -44.55 2.42
N ALA C 190 -7.62 -43.70 3.40
CA ALA C 190 -6.66 -43.46 4.50
C ALA C 190 -6.21 -44.76 5.19
N ARG C 191 -7.16 -45.58 5.58
CA ARG C 191 -6.84 -46.77 6.33
C ARG C 191 -6.00 -47.77 5.49
N THR C 192 -6.35 -47.91 4.22
CA THR C 192 -5.85 -49.00 3.36
C THR C 192 -4.58 -48.57 2.65
N TYR C 193 -4.57 -47.33 2.18
CA TYR C 193 -3.47 -46.80 1.43
C TYR C 193 -2.67 -45.70 2.16
N GLY C 194 -3.17 -45.18 3.29
CA GLY C 194 -2.57 -44.02 3.94
C GLY C 194 -2.83 -42.68 3.24
N PHE C 195 -3.78 -42.65 2.30
CA PHE C 195 -4.09 -41.41 1.58
C PHE C 195 -5.18 -40.62 2.37
N LYS C 196 -4.74 -39.50 2.98
CA LYS C 196 -5.47 -38.79 4.02
C LYS C 196 -6.10 -37.54 3.43
N THR C 197 -7.43 -37.52 3.53
CA THR C 197 -8.25 -36.51 2.88
C THR C 197 -9.02 -35.71 3.95
N ILE C 198 -9.61 -34.63 3.50
CA ILE C 198 -10.46 -33.83 4.32
C ILE C 198 -11.83 -33.74 3.64
N GLY C 199 -12.89 -34.14 4.33
CA GLY C 199 -14.24 -33.99 3.81
C GLY C 199 -14.90 -32.75 4.40
N LEU C 200 -15.59 -31.98 3.58
CA LEU C 200 -16.21 -30.71 4.07
C LEU C 200 -17.73 -30.80 3.94
N ARG C 201 -18.40 -30.90 5.08
CA ARG C 201 -19.87 -31.04 5.11
C ARG C 201 -20.45 -29.63 4.98
N TYR C 202 -20.63 -29.20 3.73
CA TYR C 202 -21.36 -28.01 3.36
C TYR C 202 -22.81 -28.06 3.88
N PHE C 203 -23.20 -26.95 4.51
CA PHE C 203 -24.58 -26.61 4.87
C PHE C 203 -25.12 -25.46 4.00
N ASN C 204 -25.95 -25.76 3.02
CA ASN C 204 -26.73 -24.75 2.28
C ASN C 204 -25.98 -23.54 1.86
N VAL C 205 -25.03 -23.77 0.96
CA VAL C 205 -24.18 -22.69 0.48
C VAL C 205 -24.94 -21.76 -0.47
N PHE C 206 -24.70 -20.48 -0.36
CA PHE C 206 -25.26 -19.53 -1.32
C PHE C 206 -24.29 -18.36 -1.59
N GLY C 207 -24.62 -17.60 -2.63
CA GLY C 207 -23.78 -16.54 -3.12
C GLY C 207 -23.86 -16.41 -4.63
N ARG C 208 -23.01 -15.56 -5.17
CA ARG C 208 -23.00 -15.27 -6.62
C ARG C 208 -22.73 -16.53 -7.44
N ARG C 209 -23.36 -16.64 -8.62
CA ARG C 209 -23.22 -17.80 -9.56
C ARG C 209 -23.90 -19.11 -9.13
N GLN C 210 -24.68 -19.06 -8.06
CA GLN C 210 -25.52 -20.18 -7.70
C GLN C 210 -26.68 -20.15 -8.66
N ASP C 211 -26.82 -21.23 -9.45
CA ASP C 211 -27.74 -21.23 -10.62
C ASP C 211 -29.20 -20.98 -10.22
N PRO C 212 -29.81 -19.89 -10.70
CA PRO C 212 -31.23 -19.69 -10.44
C PRO C 212 -32.22 -20.43 -11.39
N ASN C 213 -31.71 -21.08 -12.43
CA ASN C 213 -32.61 -21.66 -13.45
C ASN C 213 -32.89 -23.16 -13.35
N GLY C 214 -33.98 -23.58 -13.99
CA GLY C 214 -34.32 -24.99 -14.04
C GLY C 214 -34.90 -25.54 -12.75
N ALA C 215 -35.47 -26.74 -12.88
CA ALA C 215 -36.29 -27.33 -11.84
C ALA C 215 -35.54 -27.53 -10.51
N TYR C 216 -34.22 -27.60 -10.53
CA TYR C 216 -33.47 -28.03 -9.34
C TYR C 216 -32.81 -26.88 -8.60
N ALA C 217 -33.13 -25.62 -8.94
CA ALA C 217 -32.53 -24.47 -8.20
C ALA C 217 -32.72 -24.53 -6.68
N ALA C 218 -31.66 -24.19 -5.94
CA ALA C 218 -31.68 -24.14 -4.48
C ALA C 218 -32.44 -22.89 -4.10
N VAL C 219 -32.88 -22.81 -2.85
CA VAL C 219 -34.06 -22.02 -2.51
C VAL C 219 -33.82 -20.54 -2.66
N ILE C 220 -32.58 -20.12 -2.41
CA ILE C 220 -32.20 -18.69 -2.47
C ILE C 220 -32.19 -18.10 -3.89
N PRO C 221 -31.48 -18.73 -4.83
CA PRO C 221 -31.57 -18.18 -6.15
C PRO C 221 -33.00 -18.39 -6.71
N LYS C 222 -33.63 -19.52 -6.38
CA LYS C 222 -35.01 -19.73 -6.86
C LYS C 222 -35.98 -18.63 -6.43
N TRP C 223 -36.08 -18.37 -5.11
CA TRP C 223 -36.99 -17.35 -4.53
C TRP C 223 -36.61 -15.94 -4.94
N THR C 224 -35.30 -15.67 -4.99
CA THR C 224 -34.78 -14.39 -5.45
C THR C 224 -35.24 -14.12 -6.89
N ALA C 225 -35.09 -15.12 -7.75
CA ALA C 225 -35.57 -15.03 -9.12
C ALA C 225 -37.11 -14.91 -9.23
N ALA C 226 -37.83 -15.74 -8.46
CA ALA C 226 -39.29 -15.66 -8.44
C ALA C 226 -39.73 -14.23 -8.11
N MET C 227 -39.14 -13.65 -7.07
CA MET C 227 -39.57 -12.30 -6.60
C MET C 227 -39.23 -11.22 -7.61
N LEU C 228 -38.18 -11.45 -8.39
CA LEU C 228 -37.78 -10.47 -9.40
C LEU C 228 -38.70 -10.57 -10.59
N LYS C 229 -39.03 -11.80 -10.98
CA LYS C 229 -39.97 -12.02 -12.09
C LYS C 229 -41.42 -11.73 -11.71
N GLY C 230 -41.77 -11.93 -10.45
CA GLY C 230 -43.17 -11.85 -10.03
C GLY C 230 -43.81 -13.24 -10.07
N ASP C 231 -43.02 -14.30 -9.88
CA ASP C 231 -43.58 -15.64 -9.82
C ASP C 231 -43.99 -15.98 -8.40
N ASP C 232 -44.87 -16.98 -8.26
CA ASP C 232 -45.23 -17.50 -6.94
C ASP C 232 -43.99 -17.97 -6.18
N VAL C 233 -43.99 -17.70 -4.88
CA VAL C 233 -43.00 -18.24 -3.97
C VAL C 233 -43.59 -19.35 -3.15
N TYR C 234 -43.12 -20.58 -3.33
CA TYR C 234 -43.64 -21.70 -2.57
C TYR C 234 -42.78 -22.02 -1.39
N ILE C 235 -43.42 -22.16 -0.24
CA ILE C 235 -42.77 -22.72 0.94
C ILE C 235 -43.26 -24.17 1.07
N ASN C 236 -42.35 -25.11 0.91
CA ASN C 236 -42.70 -26.50 1.10
C ASN C 236 -42.88 -26.81 2.58
N GLY C 237 -44.13 -26.90 3.02
CA GLY C 237 -44.42 -27.32 4.41
C GLY C 237 -44.86 -26.19 5.30
N ASP C 238 -44.54 -26.26 6.59
CA ASP C 238 -44.99 -25.15 7.46
C ASP C 238 -44.07 -23.91 7.41
N GLY C 239 -42.84 -24.08 6.94
CA GLY C 239 -41.94 -22.92 6.86
C GLY C 239 -41.03 -22.76 8.06
N GLU C 240 -41.21 -23.65 9.04
CA GLU C 240 -40.34 -23.74 10.23
C GLU C 240 -39.16 -24.69 10.00
N THR C 241 -39.16 -25.42 8.89
CA THR C 241 -37.93 -26.08 8.45
C THR C 241 -36.80 -25.05 8.54
N SER C 242 -35.61 -25.48 8.94
CA SER C 242 -34.50 -24.51 9.21
C SER C 242 -33.17 -24.95 8.66
N ARG C 243 -32.31 -23.95 8.39
CA ARG C 243 -31.00 -24.22 7.74
C ARG C 243 -29.82 -23.35 8.26
N ASP C 244 -28.59 -23.86 8.11
CA ASP C 244 -27.42 -23.04 8.40
C ASP C 244 -26.94 -22.48 7.06
N PHE C 245 -27.53 -21.37 6.61
CA PHE C 245 -27.18 -20.77 5.29
C PHE C 245 -25.84 -20.11 5.37
N CYS C 246 -24.94 -20.57 4.52
CA CYS C 246 -23.51 -20.27 4.61
C CYS C 246 -23.04 -19.60 3.31
N TYR C 247 -22.75 -18.30 3.39
CA TYR C 247 -22.32 -17.51 2.22
C TYR C 247 -21.00 -18.08 1.64
N ILE C 248 -20.87 -18.00 0.31
CA ILE C 248 -19.81 -18.67 -0.41
C ILE C 248 -18.42 -18.38 0.15
N ASP C 249 -18.10 -17.16 0.55
CA ASP C 249 -16.70 -16.91 1.02
C ASP C 249 -16.24 -17.78 2.20
N ASN C 250 -17.18 -18.20 3.08
CA ASN C 250 -16.81 -19.06 4.20
C ASN C 250 -16.36 -20.43 3.66
N VAL C 251 -17.00 -20.88 2.57
CA VAL C 251 -16.66 -22.15 1.93
C VAL C 251 -15.31 -22.04 1.19
N ILE C 252 -15.07 -20.88 0.58
CA ILE C 252 -13.81 -20.67 -0.06
C ILE C 252 -12.67 -20.73 0.97
N GLN C 253 -12.82 -20.02 2.07
CA GLN C 253 -11.86 -20.12 3.19
C GLN C 253 -11.57 -21.61 3.62
N MET C 254 -12.61 -22.37 4.00
CA MET C 254 -12.47 -23.79 4.44
C MET C 254 -11.75 -24.69 3.44
N ASN C 255 -12.04 -24.53 2.14
CA ASN C 255 -11.31 -25.30 1.15
C ASN C 255 -9.82 -25.02 1.18
N ILE C 256 -9.47 -23.76 1.38
CA ILE C 256 -8.06 -23.35 1.32
C ILE C 256 -7.34 -23.71 2.60
N LEU C 257 -8.00 -23.53 3.73
CA LEU C 257 -7.47 -24.00 5.02
C LEU C 257 -7.24 -25.51 4.97
N SER C 258 -8.16 -26.21 4.31
CA SER C 258 -8.06 -27.65 4.21
C SER C 258 -6.87 -28.08 3.36
N ALA C 259 -6.67 -27.43 2.22
CA ALA C 259 -5.65 -27.88 1.28
C ALA C 259 -4.26 -27.79 1.92
N LEU C 260 -4.07 -26.77 2.74
CA LEU C 260 -2.79 -26.55 3.39
C LEU C 260 -2.80 -27.01 4.81
N ALA C 261 -3.68 -27.94 5.16
CA ALA C 261 -3.71 -28.37 6.55
C ALA C 261 -2.54 -29.29 6.79
N LYS C 262 -1.94 -29.18 7.98
CA LYS C 262 -1.09 -30.22 8.55
C LYS C 262 -1.72 -31.63 8.50
N ASP C 263 -0.86 -32.64 8.47
CA ASP C 263 -1.28 -33.99 8.37
C ASP C 263 -2.27 -34.40 9.47
N SER C 264 -2.02 -34.00 10.71
CA SER C 264 -2.87 -34.44 11.83
C SER C 264 -4.35 -33.95 11.70
N ALA C 265 -4.57 -32.83 11.01
CA ALA C 265 -5.93 -32.34 10.80
C ALA C 265 -6.60 -33.03 9.61
N LYS C 266 -5.85 -33.89 8.92
CA LYS C 266 -6.41 -34.61 7.73
C LYS C 266 -7.06 -35.95 8.21
N ASP C 267 -7.59 -36.75 7.26
CA ASP C 267 -8.58 -37.85 7.56
C ASP C 267 -9.61 -37.40 8.57
N ASN C 268 -10.16 -36.19 8.33
CA ASN C 268 -11.16 -35.59 9.21
C ASN C 268 -12.33 -35.02 8.40
N ILE C 269 -13.53 -35.06 9.02
CA ILE C 269 -14.73 -34.39 8.48
C ILE C 269 -15.04 -33.09 9.24
N TYR C 270 -15.27 -31.99 8.50
CA TYR C 270 -15.57 -30.67 9.10
C TYR C 270 -16.87 -30.10 8.59
N ASN C 271 -17.76 -29.77 9.52
CA ASN C 271 -18.91 -28.94 9.20
C ASN C 271 -18.48 -27.60 8.60
N VAL C 272 -19.05 -27.20 7.48
CA VAL C 272 -18.75 -25.88 6.94
C VAL C 272 -20.02 -25.01 7.03
N ALA C 273 -20.05 -24.13 8.02
CA ALA C 273 -21.22 -23.24 8.17
C ALA C 273 -20.90 -22.13 9.14
N VAL C 274 -21.97 -21.48 9.62
CA VAL C 274 -21.84 -20.29 10.44
C VAL C 274 -22.27 -20.56 11.93
N GLY C 275 -22.95 -21.67 12.20
CA GLY C 275 -23.51 -21.91 13.56
C GLY C 275 -24.87 -21.26 13.78
N ASP C 276 -25.45 -20.70 12.70
CA ASP C 276 -26.76 -20.07 12.79
C ASP C 276 -27.93 -20.90 12.28
N ARG C 277 -29.12 -20.49 12.70
CA ARG C 277 -30.35 -21.22 12.40
C ARG C 277 -31.40 -20.25 11.87
N THR C 278 -31.91 -20.54 10.67
CA THR C 278 -32.89 -19.72 9.96
C THR C 278 -33.99 -20.57 9.31
N THR C 279 -35.23 -20.30 9.67
CA THR C 279 -36.35 -20.98 9.00
C THR C 279 -36.68 -20.37 7.63
N LEU C 280 -37.33 -21.14 6.76
CA LEU C 280 -37.81 -20.64 5.45
C LEU C 280 -38.75 -19.43 5.52
N ASN C 281 -39.60 -19.34 6.54
CA ASN C 281 -40.38 -18.13 6.79
C ASN C 281 -39.52 -16.87 6.94
N GLU C 282 -38.43 -17.00 7.70
CA GLU C 282 -37.65 -15.80 8.05
C GLU C 282 -36.88 -15.47 6.80
N LEU C 283 -36.35 -16.51 6.18
CA LEU C 283 -35.58 -16.35 4.95
C LEU C 283 -36.34 -15.57 3.92
N SER C 284 -37.63 -15.85 3.83
CA SER C 284 -38.49 -15.23 2.85
C SER C 284 -38.57 -13.72 3.13
N GLY C 285 -38.65 -13.38 4.42
CA GLY C 285 -38.56 -12.01 4.87
C GLY C 285 -37.20 -11.42 4.50
N TYR C 286 -36.15 -12.20 4.71
CA TYR C 286 -34.80 -11.69 4.41
C TYR C 286 -34.61 -11.34 2.93
N ILE C 287 -34.96 -12.28 2.05
CA ILE C 287 -34.81 -12.06 0.63
C ILE C 287 -35.62 -10.86 0.15
N TYR C 288 -36.86 -10.74 0.63
CA TYR C 288 -37.70 -9.64 0.25
C TYR C 288 -37.11 -8.31 0.71
N ASP C 289 -36.67 -8.23 1.95
CA ASP C 289 -36.18 -6.94 2.48
C ASP C 289 -34.95 -6.43 1.71
N GLU C 290 -33.97 -7.31 1.52
CA GLU C 290 -32.70 -6.96 0.82
C GLU C 290 -32.96 -6.53 -0.60
N LEU C 291 -33.74 -7.33 -1.32
CA LEU C 291 -34.15 -7.01 -2.65
C LEU C 291 -34.80 -5.63 -2.70
N ASN C 292 -35.70 -5.39 -1.75
CA ASN C 292 -36.37 -4.11 -1.72
C ASN C 292 -35.48 -2.88 -1.54
N LEU C 293 -34.39 -2.98 -0.78
CA LEU C 293 -33.43 -1.86 -0.71
C LEU C 293 -32.70 -1.74 -2.06
N ILE C 294 -32.70 -2.82 -2.84
CA ILE C 294 -32.08 -2.80 -4.16
C ILE C 294 -33.07 -2.30 -5.22
N HIS C 295 -34.35 -2.64 -5.05
CA HIS C 295 -35.51 -1.96 -5.64
C HIS C 295 -36.24 -2.85 -6.63
N HIS C 296 -37.59 -2.86 -6.58
CA HIS C 296 -38.50 -3.60 -7.51
C HIS C 296 -39.86 -3.90 -6.85
N ILE C 302 -46.47 -15.21 -2.16
CA ILE C 302 -46.02 -16.34 -1.30
C ILE C 302 -47.07 -17.44 -1.15
N LYS C 303 -46.71 -18.71 -1.38
CA LYS C 303 -47.67 -19.85 -1.27
C LYS C 303 -47.13 -21.00 -0.40
N TYR C 304 -47.99 -21.63 0.39
CA TYR C 304 -47.58 -22.77 1.21
C TYR C 304 -48.04 -24.05 0.52
N ARG C 305 -47.20 -25.06 0.49
CA ARG C 305 -47.62 -26.36 -0.04
C ARG C 305 -47.00 -27.46 0.80
N GLU C 306 -47.01 -28.69 0.30
CA GLU C 306 -46.52 -29.84 1.10
C GLU C 306 -45.00 -29.86 1.33
N PHE C 307 -44.57 -30.45 2.45
CA PHE C 307 -43.16 -30.72 2.73
C PHE C 307 -42.58 -31.48 1.55
N ARG C 308 -41.29 -31.26 1.29
CA ARG C 308 -40.70 -31.91 0.14
C ARG C 308 -40.18 -33.28 0.60
N SER C 309 -40.15 -34.25 -0.29
CA SER C 309 -39.84 -35.64 0.12
C SER C 309 -38.34 -35.78 0.38
N GLY C 310 -37.97 -36.53 1.44
CA GLY C 310 -36.59 -36.81 1.80
C GLY C 310 -35.86 -35.58 2.33
N ASP C 311 -36.63 -34.56 2.75
CA ASP C 311 -36.11 -33.27 3.23
C ASP C 311 -35.66 -33.42 4.70
N VAL C 312 -34.49 -32.89 5.04
CA VAL C 312 -34.04 -32.78 6.43
C VAL C 312 -34.83 -31.65 7.10
N ARG C 313 -35.22 -31.81 8.37
CA ARG C 313 -36.16 -30.90 9.00
C ARG C 313 -35.50 -29.65 9.63
N ALA C 314 -34.48 -29.89 10.44
CA ALA C 314 -33.78 -28.85 11.26
C ALA C 314 -32.26 -28.99 11.06
N SER C 315 -31.60 -27.91 10.66
CA SER C 315 -30.14 -27.96 10.44
C SER C 315 -29.42 -26.69 10.93
N GLN C 316 -28.51 -26.91 11.88
CA GLN C 316 -27.71 -25.87 12.53
C GLN C 316 -26.37 -26.51 12.85
N ALA C 317 -25.32 -26.08 12.17
CA ALA C 317 -23.95 -26.55 12.45
C ALA C 317 -23.40 -26.08 13.78
N ASP C 318 -22.69 -27.00 14.44
CA ASP C 318 -21.69 -26.64 15.48
C ASP C 318 -20.36 -26.75 14.77
N VAL C 319 -19.66 -25.64 14.63
CA VAL C 319 -18.44 -25.56 13.84
C VAL C 319 -17.17 -25.38 14.71
N THR C 320 -17.29 -25.72 15.98
CA THR C 320 -16.17 -25.66 16.92
C THR C 320 -14.98 -26.46 16.38
N LYS C 321 -15.26 -27.57 15.71
CA LYS C 321 -14.21 -28.47 15.26
C LYS C 321 -13.35 -27.80 14.16
N ALA C 322 -14.00 -27.23 13.13
CA ALA C 322 -13.30 -26.43 12.15
C ALA C 322 -12.56 -25.28 12.82
N ILE C 323 -13.21 -24.61 13.77
CA ILE C 323 -12.54 -23.50 14.44
C ILE C 323 -11.23 -23.96 15.08
N ASP C 324 -11.31 -24.99 15.93
CA ASP C 324 -10.22 -25.38 16.81
C ASP C 324 -9.08 -25.97 15.98
N LEU C 325 -9.42 -26.81 15.01
CA LEU C 325 -8.41 -27.62 14.32
C LEU C 325 -7.86 -26.96 13.03
N LEU C 326 -8.73 -26.32 12.27
CA LEU C 326 -8.30 -25.67 11.02
C LEU C 326 -8.19 -24.16 11.17
N LYS C 327 -8.51 -23.68 12.36
CA LYS C 327 -8.47 -22.25 12.67
C LYS C 327 -9.43 -21.44 11.77
N TYR C 328 -10.52 -22.07 11.36
CA TYR C 328 -11.57 -21.41 10.58
C TYR C 328 -12.15 -20.22 11.36
N ARG C 329 -12.43 -19.13 10.65
CA ARG C 329 -13.20 -17.97 11.17
C ARG C 329 -14.48 -17.80 10.38
N PRO C 330 -15.64 -18.12 10.98
CA PRO C 330 -16.89 -17.99 10.21
C PRO C 330 -17.39 -16.52 10.15
N ASN C 331 -16.95 -15.73 9.19
CA ASN C 331 -17.20 -14.29 9.31
C ASN C 331 -18.43 -13.67 8.62
N ILE C 332 -18.96 -14.26 7.57
CA ILE C 332 -20.16 -13.63 6.93
C ILE C 332 -21.44 -14.41 7.26
N LYS C 333 -22.38 -13.76 7.93
CA LYS C 333 -23.68 -14.38 8.24
C LYS C 333 -24.68 -14.07 7.15
N ILE C 334 -25.85 -14.73 7.20
CA ILE C 334 -26.89 -14.68 6.15
C ILE C 334 -27.35 -13.26 5.69
N ARG C 335 -27.66 -12.35 6.61
CA ARG C 335 -28.10 -11.01 6.15
C ARG C 335 -27.03 -10.39 5.28
N GLU C 336 -25.81 -10.27 5.81
CA GLU C 336 -24.69 -9.72 5.03
C GLU C 336 -24.44 -10.48 3.73
N GLY C 337 -24.31 -11.81 3.79
CA GLY C 337 -24.24 -12.64 2.60
C GLY C 337 -25.27 -12.34 1.53
N LEU C 338 -26.51 -12.16 1.96
CA LEU C 338 -27.61 -11.78 1.07
C LEU C 338 -27.49 -10.38 0.47
N ARG C 339 -27.03 -9.42 1.27
CA ARG C 339 -26.74 -8.04 0.78
C ARG C 339 -25.63 -8.13 -0.29
N LEU C 340 -24.71 -9.06 -0.09
CA LEU C 340 -23.62 -9.16 -1.02
C LEU C 340 -24.11 -9.86 -2.30
N SER C 341 -25.02 -10.81 -2.15
CA SER C 341 -25.47 -11.60 -3.25
C SER C 341 -26.47 -10.89 -4.21
N MET C 342 -27.51 -10.26 -3.67
CA MET C 342 -28.65 -9.76 -4.50
C MET C 342 -28.31 -8.90 -5.74
N PRO C 343 -27.31 -8.01 -5.64
CA PRO C 343 -26.99 -7.23 -6.86
C PRO C 343 -26.54 -8.15 -8.03
N TRP C 344 -25.83 -9.24 -7.70
CA TRP C 344 -25.41 -10.15 -8.73
C TRP C 344 -26.63 -10.78 -9.42
N TYR C 345 -27.59 -11.21 -8.61
CA TYR C 345 -28.85 -11.69 -9.12
C TYR C 345 -29.65 -10.70 -9.97
N VAL C 346 -29.93 -9.50 -9.45
CA VAL C 346 -30.65 -8.46 -10.23
C VAL C 346 -30.02 -8.29 -11.62
N ARG C 347 -28.70 -8.14 -11.66
CA ARG C 347 -27.94 -7.98 -12.91
C ARG C 347 -28.06 -9.22 -13.80
N PHE C 348 -27.85 -10.40 -13.22
CA PHE C 348 -27.75 -11.61 -13.97
C PHE C 348 -29.05 -11.89 -14.65
N LEU C 349 -30.14 -11.66 -13.92
CA LEU C 349 -31.51 -12.01 -14.39
C LEU C 349 -32.10 -11.07 -15.43
N LYS C 350 -32.11 -9.77 -15.17
CA LYS C 350 -32.45 -8.83 -16.23
C LYS C 350 -31.42 -9.02 -17.36
N TYR D 10 43.19 -21.28 -3.89
CA TYR D 10 42.90 -20.29 -2.81
C TYR D 10 42.43 -18.95 -3.38
N MET D 11 41.31 -18.45 -2.84
CA MET D 11 40.80 -17.07 -3.08
C MET D 11 41.45 -16.08 -2.06
N SER D 12 42.55 -15.45 -2.40
CA SER D 12 43.42 -14.98 -1.32
C SER D 12 43.14 -13.61 -0.65
N ARG D 13 42.58 -12.62 -1.35
CA ARG D 13 42.17 -11.39 -0.66
C ARG D 13 40.93 -11.71 0.17
N TYR D 14 40.16 -12.67 -0.33
CA TYR D 14 38.97 -13.15 0.37
C TYR D 14 39.37 -13.88 1.63
N GLU D 15 40.37 -14.74 1.51
CA GLU D 15 40.89 -15.48 2.62
C GLU D 15 41.57 -14.57 3.65
N GLU D 16 41.99 -13.39 3.23
CA GLU D 16 42.64 -12.45 4.15
C GLU D 16 41.55 -11.80 4.96
N ILE D 17 40.53 -11.38 4.24
CA ILE D 17 39.44 -10.66 4.80
C ILE D 17 38.69 -11.48 5.83
N THR D 18 38.36 -12.73 5.49
CA THR D 18 37.62 -13.59 6.44
C THR D 18 38.43 -13.85 7.71
N GLN D 19 39.74 -13.95 7.54
CA GLN D 19 40.64 -14.05 8.69
C GLN D 19 40.56 -12.80 9.57
N GLN D 20 40.75 -11.63 8.94
CA GLN D 20 40.42 -10.35 9.58
C GLN D 20 39.07 -10.40 10.35
N LEU D 21 37.93 -10.73 9.68
CA LEU D 21 36.64 -10.79 10.39
C LEU D 21 36.65 -11.58 11.71
N ILE D 22 37.17 -12.82 11.67
CA ILE D 22 37.20 -13.69 12.84
C ILE D 22 37.88 -13.01 14.03
N PHE D 23 39.07 -12.46 13.77
CA PHE D 23 39.84 -11.78 14.81
C PHE D 23 39.14 -10.50 15.33
N SER D 24 38.34 -9.86 14.46
CA SER D 24 37.56 -8.65 14.85
C SER D 24 36.12 -8.61 14.26
N PRO D 25 35.21 -9.35 14.88
CA PRO D 25 33.90 -9.49 14.29
C PRO D 25 33.09 -8.18 14.26
N LYS D 26 32.32 -8.00 13.20
CA LYS D 26 31.55 -6.77 13.02
C LYS D 26 30.09 -7.15 13.11
N THR D 27 29.25 -6.13 13.04
CA THR D 27 27.82 -6.36 13.00
C THR D 27 27.30 -6.12 11.61
N TRP D 28 26.67 -7.17 11.07
CA TRP D 28 26.12 -7.28 9.72
C TRP D 28 24.59 -7.31 9.77
N LEU D 29 23.96 -6.55 8.88
CA LEU D 29 22.54 -6.74 8.56
C LEU D 29 22.40 -7.49 7.26
N ILE D 30 21.65 -8.60 7.33
CA ILE D 30 21.28 -9.40 6.15
C ILE D 30 19.77 -9.25 5.99
N THR D 31 19.36 -8.45 5.01
CA THR D 31 17.98 -8.51 4.61
C THR D 31 17.81 -9.71 3.65
N GLY D 32 16.68 -10.41 3.80
CA GLY D 32 16.32 -11.55 2.99
C GLY D 32 17.05 -12.80 3.51
N VAL D 33 17.56 -12.73 4.75
CA VAL D 33 18.32 -13.77 5.43
C VAL D 33 17.77 -15.22 5.45
N ALA D 34 16.44 -15.35 5.38
CA ALA D 34 15.77 -16.65 5.25
C ALA D 34 15.66 -17.18 3.83
N GLY D 35 16.21 -16.40 2.90
CA GLY D 35 16.21 -16.79 1.49
C GLY D 35 17.43 -17.64 1.13
N PHE D 36 17.47 -18.03 -0.14
CA PHE D 36 18.60 -18.74 -0.71
C PHE D 36 19.96 -18.03 -0.48
N ILE D 37 20.11 -16.83 -1.02
CA ILE D 37 21.42 -16.20 -0.98
C ILE D 37 21.66 -15.67 0.43
N GLY D 38 20.60 -15.16 1.05
CA GLY D 38 20.62 -14.61 2.43
C GLY D 38 21.00 -15.65 3.46
N SER D 39 20.45 -16.85 3.33
CA SER D 39 20.72 -17.92 4.31
C SER D 39 22.13 -18.45 4.12
N ASN D 40 22.67 -18.38 2.90
CA ASN D 40 24.08 -18.79 2.64
C ASN D 40 25.07 -17.76 3.20
N LEU D 41 24.72 -16.47 3.08
CA LEU D 41 25.40 -15.42 3.75
C LEU D 41 25.46 -15.63 5.25
N LEU D 42 24.30 -15.95 5.81
CA LEU D 42 24.11 -16.13 7.25
C LEU D 42 25.05 -17.27 7.68
N GLU D 43 25.07 -18.34 6.88
CA GLU D 43 25.85 -19.53 7.28
C GLU D 43 27.36 -19.22 7.30
N LYS D 44 27.86 -18.56 6.26
CA LYS D 44 29.27 -18.16 6.30
C LYS D 44 29.57 -17.20 7.47
N LEU D 45 28.70 -16.21 7.68
CA LEU D 45 29.05 -15.13 8.59
C LEU D 45 29.03 -15.66 10.02
N LEU D 46 28.11 -16.55 10.34
CA LEU D 46 28.12 -17.08 11.68
C LEU D 46 29.29 -18.04 11.89
N LYS D 47 29.74 -18.70 10.84
CA LYS D 47 30.89 -19.58 10.98
C LYS D 47 32.17 -18.73 11.15
N LEU D 48 32.07 -17.44 10.87
CA LEU D 48 33.25 -16.57 11.12
C LEU D 48 33.05 -15.77 12.42
N ASN D 49 32.07 -16.24 13.21
CA ASN D 49 31.78 -15.65 14.53
C ASN D 49 31.33 -14.21 14.45
N GLN D 50 30.67 -13.85 13.36
CA GLN D 50 30.20 -12.46 13.19
C GLN D 50 28.93 -12.28 13.96
N VAL D 51 28.62 -11.01 14.30
CA VAL D 51 27.33 -10.66 14.84
C VAL D 51 26.45 -10.35 13.68
N VAL D 52 25.24 -10.89 13.67
CA VAL D 52 24.38 -10.85 12.50
C VAL D 52 22.97 -10.52 12.90
N ILE D 53 22.43 -9.42 12.34
CA ILE D 53 21.02 -9.03 12.43
C ILE D 53 20.41 -9.46 11.13
N GLY D 54 19.29 -10.17 11.21
CA GLY D 54 18.59 -10.60 9.99
C GLY D 54 17.19 -10.04 9.98
N LEU D 55 16.71 -9.75 8.76
CA LEU D 55 15.38 -9.19 8.55
C LEU D 55 14.74 -9.96 7.41
N ASP D 56 13.53 -10.45 7.62
CA ASP D 56 12.82 -11.22 6.58
C ASP D 56 11.33 -11.25 6.89
N ASN D 57 10.47 -11.30 5.87
CA ASN D 57 9.00 -11.39 6.10
C ASN D 57 8.46 -12.81 5.79
N PHE D 58 9.38 -13.75 5.51
CA PHE D 58 9.04 -15.09 5.09
C PHE D 58 8.08 -15.10 3.93
N SER D 59 8.28 -14.21 2.97
CA SER D 59 7.39 -14.19 1.80
C SER D 59 7.86 -15.33 0.95
N THR D 60 9.03 -15.16 0.33
CA THR D 60 9.52 -16.27 -0.44
C THR D 60 10.54 -17.11 0.30
N GLY D 61 11.06 -16.61 1.42
CA GLY D 61 12.01 -17.34 2.25
C GLY D 61 11.31 -18.26 3.24
N HIS D 62 12.08 -18.94 4.05
CA HIS D 62 11.52 -20.08 4.81
C HIS D 62 12.11 -20.12 6.19
N GLN D 63 11.29 -20.37 7.19
CA GLN D 63 11.85 -20.60 8.52
C GLN D 63 12.81 -21.83 8.51
N TYR D 64 12.39 -22.88 7.83
CA TYR D 64 13.26 -24.06 7.80
C TYR D 64 14.64 -23.81 7.18
N ASN D 65 14.81 -22.67 6.49
CA ASN D 65 16.17 -22.31 6.05
C ASN D 65 17.07 -21.85 7.17
N LEU D 66 16.50 -21.02 8.05
CA LEU D 66 17.15 -20.66 9.35
C LEU D 66 17.39 -21.88 10.23
N ASP D 67 16.41 -22.78 10.35
CA ASP D 67 16.57 -24.03 11.12
C ASP D 67 17.77 -24.83 10.59
N GLU D 68 17.94 -24.92 9.27
CA GLU D 68 19.06 -25.70 8.70
C GLU D 68 20.39 -25.05 9.07
N VAL D 69 20.50 -23.73 8.89
CA VAL D 69 21.76 -23.07 9.26
C VAL D 69 22.10 -23.29 10.75
N LYS D 70 21.09 -23.31 11.61
CA LYS D 70 21.31 -23.50 13.05
C LYS D 70 21.96 -24.86 13.34
N THR D 71 21.66 -25.86 12.49
CA THR D 71 22.26 -27.20 12.64
C THR D 71 23.72 -27.22 12.22
N LEU D 72 24.14 -26.19 11.49
CA LEU D 72 25.47 -26.17 10.87
C LEU D 72 26.45 -25.31 11.66
N VAL D 73 25.96 -24.51 12.61
CA VAL D 73 26.86 -23.71 13.46
C VAL D 73 26.73 -24.06 14.93
N SER D 74 27.73 -23.75 15.73
CA SER D 74 27.66 -24.01 17.16
C SER D 74 26.57 -23.15 17.80
N THR D 75 26.09 -23.57 18.96
CA THR D 75 25.06 -22.75 19.61
C THR D 75 25.63 -21.36 19.94
N GLU D 76 26.94 -21.30 20.19
CA GLU D 76 27.61 -20.04 20.47
C GLU D 76 27.60 -19.15 19.26
N GLN D 77 27.93 -19.71 18.10
CA GLN D 77 27.89 -18.90 16.90
C GLN D 77 26.45 -18.51 16.64
N TRP D 78 25.52 -19.45 16.90
CA TRP D 78 24.10 -19.19 16.67
C TRP D 78 23.59 -18.05 17.60
N SER D 79 24.07 -17.97 18.86
CA SER D 79 23.62 -16.89 19.79
C SER D 79 23.98 -15.46 19.34
N ARG D 80 24.85 -15.35 18.34
CA ARG D 80 25.23 -14.06 17.79
C ARG D 80 24.31 -13.56 16.64
N PHE D 81 23.26 -14.35 16.35
CA PHE D 81 22.26 -14.04 15.31
C PHE D 81 20.93 -13.52 15.93
N CYS D 82 20.57 -12.27 15.63
CA CYS D 82 19.29 -11.73 16.05
C CYS D 82 18.44 -11.66 14.80
N PHE D 83 17.29 -12.35 14.81
CA PHE D 83 16.37 -12.40 13.69
C PHE D 83 15.11 -11.61 14.01
N ILE D 84 14.80 -10.66 13.13
CA ILE D 84 13.55 -9.92 13.17
C ILE D 84 12.64 -10.36 12.03
N GLU D 85 11.41 -10.73 12.37
CA GLU D 85 10.43 -11.00 11.34
C GLU D 85 9.80 -9.66 10.98
N GLY D 86 9.88 -9.21 9.74
CA GLY D 86 9.47 -7.84 9.44
C GLY D 86 9.70 -7.66 7.95
N ASP D 87 9.43 -6.45 7.46
CA ASP D 87 9.18 -6.21 6.06
C ASP D 87 9.91 -4.96 5.64
N ILE D 88 10.71 -5.06 4.59
CA ILE D 88 11.42 -3.85 4.10
C ILE D 88 10.50 -2.72 3.62
N ARG D 89 9.24 -3.01 3.33
CA ARG D 89 8.33 -1.95 2.92
C ARG D 89 7.97 -0.98 4.05
N ASP D 90 8.35 -1.34 5.30
CA ASP D 90 8.01 -0.55 6.48
C ASP D 90 9.25 0.27 6.89
N LEU D 91 9.19 1.60 6.72
CA LEU D 91 10.41 2.41 6.87
C LEU D 91 10.92 2.27 8.31
N THR D 92 10.00 2.23 9.25
CA THR D 92 10.37 2.16 10.67
C THR D 92 11.14 0.86 10.97
N THR D 93 10.67 -0.23 10.40
CA THR D 93 11.33 -1.52 10.60
C THR D 93 12.76 -1.42 10.09
N CYS D 94 12.96 -0.78 8.93
CA CYS D 94 14.29 -0.68 8.42
C CYS D 94 15.19 0.12 9.32
N GLU D 95 14.67 1.24 9.81
CA GLU D 95 15.41 2.08 10.74
C GLU D 95 15.83 1.32 12.03
N GLN D 96 14.91 0.57 12.62
CA GLN D 96 15.22 -0.18 13.86
C GLN D 96 16.34 -1.20 13.65
N VAL D 97 16.32 -1.90 12.51
CA VAL D 97 17.33 -3.00 12.29
C VAL D 97 18.72 -2.50 11.91
N MET D 98 18.83 -1.20 11.67
CA MET D 98 20.07 -0.55 11.24
C MET D 98 20.88 -0.25 12.53
N LYS D 99 20.20 -0.22 13.68
CA LYS D 99 20.81 0.17 14.97
C LYS D 99 22.06 -0.66 15.23
N GLY D 100 23.21 0.00 15.26
CA GLY D 100 24.52 -0.64 15.55
C GLY D 100 25.06 -1.52 14.43
N VAL D 101 24.53 -1.36 13.20
CA VAL D 101 24.99 -2.17 12.06
C VAL D 101 26.21 -1.49 11.47
N ASP D 102 27.22 -2.31 11.20
CA ASP D 102 28.42 -1.90 10.49
C ASP D 102 28.27 -2.07 8.96
N HIS D 103 27.90 -3.27 8.53
CA HIS D 103 27.77 -3.64 7.12
C HIS D 103 26.40 -4.19 6.79
N VAL D 104 25.86 -3.71 5.69
CA VAL D 104 24.51 -4.09 5.19
C VAL D 104 24.66 -4.91 3.91
N LEU D 105 24.03 -6.09 3.90
CA LEU D 105 23.98 -6.92 2.72
C LEU D 105 22.51 -7.07 2.42
N HIS D 106 22.04 -6.37 1.38
CA HIS D 106 20.60 -6.22 1.16
C HIS D 106 20.27 -7.25 0.08
N GLN D 107 19.69 -8.37 0.50
CA GLN D 107 19.34 -9.46 -0.39
C GLN D 107 17.85 -9.57 -0.56
N ALA D 108 17.08 -8.90 0.33
CA ALA D 108 15.62 -8.97 0.18
C ALA D 108 15.01 -8.43 -1.14
N ALA D 109 14.31 -9.29 -1.86
CA ALA D 109 13.57 -8.93 -3.06
C ALA D 109 12.61 -10.06 -3.46
N LEU D 110 11.73 -9.73 -4.43
CA LEU D 110 11.05 -10.75 -5.20
C LEU D 110 11.70 -10.96 -6.55
N GLY D 111 12.20 -12.18 -6.75
CA GLY D 111 12.84 -12.54 -7.99
C GLY D 111 11.77 -13.02 -8.94
N SER D 112 12.20 -13.72 -9.99
CA SER D 112 11.29 -14.29 -11.03
C SER D 112 10.78 -13.21 -11.98
N VAL D 113 11.23 -13.27 -13.22
CA VAL D 113 10.64 -12.53 -14.31
C VAL D 113 9.11 -12.78 -14.59
N PRO D 114 8.65 -14.06 -14.64
CA PRO D 114 7.20 -14.37 -14.64
C PRO D 114 6.40 -13.85 -13.40
N ARG D 115 6.96 -13.87 -12.19
CA ARG D 115 6.25 -13.34 -11.04
C ARG D 115 5.97 -11.83 -11.31
N SER D 116 6.90 -11.15 -11.95
CA SER D 116 6.80 -9.71 -12.17
C SER D 116 5.81 -9.30 -13.25
N ILE D 117 5.67 -10.16 -14.27
CA ILE D 117 4.67 -10.01 -15.33
C ILE D 117 3.21 -10.27 -14.90
N VAL D 118 2.99 -11.23 -14.00
CA VAL D 118 1.67 -11.54 -13.53
C VAL D 118 1.35 -10.48 -12.50
N ASP D 119 2.32 -10.11 -11.69
CA ASP D 119 2.03 -9.14 -10.64
C ASP D 119 3.19 -8.09 -10.50
N PRO D 120 3.22 -7.09 -11.38
CA PRO D 120 4.26 -6.05 -11.26
C PRO D 120 4.19 -5.18 -9.96
N ILE D 121 2.98 -4.95 -9.49
CA ILE D 121 2.77 -4.09 -8.36
C ILE D 121 3.50 -4.59 -7.10
N THR D 122 3.38 -5.88 -6.83
CA THR D 122 3.96 -6.50 -5.61
C THR D 122 5.47 -6.52 -5.81
N THR D 123 5.90 -6.86 -7.04
CA THR D 123 7.37 -6.85 -7.37
C THR D 123 7.93 -5.44 -7.15
N ASN D 124 7.20 -4.43 -7.61
CA ASN D 124 7.60 -3.04 -7.36
C ASN D 124 7.70 -2.64 -5.84
N ALA D 125 6.66 -2.94 -5.06
CA ALA D 125 6.71 -2.54 -3.65
C ALA D 125 7.93 -3.06 -2.94
N THR D 126 8.22 -4.35 -3.13
CA THR D 126 9.34 -4.93 -2.42
C THR D 126 10.65 -4.47 -3.03
N ASN D 127 10.76 -4.57 -4.36
CA ASN D 127 12.05 -4.29 -5.02
C ASN D 127 12.41 -2.82 -5.24
N ILE D 128 11.42 -1.93 -5.26
CA ILE D 128 11.76 -0.48 -5.31
C ILE D 128 11.53 0.21 -3.98
N THR D 129 10.31 0.30 -3.48
CA THR D 129 10.03 0.87 -2.14
C THR D 129 10.89 0.25 -1.05
N GLY D 130 10.80 -1.09 -0.93
CA GLY D 130 11.66 -1.81 0.00
C GLY D 130 13.14 -1.45 -0.14
N PHE D 131 13.67 -1.56 -1.35
CA PHE D 131 15.07 -1.18 -1.60
C PHE D 131 15.43 0.24 -1.13
N LEU D 132 14.62 1.24 -1.53
CA LEU D 132 14.91 2.63 -1.17
C LEU D 132 14.84 2.79 0.37
N ASN D 133 13.80 2.21 0.99
CA ASN D 133 13.73 2.17 2.47
C ASN D 133 15.04 1.74 3.14
N ILE D 134 15.60 0.60 2.73
CA ILE D 134 16.76 0.05 3.37
C ILE D 134 17.93 0.91 3.01
N LEU D 135 17.97 1.33 1.75
CA LEU D 135 19.00 2.30 1.37
C LEU D 135 18.97 3.59 2.23
N HIS D 136 17.79 4.18 2.38
CA HIS D 136 17.67 5.41 3.12
C HIS D 136 18.00 5.25 4.62
N ALA D 137 17.59 4.13 5.20
CA ALA D 137 17.77 3.93 6.62
C ALA D 137 19.26 3.80 6.84
N ALA D 138 19.92 3.24 5.86
CA ALA D 138 21.34 2.94 6.03
C ALA D 138 22.11 4.22 5.86
N LYS D 139 21.82 4.98 4.83
CA LYS D 139 22.38 6.34 4.65
C LYS D 139 22.30 7.16 5.97
N ASN D 140 21.15 7.11 6.61
CA ASN D 140 20.89 7.84 7.86
C ASN D 140 21.58 7.29 9.13
N ALA D 141 21.66 5.97 9.24
CA ALA D 141 22.45 5.37 10.32
C ALA D 141 24.01 5.53 10.11
N GLN D 142 24.41 5.94 8.92
CA GLN D 142 25.83 6.11 8.58
C GLN D 142 26.57 4.81 8.85
N VAL D 143 26.09 3.73 8.22
CA VAL D 143 26.77 2.45 8.27
C VAL D 143 28.15 2.53 7.56
N GLN D 144 28.97 1.51 7.74
CA GLN D 144 30.28 1.56 7.11
C GLN D 144 30.18 1.15 5.64
N SER D 145 29.26 0.26 5.32
CA SER D 145 29.09 -0.24 3.93
C SER D 145 27.68 -0.66 3.67
N PHE D 146 27.39 -0.77 2.38
CA PHE D 146 26.08 -1.08 1.84
C PHE D 146 26.35 -1.80 0.53
N THR D 147 26.03 -3.08 0.51
CA THR D 147 26.15 -3.86 -0.66
C THR D 147 24.77 -4.46 -1.00
N TYR D 148 24.35 -4.41 -2.27
CA TYR D 148 23.00 -4.85 -2.60
C TYR D 148 22.99 -5.79 -3.81
N ALA D 149 21.96 -6.62 -3.85
CA ALA D 149 21.83 -7.55 -4.95
C ALA D 149 21.19 -6.90 -6.17
N ALA D 150 21.98 -6.78 -7.24
CA ALA D 150 21.46 -6.29 -8.51
C ALA D 150 21.30 -7.51 -9.38
N SER D 151 21.19 -7.31 -10.68
CA SER D 151 20.74 -8.42 -11.52
C SER D 151 21.32 -8.34 -12.91
N SER D 152 21.75 -9.50 -13.43
CA SER D 152 22.18 -9.61 -14.82
C SER D 152 21.09 -9.28 -15.84
N SER D 153 19.81 -9.39 -15.43
CA SER D 153 18.67 -8.90 -16.26
C SER D 153 18.80 -7.45 -16.62
N THR D 154 19.71 -6.73 -15.99
CA THR D 154 19.84 -5.29 -16.33
C THR D 154 20.41 -5.07 -17.75
N TYR D 155 21.06 -6.10 -18.28
CA TYR D 155 21.64 -6.09 -19.62
C TYR D 155 20.61 -5.98 -20.73
N GLY D 156 19.40 -6.48 -20.43
CA GLY D 156 18.22 -6.31 -21.27
C GLY D 156 18.33 -6.88 -22.67
N ASP D 157 18.05 -6.07 -23.66
CA ASP D 157 18.19 -6.53 -25.06
C ASP D 157 19.56 -6.23 -25.66
N HIS D 158 20.52 -5.77 -24.83
CA HIS D 158 21.87 -5.38 -25.35
C HIS D 158 22.57 -6.66 -25.84
N PRO D 159 23.02 -6.66 -27.12
CA PRO D 159 23.49 -7.91 -27.70
C PRO D 159 24.96 -8.20 -27.47
N ALA D 160 25.74 -7.21 -27.03
CA ALA D 160 27.21 -7.43 -26.85
C ALA D 160 27.53 -8.65 -25.96
N LEU D 161 28.53 -9.44 -26.36
CA LEU D 161 29.02 -10.57 -25.58
C LEU D 161 30.54 -10.53 -25.56
N PRO D 162 31.13 -10.72 -24.38
CA PRO D 162 30.52 -10.90 -23.06
C PRO D 162 29.90 -9.62 -22.49
N LYS D 163 29.21 -9.74 -21.34
CA LYS D 163 28.57 -8.57 -20.71
C LYS D 163 29.57 -7.79 -19.84
N VAL D 164 29.80 -6.54 -20.22
CA VAL D 164 30.66 -5.61 -19.49
C VAL D 164 29.83 -4.51 -18.85
N GLU D 165 30.17 -4.15 -17.61
CA GLU D 165 29.27 -3.35 -16.77
C GLU D 165 28.70 -2.12 -17.46
N GLU D 166 29.54 -1.41 -18.22
CA GLU D 166 29.15 -0.11 -18.73
C GLU D 166 28.10 -0.23 -19.83
N ASN D 167 27.93 -1.43 -20.42
CA ASN D 167 27.04 -1.54 -21.60
C ASN D 167 25.73 -2.28 -21.41
N ILE D 168 24.65 -1.53 -21.18
CA ILE D 168 23.37 -2.19 -20.88
C ILE D 168 22.31 -1.83 -21.90
N GLY D 169 21.19 -2.55 -21.88
CA GLY D 169 20.12 -2.25 -22.81
C GLY D 169 18.86 -1.76 -22.14
N ASN D 170 17.77 -1.95 -22.87
CA ASN D 170 16.41 -1.72 -22.42
C ASN D 170 15.98 -2.96 -21.63
N PRO D 171 15.34 -2.77 -20.47
CA PRO D 171 14.92 -3.84 -19.63
C PRO D 171 13.75 -4.57 -20.33
N LEU D 172 13.65 -5.87 -20.16
CA LEU D 172 12.71 -6.66 -20.92
C LEU D 172 11.53 -7.12 -20.08
N SER D 173 11.48 -6.64 -18.84
CA SER D 173 10.43 -7.08 -17.93
C SER D 173 10.29 -6.16 -16.71
N PRO D 174 9.16 -6.29 -15.98
CA PRO D 174 9.01 -5.40 -14.83
C PRO D 174 9.97 -5.70 -13.70
N TYR D 175 10.35 -6.99 -13.54
CA TYR D 175 11.43 -7.36 -12.66
C TYR D 175 12.77 -6.66 -13.01
N ALA D 176 13.14 -6.67 -14.29
CA ALA D 176 14.36 -6.03 -14.72
C ALA D 176 14.32 -4.52 -14.45
N VAL D 177 13.15 -3.90 -14.50
CA VAL D 177 13.03 -2.44 -14.23
C VAL D 177 13.46 -2.17 -12.77
N THR D 178 12.85 -2.90 -11.83
CA THR D 178 13.18 -2.77 -10.38
C THR D 178 14.67 -2.84 -10.05
N LYS D 179 15.34 -3.93 -10.41
CA LYS D 179 16.77 -4.09 -10.22
C LYS D 179 17.63 -3.05 -10.95
N TYR D 180 17.28 -2.68 -12.20
CA TYR D 180 17.88 -1.45 -12.72
C TYR D 180 17.68 -0.20 -11.83
N VAL D 181 16.48 0.00 -11.29
CA VAL D 181 16.21 1.28 -10.55
C VAL D 181 16.98 1.31 -9.21
N ASN D 182 17.29 0.13 -8.68
CA ASN D 182 18.18 -0.04 -7.55
C ASN D 182 19.54 0.59 -7.87
N GLU D 183 20.13 0.25 -9.01
CA GLU D 183 21.40 0.90 -9.38
C GLU D 183 21.25 2.44 -9.51
N ILE D 184 20.15 2.87 -10.13
CA ILE D 184 19.97 4.33 -10.31
C ILE D 184 19.89 4.99 -8.95
N TYR D 185 18.98 4.54 -8.08
CA TYR D 185 18.86 5.11 -6.74
C TYR D 185 20.20 5.12 -5.95
N ALA D 186 20.92 3.99 -5.93
CA ALA D 186 22.25 3.98 -5.28
C ALA D 186 23.19 5.02 -5.85
N GLN D 187 23.13 5.23 -7.17
CA GLN D 187 24.03 6.18 -7.77
C GLN D 187 23.59 7.62 -7.43
N VAL D 188 22.27 7.84 -7.36
CA VAL D 188 21.78 9.17 -6.92
C VAL D 188 22.11 9.47 -5.44
N TYR D 189 22.16 8.39 -4.66
CA TYR D 189 22.46 8.50 -3.25
C TYR D 189 23.92 8.91 -2.97
N ALA D 190 24.86 8.36 -3.74
CA ALA D 190 26.25 8.80 -3.69
C ALA D 190 26.39 10.24 -4.09
N ARG D 191 25.77 10.59 -5.20
CA ARG D 191 25.89 11.90 -5.76
C ARG D 191 25.30 12.97 -4.82
N THR D 192 24.13 12.69 -4.28
CA THR D 192 23.33 13.66 -3.51
C THR D 192 23.78 13.75 -2.05
N TYR D 193 24.04 12.59 -1.47
CA TYR D 193 24.31 12.52 -0.07
C TYR D 193 25.76 12.11 0.24
N GLY D 194 26.54 11.73 -0.78
CA GLY D 194 27.85 11.10 -0.57
C GLY D 194 27.85 9.67 -0.03
N PHE D 195 26.70 8.96 -0.13
CA PHE D 195 26.59 7.59 0.44
C PHE D 195 26.85 6.56 -0.70
N LYS D 196 28.00 5.90 -0.58
CA LYS D 196 28.64 5.15 -1.64
C LYS D 196 28.41 3.67 -1.43
N THR D 197 27.77 3.05 -2.42
CA THR D 197 27.31 1.69 -2.31
C THR D 197 28.01 0.80 -3.37
N ILE D 198 27.72 -0.49 -3.33
CA ILE D 198 28.21 -1.37 -4.34
C ILE D 198 27.00 -2.24 -4.74
N GLY D 199 26.67 -2.24 -6.02
CA GLY D 199 25.62 -3.12 -6.57
C GLY D 199 26.26 -4.33 -7.25
N LEU D 200 25.69 -5.51 -6.99
CA LEU D 200 26.30 -6.73 -7.50
C LEU D 200 25.35 -7.39 -8.48
N ARG D 201 25.74 -7.39 -9.76
CA ARG D 201 24.91 -7.96 -10.86
C ARG D 201 25.16 -9.47 -10.87
N TYR D 202 24.41 -10.16 -10.03
CA TYR D 202 24.25 -11.61 -10.05
C TYR D 202 23.76 -12.10 -11.40
N PHE D 203 24.41 -13.17 -11.88
CA PHE D 203 24.05 -13.92 -13.07
C PHE D 203 23.65 -15.33 -12.66
N ASN D 204 22.38 -15.60 -12.46
CA ASN D 204 21.87 -16.98 -12.38
C ASN D 204 22.53 -17.83 -11.33
N VAL D 205 22.33 -17.39 -10.08
CA VAL D 205 22.96 -18.00 -8.93
C VAL D 205 22.27 -19.32 -8.57
N PHE D 206 23.08 -20.29 -8.15
CA PHE D 206 22.54 -21.59 -7.78
C PHE D 206 23.37 -22.25 -6.70
N GLY D 207 22.76 -23.24 -6.05
CA GLY D 207 23.36 -23.95 -4.93
C GLY D 207 22.32 -24.39 -3.92
N ARG D 208 22.81 -24.80 -2.76
CA ARG D 208 21.97 -25.31 -1.66
C ARG D 208 21.00 -24.27 -1.19
N ARG D 209 19.81 -24.71 -0.77
CA ARG D 209 18.70 -23.83 -0.32
C ARG D 209 18.06 -22.90 -1.35
N GLN D 210 18.39 -23.09 -2.65
CA GLN D 210 17.67 -22.41 -3.73
C GLN D 210 16.39 -23.19 -3.89
N ASP D 211 15.27 -22.51 -3.70
CA ASP D 211 13.94 -23.19 -3.47
C ASP D 211 13.38 -23.88 -4.73
N PRO D 212 13.22 -25.22 -4.66
CA PRO D 212 12.76 -26.00 -5.80
C PRO D 212 11.23 -26.02 -5.97
N ASN D 213 10.49 -25.44 -5.01
CA ASN D 213 9.01 -25.55 -4.94
C ASN D 213 8.21 -24.37 -5.50
N GLY D 214 6.97 -24.62 -5.94
CA GLY D 214 6.10 -23.53 -6.37
C GLY D 214 6.45 -23.04 -7.77
N ALA D 215 5.49 -22.38 -8.41
CA ALA D 215 5.57 -22.02 -9.80
C ALA D 215 6.79 -21.17 -10.19
N TYR D 216 7.46 -20.53 -9.25
CA TYR D 216 8.54 -19.60 -9.62
C TYR D 216 9.95 -20.14 -9.43
N ALA D 217 10.12 -21.48 -9.32
CA ALA D 217 11.47 -22.00 -9.11
C ALA D 217 12.39 -21.70 -10.29
N ALA D 218 13.64 -21.34 -9.97
CA ALA D 218 14.71 -21.19 -10.98
C ALA D 218 14.99 -22.55 -11.54
N VAL D 219 15.64 -22.60 -12.70
CA VAL D 219 15.66 -23.76 -13.55
C VAL D 219 16.41 -24.95 -12.98
N ILE D 220 17.47 -24.68 -12.24
CA ILE D 220 18.27 -25.76 -11.66
C ILE D 220 17.52 -26.47 -10.50
N PRO D 221 17.03 -25.75 -9.49
CA PRO D 221 16.32 -26.57 -8.52
C PRO D 221 15.05 -27.15 -9.15
N LYS D 222 14.38 -26.37 -10.00
CA LYS D 222 13.22 -26.91 -10.73
C LYS D 222 13.49 -28.20 -11.53
N TRP D 223 14.48 -28.18 -12.43
CA TRP D 223 14.77 -29.38 -13.24
C TRP D 223 15.34 -30.50 -12.38
N THR D 224 16.02 -30.14 -11.31
CA THR D 224 16.59 -31.16 -10.40
C THR D 224 15.45 -31.91 -9.74
N ALA D 225 14.54 -31.14 -9.15
CA ALA D 225 13.36 -31.74 -8.56
C ALA D 225 12.54 -32.61 -9.57
N ALA D 226 12.37 -32.12 -10.80
CA ALA D 226 11.51 -32.82 -11.78
C ALA D 226 12.16 -34.15 -12.14
N MET D 227 13.49 -34.16 -12.30
CA MET D 227 14.18 -35.40 -12.66
C MET D 227 14.09 -36.40 -11.50
N LEU D 228 14.22 -35.93 -10.27
CA LEU D 228 14.05 -36.78 -9.10
C LEU D 228 12.63 -37.33 -8.90
N LYS D 229 11.61 -36.51 -9.15
CA LYS D 229 10.22 -36.95 -9.06
C LYS D 229 9.79 -37.75 -10.27
N GLY D 230 10.43 -37.50 -11.41
CA GLY D 230 10.00 -38.11 -12.69
C GLY D 230 8.96 -37.25 -13.41
N ASP D 231 8.97 -35.95 -13.16
CA ASP D 231 8.07 -35.03 -13.83
C ASP D 231 8.66 -34.61 -15.19
N ASP D 232 7.84 -34.18 -16.15
CA ASP D 232 8.36 -33.60 -17.39
C ASP D 232 9.36 -32.46 -17.16
N VAL D 233 10.36 -32.38 -18.04
CA VAL D 233 11.27 -31.26 -18.07
C VAL D 233 10.98 -30.40 -19.30
N TYR D 234 10.57 -29.16 -19.08
CA TYR D 234 10.35 -28.23 -20.17
C TYR D 234 11.56 -27.34 -20.44
N ILE D 235 11.90 -27.26 -21.71
CA ILE D 235 12.85 -26.28 -22.21
C ILE D 235 12.05 -25.19 -22.94
N ASN D 236 12.08 -23.99 -22.40
CA ASN D 236 11.38 -22.89 -23.03
C ASN D 236 12.10 -22.39 -24.28
N GLY D 237 11.60 -22.74 -25.46
CA GLY D 237 12.23 -22.25 -26.71
C GLY D 237 13.07 -23.34 -27.34
N ASP D 238 14.18 -22.96 -27.98
CA ASP D 238 14.99 -23.94 -28.69
C ASP D 238 16.14 -24.56 -27.86
N GLY D 239 16.28 -24.16 -26.61
CA GLY D 239 17.34 -24.68 -25.74
C GLY D 239 18.70 -24.01 -25.87
N GLU D 240 18.87 -23.19 -26.92
CA GLU D 240 20.13 -22.51 -27.19
C GLU D 240 20.24 -21.19 -26.40
N THR D 241 19.20 -20.85 -25.65
CA THR D 241 19.28 -19.78 -24.69
C THR D 241 20.41 -20.07 -23.71
N SER D 242 21.18 -19.05 -23.36
CA SER D 242 22.36 -19.29 -22.50
C SER D 242 22.53 -18.43 -21.30
N ARG D 243 23.25 -19.00 -20.33
CA ARG D 243 23.46 -18.34 -19.04
C ARG D 243 24.88 -18.50 -18.46
N ASP D 244 25.24 -17.58 -17.57
CA ASP D 244 26.46 -17.70 -16.76
C ASP D 244 26.01 -18.18 -15.38
N PHE D 245 25.93 -19.49 -15.18
CA PHE D 245 25.47 -20.05 -13.89
C PHE D 245 26.57 -19.96 -12.87
N CYS D 246 26.25 -19.28 -11.79
CA CYS D 246 27.24 -18.85 -10.82
C CYS D 246 26.95 -19.50 -9.45
N TYR D 247 27.74 -20.49 -9.08
CA TYR D 247 27.57 -21.24 -7.84
C TYR D 247 27.62 -20.32 -6.62
N ILE D 248 26.79 -20.62 -5.63
CA ILE D 248 26.57 -19.75 -4.48
C ILE D 248 27.88 -19.21 -3.85
N ASP D 249 28.90 -20.02 -3.70
CA ASP D 249 30.10 -19.53 -2.98
C ASP D 249 30.80 -18.31 -3.63
N ASN D 250 30.66 -18.17 -4.95
CA ASN D 250 31.31 -17.05 -5.63
C ASN D 250 30.60 -15.72 -5.25
N VAL D 251 29.29 -15.81 -5.01
CA VAL D 251 28.43 -14.70 -4.58
C VAL D 251 28.72 -14.32 -3.11
N ILE D 252 28.97 -15.32 -2.26
CA ILE D 252 29.30 -15.02 -0.86
C ILE D 252 30.65 -14.27 -0.84
N GLN D 253 31.63 -14.79 -1.56
CA GLN D 253 32.92 -14.12 -1.71
C GLN D 253 32.73 -12.62 -2.11
N MET D 254 32.02 -12.36 -3.22
CA MET D 254 31.75 -10.98 -3.73
C MET D 254 31.09 -10.09 -2.71
N ASN D 255 30.11 -10.63 -1.97
CA ASN D 255 29.46 -9.84 -0.98
C ASN D 255 30.43 -9.40 0.11
N ILE D 256 31.31 -10.34 0.51
CA ILE D 256 32.29 -10.06 1.57
C ILE D 256 33.42 -9.15 1.11
N LEU D 257 33.94 -9.37 -0.11
CA LEU D 257 34.94 -8.42 -0.65
C LEU D 257 34.34 -7.06 -0.78
N SER D 258 33.06 -7.01 -1.13
CA SER D 258 32.39 -5.72 -1.30
C SER D 258 32.29 -4.94 0.02
N ALA D 259 31.84 -5.61 1.08
CA ALA D 259 31.50 -4.91 2.32
C ALA D 259 32.73 -4.25 2.91
N LEU D 260 33.87 -4.82 2.58
CA LEU D 260 35.15 -4.38 3.09
C LEU D 260 35.97 -3.69 2.01
N ALA D 261 35.35 -3.28 0.92
CA ALA D 261 36.09 -2.61 -0.12
C ALA D 261 36.55 -1.25 0.37
N LYS D 262 37.71 -0.81 -0.13
CA LYS D 262 38.17 0.57 -0.03
C LYS D 262 37.18 1.52 -0.70
N ASP D 263 37.19 2.79 -0.26
CA ASP D 263 36.24 3.75 -0.75
C ASP D 263 36.25 3.90 -2.30
N SER D 264 37.43 3.91 -2.91
CA SER D 264 37.52 4.13 -4.35
C SER D 264 36.83 3.01 -5.19
N ALA D 265 36.67 1.82 -4.60
CA ALA D 265 35.99 0.72 -5.28
C ALA D 265 34.47 0.73 -4.99
N LYS D 266 33.99 1.74 -4.25
CA LYS D 266 32.53 1.92 -3.99
C LYS D 266 31.88 2.86 -5.06
N ASP D 267 30.55 3.05 -4.97
CA ASP D 267 29.74 3.64 -6.08
C ASP D 267 30.10 2.98 -7.39
N ASN D 268 30.14 1.65 -7.37
CA ASN D 268 30.46 0.89 -8.52
C ASN D 268 29.52 -0.32 -8.61
N ILE D 269 29.30 -0.76 -9.86
CA ILE D 269 28.57 -2.00 -10.18
C ILE D 269 29.50 -3.07 -10.73
N TYR D 270 29.32 -4.30 -10.23
CA TYR D 270 30.18 -5.48 -10.56
C TYR D 270 29.32 -6.65 -11.00
N ASN D 271 29.64 -7.18 -12.18
CA ASN D 271 29.10 -8.48 -12.59
C ASN D 271 29.61 -9.48 -11.58
N VAL D 272 28.74 -10.36 -11.11
CA VAL D 272 29.16 -11.45 -10.21
C VAL D 272 28.84 -12.75 -10.96
N ALA D 273 29.87 -13.40 -11.44
CA ALA D 273 29.70 -14.65 -12.20
C ALA D 273 31.06 -15.26 -12.47
N VAL D 274 31.08 -16.26 -13.36
CA VAL D 274 32.27 -17.07 -13.59
C VAL D 274 32.90 -16.72 -14.95
N GLY D 275 32.14 -16.10 -15.86
CA GLY D 275 32.64 -15.77 -17.22
C GLY D 275 32.40 -16.89 -18.23
N ASP D 276 31.62 -17.89 -17.84
CA ASP D 276 31.27 -18.99 -18.75
C ASP D 276 29.85 -18.96 -19.35
N ARG D 277 29.65 -19.76 -20.39
CA ARG D 277 28.38 -19.76 -21.15
C ARG D 277 27.89 -21.19 -21.29
N THR D 278 26.63 -21.41 -20.89
CA THR D 278 25.98 -22.73 -20.91
C THR D 278 24.57 -22.52 -21.44
N THR D 279 24.21 -23.28 -22.44
CA THR D 279 22.86 -23.22 -22.96
C THR D 279 21.98 -24.16 -22.14
N LEU D 280 20.67 -23.92 -22.16
CA LEU D 280 19.71 -24.84 -21.50
C LEU D 280 19.78 -26.35 -21.90
N ASN D 281 20.04 -26.67 -23.19
CA ASN D 281 20.29 -28.07 -23.60
C ASN D 281 21.52 -28.71 -22.92
N GLU D 282 22.61 -27.95 -22.81
CA GLU D 282 23.81 -28.51 -22.19
C GLU D 282 23.47 -28.70 -20.72
N LEU D 283 22.93 -27.65 -20.11
CA LEU D 283 22.62 -27.68 -18.69
C LEU D 283 21.81 -28.93 -18.37
N SER D 284 20.87 -29.26 -19.26
CA SER D 284 20.01 -30.41 -19.03
C SER D 284 20.81 -31.69 -18.99
N GLY D 285 21.87 -31.75 -19.82
CA GLY D 285 22.76 -32.91 -19.85
C GLY D 285 23.49 -32.99 -18.53
N TYR D 286 23.92 -31.82 -18.04
CA TYR D 286 24.75 -31.74 -16.82
C TYR D 286 23.99 -32.15 -15.56
N ILE D 287 22.77 -31.62 -15.40
CA ILE D 287 21.90 -31.97 -14.30
C ILE D 287 21.65 -33.48 -14.25
N TYR D 288 21.33 -34.09 -15.39
CA TYR D 288 21.07 -35.50 -15.45
C TYR D 288 22.33 -36.31 -15.14
N ASP D 289 23.47 -35.83 -15.62
CA ASP D 289 24.71 -36.58 -15.44
C ASP D 289 25.10 -36.64 -13.96
N GLU D 290 24.99 -35.50 -13.27
CA GLU D 290 25.41 -35.38 -11.85
C GLU D 290 24.47 -36.13 -10.94
N LEU D 291 23.16 -35.97 -11.18
CA LEU D 291 22.17 -36.79 -10.49
C LEU D 291 22.45 -38.27 -10.62
N ASN D 292 22.78 -38.67 -11.84
CA ASN D 292 22.94 -40.08 -12.11
C ASN D 292 24.19 -40.68 -11.47
N LEU D 293 25.21 -39.85 -11.26
CA LEU D 293 26.37 -40.32 -10.48
C LEU D 293 25.94 -40.59 -9.03
N ILE D 294 24.80 -40.03 -8.64
CA ILE D 294 24.26 -40.12 -7.27
C ILE D 294 23.03 -41.03 -7.09
N HIS D 295 22.33 -41.32 -8.18
CA HIS D 295 21.58 -42.61 -8.41
C HIS D 295 20.06 -42.55 -8.30
N HIS D 296 19.36 -42.79 -9.43
CA HIS D 296 17.88 -42.73 -9.52
C HIS D 296 17.48 -43.00 -10.99
N ILE D 302 11.93 -35.00 -21.10
CA ILE D 302 12.30 -33.63 -21.53
C ILE D 302 11.43 -33.09 -22.66
N LYS D 303 10.86 -31.89 -22.52
CA LYS D 303 9.89 -31.31 -23.50
C LYS D 303 10.24 -29.86 -23.93
N TYR D 304 10.16 -29.58 -25.23
CA TYR D 304 10.38 -28.27 -25.75
C TYR D 304 9.05 -27.54 -25.80
N ARG D 305 9.05 -26.24 -25.50
CA ARG D 305 7.84 -25.46 -25.66
C ARG D 305 8.25 -24.04 -25.99
N GLU D 306 7.33 -23.10 -25.86
CA GLU D 306 7.58 -21.69 -26.26
C GLU D 306 8.60 -20.96 -25.36
N PHE D 307 9.37 -20.04 -25.96
CA PHE D 307 10.26 -19.13 -25.20
C PHE D 307 9.40 -18.43 -24.18
N ARG D 308 10.02 -18.07 -23.05
CA ARG D 308 9.27 -17.45 -21.96
C ARG D 308 9.26 -15.95 -22.22
N SER D 309 8.15 -15.31 -21.92
CA SER D 309 8.01 -13.87 -22.15
C SER D 309 8.99 -13.06 -21.33
N GLY D 310 9.60 -12.03 -21.94
CA GLY D 310 10.55 -11.12 -21.29
C GLY D 310 11.85 -11.78 -20.88
N ASP D 311 12.18 -12.89 -21.55
CA ASP D 311 13.42 -13.66 -21.26
C ASP D 311 14.62 -13.04 -21.99
N VAL D 312 15.74 -12.85 -21.29
CA VAL D 312 17.02 -12.48 -21.96
C VAL D 312 17.55 -13.69 -22.76
N ARG D 313 18.09 -13.47 -23.97
CA ARG D 313 18.45 -14.58 -24.84
C ARG D 313 19.80 -15.21 -24.48
N ALA D 314 20.81 -14.34 -24.37
CA ALA D 314 22.25 -14.70 -24.25
C ALA D 314 22.95 -13.93 -23.12
N SER D 315 23.62 -14.67 -22.25
CA SER D 315 24.20 -14.12 -21.00
C SER D 315 25.52 -14.82 -20.66
N GLN D 316 26.62 -14.08 -20.80
CA GLN D 316 27.97 -14.50 -20.38
C GLN D 316 28.67 -13.25 -19.78
N ALA D 317 28.90 -13.25 -18.48
CA ALA D 317 29.61 -12.13 -17.83
C ALA D 317 31.03 -11.95 -18.30
N ASP D 318 31.46 -10.70 -18.40
CA ASP D 318 32.92 -10.37 -18.31
C ASP D 318 33.19 -9.84 -16.90
N VAL D 319 34.04 -10.52 -16.15
CA VAL D 319 34.27 -10.19 -14.73
C VAL D 319 35.68 -9.63 -14.42
N THR D 320 36.36 -9.17 -15.48
CA THR D 320 37.60 -8.48 -15.32
C THR D 320 37.49 -7.33 -14.30
N LYS D 321 36.31 -6.72 -14.18
CA LYS D 321 36.16 -5.56 -13.27
C LYS D 321 36.26 -5.95 -11.79
N ALA D 322 35.42 -6.93 -11.40
CA ALA D 322 35.52 -7.52 -10.04
C ALA D 322 36.92 -8.06 -9.75
N ILE D 323 37.57 -8.61 -10.77
CA ILE D 323 38.91 -9.19 -10.59
C ILE D 323 39.94 -8.08 -10.24
N ASP D 324 40.04 -7.08 -11.12
CA ASP D 324 40.99 -5.98 -11.03
C ASP D 324 40.74 -5.14 -9.76
N LEU D 325 39.49 -4.78 -9.52
CA LEU D 325 39.15 -3.80 -8.51
C LEU D 325 38.86 -4.39 -7.11
N LEU D 326 38.23 -5.56 -7.04
CA LEU D 326 37.94 -6.12 -5.72
C LEU D 326 38.73 -7.39 -5.45
N LYS D 327 39.56 -7.74 -6.43
CA LYS D 327 40.40 -8.93 -6.39
C LYS D 327 39.60 -10.23 -6.22
N TYR D 328 38.44 -10.25 -6.86
CA TYR D 328 37.60 -11.43 -6.91
C TYR D 328 38.37 -12.56 -7.60
N ARG D 329 38.20 -13.78 -7.10
CA ARG D 329 38.70 -14.97 -7.76
C ARG D 329 37.56 -15.94 -8.00
N PRO D 330 37.07 -16.02 -9.25
CA PRO D 330 35.87 -16.84 -9.55
C PRO D 330 36.17 -18.37 -9.54
N ASN D 331 36.03 -19.05 -8.41
CA ASN D 331 36.64 -20.38 -8.28
C ASN D 331 35.79 -21.58 -8.66
N ILE D 332 34.48 -21.52 -8.45
CA ILE D 332 33.67 -22.72 -8.77
C ILE D 332 32.82 -22.56 -10.03
N LYS D 333 33.15 -23.35 -11.05
CA LYS D 333 32.38 -23.40 -12.28
C LYS D 333 31.20 -24.37 -12.13
N ILE D 334 30.33 -24.38 -13.13
CA ILE D 334 29.03 -25.06 -13.08
C ILE D 334 29.06 -26.60 -12.76
N ARG D 335 29.90 -27.39 -13.42
CA ARG D 335 29.92 -28.84 -13.11
C ARG D 335 30.28 -29.08 -11.64
N GLU D 336 31.39 -28.52 -11.18
CA GLU D 336 31.75 -28.64 -9.77
C GLU D 336 30.63 -28.12 -8.86
N GLY D 337 30.09 -26.93 -9.16
CA GLY D 337 28.95 -26.40 -8.45
C GLY D 337 27.76 -27.33 -8.40
N LEU D 338 27.41 -27.89 -9.55
CA LEU D 338 26.33 -28.91 -9.59
C LEU D 338 26.64 -30.14 -8.75
N ARG D 339 27.89 -30.60 -8.79
CA ARG D 339 28.31 -31.78 -7.97
C ARG D 339 28.17 -31.42 -6.47
N LEU D 340 28.37 -30.14 -6.17
CA LEU D 340 28.30 -29.78 -4.78
C LEU D 340 26.84 -29.69 -4.36
N SER D 341 25.99 -29.25 -5.28
CA SER D 341 24.62 -28.94 -4.98
C SER D 341 23.73 -30.21 -4.88
N MET D 342 23.92 -31.16 -5.79
CA MET D 342 22.95 -32.29 -5.97
C MET D 342 22.67 -33.12 -4.72
N PRO D 343 23.70 -33.42 -3.90
CA PRO D 343 23.21 -34.27 -2.81
C PRO D 343 22.35 -33.48 -1.81
N TRP D 344 22.54 -32.16 -1.77
CA TRP D 344 21.68 -31.32 -0.93
C TRP D 344 20.25 -31.49 -1.43
N TYR D 345 20.06 -31.41 -2.75
CA TYR D 345 18.74 -31.64 -3.32
C TYR D 345 18.14 -33.03 -3.13
N VAL D 346 18.91 -34.10 -3.37
CA VAL D 346 18.39 -35.47 -3.12
C VAL D 346 17.82 -35.63 -1.70
N ARG D 347 18.58 -35.19 -0.69
CA ARG D 347 18.19 -35.19 0.74
C ARG D 347 16.94 -34.36 0.99
N PHE D 348 16.97 -33.09 0.58
CA PHE D 348 15.86 -32.18 0.80
C PHE D 348 14.56 -32.67 0.19
N LEU D 349 14.64 -33.26 -1.00
CA LEU D 349 13.42 -33.73 -1.68
C LEU D 349 12.90 -35.10 -1.19
N LYS D 350 13.80 -36.02 -0.95
CA LYS D 350 13.44 -37.26 -0.25
C LYS D 350 13.20 -36.99 1.24
PA NAD E . -1.29 20.11 30.70
O1A NAD E . -0.59 18.75 30.60
O2A NAD E . -1.59 20.62 32.10
O5B NAD E . -0.34 21.17 29.98
C5B NAD E . -0.48 22.61 30.12
C4B NAD E . 0.90 23.21 30.32
O4B NAD E . 0.85 24.67 30.46
C3B NAD E . 1.55 22.62 31.58
O3B NAD E . 2.87 22.14 31.27
C2B NAD E . 1.75 23.81 32.49
O2B NAD E . 2.96 23.63 33.30
C1B NAD E . 1.77 24.98 31.52
N9A NAD E . 1.38 26.20 32.20
C8A NAD E . 0.19 26.37 32.83
N7A NAD E . 0.18 27.62 33.26
C5A NAD E . 1.34 28.24 32.95
C6A NAD E . 1.82 29.51 33.16
N6A NAD E . 1.12 30.44 33.89
N1A NAD E . 3.06 29.82 32.68
C2A NAD E . 3.79 28.94 31.94
N3A NAD E . 3.33 27.69 31.73
C4A NAD E . 2.09 27.33 32.24
O3 NAD E . -2.62 20.18 29.82
PN NAD E . -2.83 19.92 28.20
O1N NAD E . -1.50 19.95 27.51
O2N NAD E . -3.88 18.83 28.10
O5D NAD E . -3.50 21.28 27.84
C5D NAD E . -2.89 22.26 27.01
C4D NAD E . -3.99 23.11 26.44
O4D NAD E . -5.11 22.42 25.88
C3D NAD E . -4.57 23.97 27.54
O3D NAD E . -4.90 25.17 26.89
C2D NAD E . -5.87 23.32 27.92
O2D NAD E . -6.69 24.28 28.66
C1D NAD E . -6.28 22.99 26.49
N1N NAD E . -7.35 22.05 26.26
C2N NAD E . -7.15 20.75 26.58
C3N NAD E . -8.13 19.79 26.34
C7N NAD E . -7.91 18.35 26.73
O7N NAD E . -8.56 17.49 26.20
N7N NAD E . -7.01 18.00 27.66
C4N NAD E . -9.30 20.24 25.74
C5N NAD E . -9.49 21.58 25.40
C6N NAD E . -8.47 22.49 25.67
C1' UD2 F . -13.31 19.25 29.48
C2' UD2 F . -13.54 19.57 28.01
C3' UD2 F . -12.26 19.41 27.15
C4' UD2 F . -11.11 20.17 27.82
C5' UD2 F . -11.00 19.97 29.34
C6' UD2 F . -9.94 20.83 29.99
C7' UD2 F . -15.86 19.01 27.60
C8' UD2 F . -16.86 18.08 26.93
N2' UD2 F . -14.57 18.67 27.48
O1' UD2 F . -13.05 17.81 29.59
O3' UD2 F . -12.41 20.02 25.84
O4' UD2 F . -11.42 21.54 27.57
O5' UD2 F . -12.27 20.13 30.00
O6' UD2 F . -9.89 20.42 31.35
O7' UD2 F . -16.24 20.04 28.19
N1 UD2 F . -15.14 11.26 35.13
C2 UD2 F . -15.54 10.09 35.81
N3 UD2 F . -14.72 9.58 36.76
C4 UD2 F . -13.54 10.18 37.06
C5 UD2 F . -13.15 11.34 36.40
C6 UD2 F . -13.97 11.87 35.42
O2 UD2 F . -16.63 9.51 35.55
O4 UD2 F . -12.80 9.70 37.94
C1B UD2 F . -16.00 11.85 34.14
C2B UD2 F . -16.12 13.38 34.34
O2' UD2 F . -17.10 13.71 35.35
C3B UD2 F . -16.45 13.83 32.92
C4B UD2 F . -15.70 12.83 32.07
O4B UD2 F . -15.46 11.64 32.86
O3B UD2 F . -17.84 13.57 32.70
C5B UD2 F . -14.37 13.29 31.49
O5B UD2 F . -13.76 14.28 32.29
PA UD2 F . -12.27 14.76 31.98
O1A UD2 F . -11.83 15.45 33.23
O2A UD2 F . -11.48 13.56 31.56
O3A UD2 F . -12.46 15.88 30.87
PB UD2 F . -13.68 16.93 30.77
O1B UD2 F . -14.89 16.12 30.35
O2B UD2 F . -13.73 17.71 32.06
S SO4 G . -7.88 24.26 -0.68
O1 SO4 G . -8.43 25.19 -1.69
O2 SO4 G . -8.73 24.30 0.48
O3 SO4 G . -7.89 22.88 -1.10
O4 SO4 G . -6.48 24.68 -0.40
PA NAD H . 0.86 20.61 -9.01
O1A NAD H . -0.01 21.84 -9.13
O2A NAD H . 1.52 20.26 -7.66
O5B NAD H . -0.23 19.45 -9.30
C5B NAD H . -0.01 18.06 -8.97
C4B NAD H . -1.31 17.48 -8.51
O4B NAD H . -1.23 16.06 -8.24
C3B NAD H . -1.74 18.18 -7.22
O3B NAD H . -3.07 18.65 -7.39
C2B NAD H . -1.71 17.13 -6.14
O2B NAD H . -2.69 17.49 -5.11
C1B NAD H . -1.84 15.84 -6.95
N9A NAD H . -1.23 14.70 -6.26
C8A NAD H . 0.07 14.59 -5.85
N7A NAD H . 0.18 13.42 -5.25
C5A NAD H . -1.03 12.77 -5.29
C6A NAD H . -1.50 11.55 -4.83
N6A NAD H . -0.71 10.65 -4.17
N1A NAD H . -2.81 11.23 -5.06
C2A NAD H . -3.64 12.05 -5.71
N3A NAD H . -3.21 13.23 -6.16
C4A NAD H . -1.91 13.61 -5.94
O3 NAD H . 2.03 20.56 -10.13
PN NAD H . 1.85 20.49 -11.76
O1N NAD H . 0.40 20.44 -12.06
O2N NAD H . 2.88 21.43 -12.37
O5D NAD H . 2.44 19.06 -12.13
C5D NAD H . 1.73 18.10 -12.87
C4D NAD H . 2.75 17.10 -13.42
O4D NAD H . 3.76 17.67 -14.27
C3D NAD H . 3.50 16.43 -12.30
O3D NAD H . 3.60 15.08 -12.73
C2D NAD H . 4.88 17.10 -12.31
O2D NAD H . 5.81 16.29 -11.59
C1D NAD H . 5.05 17.22 -13.85
N1N NAD H . 5.97 18.18 -14.44
C2N NAD H . 5.72 19.51 -14.29
C3N NAD H . 6.54 20.45 -14.89
C7N NAD H . 6.30 21.93 -14.66
O7N NAD H . 7.00 22.70 -15.26
N7N NAD H . 5.36 22.35 -13.80
C4N NAD H . 7.63 20.01 -15.65
C5N NAD H . 7.87 18.63 -15.81
C6N NAD H . 6.99 17.74 -15.20
C1' UD2 I . 12.35 21.15 -12.86
C2' UD2 I . 12.25 20.59 -14.27
C3' UD2 I . 10.84 20.70 -14.84
C4' UD2 I . 9.78 20.25 -13.83
C5' UD2 I . 10.08 20.55 -12.35
C6' UD2 I . 9.29 19.68 -11.42
C7' UD2 I . 14.46 20.88 -15.33
C8' UD2 I . 15.28 21.56 -16.41
N2' UD2 I . 13.18 21.25 -15.22
O1' UD2 I . 12.08 22.57 -12.85
O3' UD2 I . 10.76 19.85 -16.03
O4' UD2 I . 9.70 18.83 -13.99
O5' UD2 I . 11.46 20.36 -12.05
O6' UD2 I . 9.43 20.27 -10.14
O7' UD2 I . 14.97 19.99 -14.63
N1 UD2 I . 15.11 29.69 -8.83
C2 UD2 I . 15.73 30.88 -8.37
N3 UD2 I . 15.21 31.57 -7.34
C4 UD2 I . 14.09 31.11 -6.72
C5 UD2 I . 13.47 29.92 -7.14
C6 UD2 I . 14.01 29.20 -8.21
O2 UD2 I . 16.76 31.34 -8.90
O4 UD2 I . 13.64 31.79 -5.77
C1B UD2 I . 15.73 28.93 -9.90
C2B UD2 I . 15.83 27.45 -9.53
O2' UD2 I . 16.95 27.23 -8.65
C3B UD2 I . 16.00 26.82 -10.89
C4B UD2 I . 15.13 27.70 -11.75
O4B UD2 I . 15.09 29.02 -11.16
O3B UD2 I . 17.38 27.09 -11.25
C5B UD2 I . 13.71 27.20 -11.96
O5B UD2 I . 13.35 26.32 -10.90
PA UD2 I . 11.86 25.86 -10.74
O1A UD2 I . 11.71 25.25 -9.38
O2A UD2 I . 10.95 26.99 -11.13
O3A UD2 I . 11.81 24.66 -11.77
PB UD2 I . 12.99 23.55 -11.95
O1B UD2 I . 14.15 24.11 -12.75
O2B UD2 I . 13.22 22.90 -10.61
S SO4 J . 0.77 12.55 -40.31
O1 SO4 J . 0.61 13.90 -40.83
O2 SO4 J . 1.87 12.68 -39.38
O3 SO4 J . -0.51 12.21 -39.72
O4 SO4 J . 1.04 11.53 -41.33
PA NAD K . -23.11 -26.86 -9.23
O1A NAD K . -23.29 -25.34 -9.38
O2A NAD K . -24.12 -27.73 -9.92
O5B NAD K . -21.69 -27.43 -9.61
C5B NAD K . -21.46 -28.82 -9.82
C4B NAD K . -20.44 -28.75 -10.91
O4B NAD K . -19.96 -30.06 -11.19
C3B NAD K . -21.08 -28.28 -12.21
O3B NAD K . -20.20 -27.39 -12.88
C2B NAD K . -21.29 -29.56 -13.04
O2B NAD K . -21.23 -29.31 -14.46
C1B NAD K . -20.11 -30.37 -12.61
N9A NAD K . -20.30 -31.83 -12.83
C8A NAD K . -21.36 -32.59 -12.48
N7A NAD K . -21.15 -33.88 -12.83
C5A NAD K . -19.94 -33.91 -13.42
C6A NAD K . -19.20 -34.92 -14.02
N6A NAD K . -19.77 -36.19 -14.03
N1A NAD K . -17.99 -34.62 -14.56
C2A NAD K . -17.49 -33.37 -14.54
N3A NAD K . -18.18 -32.34 -13.97
C4A NAD K . -19.42 -32.59 -13.42
O3 NAD K . -23.20 -27.25 -7.68
PN NAD K . -22.38 -26.57 -6.41
O1N NAD K . -21.14 -25.84 -6.79
O2N NAD K . -23.42 -25.95 -5.49
O5D NAD K . -21.93 -27.87 -5.59
C5D NAD K . -20.57 -28.36 -5.66
C4D NAD K . -20.42 -29.45 -4.60
O4D NAD K . -20.97 -29.00 -3.35
C3D NAD K . -21.17 -30.73 -4.95
O3D NAD K . -20.31 -31.77 -4.45
C2D NAD K . -22.44 -30.64 -4.11
O2D NAD K . -23.04 -31.89 -3.76
C1D NAD K . -21.87 -29.99 -2.87
N1N NAD K . -22.83 -29.33 -1.99
C2N NAD K . -23.35 -28.14 -2.34
C3N NAD K . -24.20 -27.55 -1.44
C7N NAD K . -24.89 -26.27 -1.73
O7N NAD K . -25.55 -25.89 -0.81
N7N NAD K . -24.80 -25.67 -2.93
C4N NAD K . -24.49 -28.19 -0.24
C5N NAD K . -23.92 -29.42 0.07
C6N NAD K . -23.08 -29.98 -0.85
C1' UD2 L . -29.41 -30.10 0.90
C2' UD2 L . -28.29 -30.13 1.95
C3' UD2 L . -27.10 -29.27 1.55
C4' UD2 L . -26.64 -29.58 0.11
C5' UD2 L . -27.82 -29.62 -0.85
C6' UD2 L . -27.31 -30.11 -2.22
C7' UD2 L . -29.34 -30.26 4.08
C8' UD2 L . -29.69 -29.60 5.37
N2' UD2 L . -28.70 -29.51 3.20
O1' UD2 L . -29.95 -28.77 0.73
O3' UD2 L . -26.01 -29.44 2.47
O4' UD2 L . -26.10 -30.91 0.15
O5' UD2 L . -28.82 -30.52 -0.32
O6' UD2 L . -28.36 -30.06 -3.15
O7' UD2 L . -29.66 -31.43 3.88
N1 UD2 L . -37.80 -25.07 -0.47
C2 UD2 L . -39.05 -24.42 -0.44
N3 UD2 L . -39.56 -23.89 -1.58
C4 UD2 L . -38.86 -24.03 -2.73
C5 UD2 L . -37.59 -24.63 -2.76
C6 UD2 L . -37.07 -25.17 -1.60
O2 UD2 L . -39.70 -24.33 0.64
O4 UD2 L . -39.35 -23.54 -3.78
C1B UD2 L . -37.32 -25.63 0.76
C2B UD2 L . -36.91 -27.09 0.54
O2' UD2 L . -38.03 -27.98 0.53
C3B UD2 L . -35.97 -27.29 1.72
C4B UD2 L . -35.30 -25.93 1.87
O4B UD2 L . -36.16 -24.96 1.26
O3B UD2 L . -36.69 -27.50 2.96
C5B UD2 L . -33.88 -25.86 1.33
O5B UD2 L . -33.85 -26.56 0.09
PA UD2 L . -32.63 -26.48 -0.94
O1A UD2 L . -32.99 -27.21 -2.23
O2A UD2 L . -32.23 -25.03 -1.06
O3A UD2 L . -31.47 -27.33 -0.28
PB UD2 L . -31.57 -28.56 0.73
O1B UD2 L . -32.00 -28.29 2.14
O2B UD2 L . -32.28 -29.67 0.00
PA NAD M . 14.88 -15.83 -2.36
O1A NAD M . 15.42 -17.27 -2.07
O2A NAD M . 13.44 -15.71 -2.78
O5B NAD M . 15.19 -14.80 -1.19
C5B NAD M . 14.55 -13.48 -1.12
C4B NAD M . 14.38 -13.24 0.35
O4B NAD M . 13.87 -11.94 0.68
C3B NAD M . 13.32 -14.22 0.87
O3B NAD M . 13.68 -14.91 2.05
C2B NAD M . 12.06 -13.37 1.10
O2B NAD M . 11.14 -13.95 2.06
C1B NAD M . 12.67 -12.09 1.52
N9A NAD M . 11.78 -10.95 1.20
C8A NAD M . 11.18 -10.68 0.03
N7A NAD M . 10.48 -9.51 0.12
C5A NAD M . 10.67 -9.06 1.37
C6A NAD M . 10.23 -7.95 2.04
N6A NAD M . 9.40 -7.07 1.38
N1A NAD M . 10.62 -7.79 3.32
C2A NAD M . 11.40 -8.67 3.96
N3A NAD M . 11.89 -9.74 3.31
C4A NAD M . 11.51 -9.97 2.03
O3 NAD M . 15.74 -15.32 -3.61
PN NAD M . 17.36 -15.27 -3.73
O1N NAD M . 18.13 -15.41 -2.44
O2N NAD M . 17.72 -16.03 -5.01
O5D NAD M . 17.58 -13.75 -4.17
C5D NAD M . 18.20 -12.76 -3.32
C4D NAD M . 18.53 -11.57 -4.18
O4D NAD M . 19.23 -12.02 -5.35
C3D NAD M . 17.30 -10.83 -4.66
O3D NAD M . 17.67 -9.45 -4.50
C2D NAD M . 17.19 -11.30 -6.14
O2D NAD M . 16.52 -10.41 -7.03
C1D NAD M . 18.67 -11.38 -6.48
N1N NAD M . 19.04 -12.14 -7.66
C2N NAD M . 19.08 -13.49 -7.60
C3N NAD M . 19.49 -14.18 -8.73
C7N NAD M . 19.51 -15.66 -8.78
O7N NAD M . 19.93 -16.11 -9.80
N7N NAD M . 19.07 -16.41 -7.77
C4N NAD M . 19.87 -13.48 -9.88
C5N NAD M . 19.83 -12.07 -9.89
C6N NAD M . 19.41 -11.43 -8.74
C1' UD2 N . 16.99 -13.80 -14.50
C2' UD2 N . 18.35 -13.10 -14.45
C3' UD2 N . 19.05 -13.45 -13.16
C4' UD2 N . 18.12 -13.29 -11.95
C5' UD2 N . 16.71 -13.86 -12.16
C6' UD2 N . 15.80 -13.43 -11.01
C7' UD2 N . 19.29 -12.91 -16.67
C8' UD2 N . 20.20 -13.45 -17.72
N2' UD2 N . 19.24 -13.59 -15.51
O1' UD2 N . 17.15 -15.20 -14.34
O3' UD2 N . 20.19 -12.58 -13.06
O4' UD2 N . 17.95 -11.90 -11.74
O5' UD2 N . 16.21 -13.35 -13.41
O6' UD2 N . 14.75 -14.36 -10.83
O7' UD2 N . 18.58 -11.93 -16.91
N1 UD2 N . 13.59 -22.25 -18.24
C2 UD2 N . 13.28 -23.44 -18.97
N3 UD2 N . 12.43 -24.35 -18.45
C4 UD2 N . 11.89 -24.10 -17.25
C5 UD2 N . 12.22 -22.97 -16.51
C6 UD2 N . 13.09 -22.02 -17.02
O2 UD2 N . 13.76 -23.67 -20.11
O4 UD2 N . 11.08 -24.94 -16.79
C1B UD2 N . 14.49 -21.31 -18.84
C2B UD2 N . 13.94 -19.89 -18.67
O2' UD2 N . 12.85 -19.60 -19.57
C3B UD2 N . 15.21 -19.10 -18.92
C4B UD2 N . 16.29 -19.96 -18.27
O4B UD2 N . 15.77 -21.31 -18.25
O3B UD2 N . 15.50 -19.05 -20.35
C5B UD2 N . 16.70 -19.54 -16.87
O5B UD2 N . 15.53 -19.15 -16.13
PA UD2 N . 15.54 -18.79 -14.57
O1A UD2 N . 14.14 -18.54 -14.06
O2A UD2 N . 16.32 -19.87 -13.85
O3A UD2 N . 16.43 -17.48 -14.44
PB UD2 N . 16.45 -16.20 -15.42
O1B UD2 N . 17.32 -16.36 -16.63
O2B UD2 N . 15.01 -15.83 -15.62
#